data_7ZN4
#
_entry.id   7ZN4
#
_cell.length_a   1.00
_cell.length_b   1.00
_cell.length_c   1.00
_cell.angle_alpha   90.00
_cell.angle_beta   90.00
_cell.angle_gamma   90.00
#
_symmetry.space_group_name_H-M   'P 1'
#
loop_
_entity.id
_entity.type
_entity.pdbx_description
1 polymer 'Probable baseplate hub protein'
2 polymer 'Probable central straight fiber'
#
loop_
_entity_poly.entity_id
_entity_poly.type
_entity_poly.pdbx_seq_one_letter_code
_entity_poly.pdbx_strand_id
1 'polypeptide(L)'
;MKKILDSAKNYLNTHDKLKTACLIALELPSSSGSAATYIYLTDYFRDVTYNGILYRSGKVKSISSHKQNRQLSIGSLSFT
ITGTAEDEVLKLVQNGVSFLDRGITIHQAIINEEGNILPVDPDTDGPLLFFRGRITGGGIKDNVNTSGIGTSVITWNCSN
QFYDFDRVNGRYTDDASHRGLEVVNGTLQPSNGAKRPEYQEDYGFFHSNKSTTILAKYQVKEERYKLQSKKKLFGLSRSY
SLKKYYETVTKEVDLDFNLAAKFIPVVYGVQKIPGIPIFADTELNNPNIVYVVYAFAEGEIDGFLDFYIGDSPMICFDET
DSDTRTCFGRKKIVGDTMHRLAAGTSTSQPSVHGQEYKYNDGNGDIRIWTFHGKPDQTAAQVLVDIAKKKGFYLQNQNGN
GPEYWDSRYKLLDTAYAIVRFTINENRTEIPEISAEVQGKKVKVYNSDGTIKADKTSLNGIWQLMDYLTSDRYGADITLD
QFPLQKVISEAKILDIIDESYQTSWQPYWRYVGWNDPLSENRQIVQLNTILDTSESVFKNVQGILESFGGAINNLSGEYR
ITVEKYSTNPLRINFLDTYGDLDLSDTTGRNKFNSVQASLVDPALSWKTNSITFYNSKFKEQDKGLDKKLQLSFANITNY
YTARSYADRELKKSRYSRTLSFSVPYKFIGIEPNDPIAFTYERYGWKDKFFLVDEVENTRDGKINLVLQEYGEDVFINSE
QVDNSGNDIPDISNNVLPPRDFKYTPTPGGVVGAIGKNGELSWLPSLTNNVVYYSIAHSGHVNPYIVQQLENNPNERMIQ
EIIGEPAGLAIFELRAVDINGRRSSPVTLSVDLNSAKNLSVVSNFRVVNTASGDVTEFVGPDVKLAWDKIPEEEIIPEIY
YTLEIYDSQDRMLRSVRIEDVYTYDYLLTYNKADFALLNSGALGINRKLRFRIRAEGENGEQSVGWATI
;
d,b,c
2 'polypeptide(L)'
;MISNNAPAKMVLNSVLTGYTLAYIQHSIYSDYDVIGRSFWLKEGSNVTRRDFTGIDTFSVTINNLKPTTTYEVQGAFYDS
IIDSELLNAQIGINLSDKQTFKMKSAPRITGARCESEPVDVGVGAPIVYIDTTGEADYCTIELKDNSNANNPWVKYYVGA
LMPTIMFGGVPIGSYKVRISGQISLPDGVTIDSSGYYEYPNVFEVRYNFVPPAAPINIVFKAARIADGKERYDLRVQWDW
NRGAGANVREFVLSYIDSAEFVRTGWTKAQKINVGAAQSATIISFPWKVEHKFKVSSIAWGPDAQDVTDSAVQTFILNES
TPLDNSFVNETGIEVNYAYIKGKIKDGSTWKQTFLIDAATGAINIGLLDAEGKAPISFDPVKKIVNVDGSVITKTINAAN
FVMTNLTGQDNPAIYTQGKTWGDTKSGIWMGMDNVTAKPKLDIGNATQYIRYDGNILRISSEVVIGTPNGDIDIQTGIQG
KQTVFIYIIGTSLPAKPTSPAYPPSGWSKTPPNRTSNTQNIYCSTGTLDPVTNQLVSGTSWSDVVQWSGTEGVDGRPGAT
GQRGPGMYSLAIANLTAWNDSQANSFFTSNFGSGPVKYDVLTEYKSGAPGTAFTRQWNGSAWTSPAMVLHGDMIVNGTVT
ASKIVANNAFLSQIGVNIIYDRAAALSSNPEGSYKMKIDLQNGYIHIR
;
f,e,g
#
# COMPACT_ATOMS: atom_id res chain seq x y z
N VAL A 736 -66.48 -79.33 37.03
CA VAL A 736 -66.30 -77.88 36.95
C VAL A 736 -67.67 -77.23 37.13
N LEU A 737 -67.69 -76.09 37.83
CA LEU A 737 -68.91 -75.41 38.19
C LEU A 737 -68.82 -73.92 37.86
N PRO A 738 -69.95 -73.27 37.64
CA PRO A 738 -69.93 -71.85 37.27
C PRO A 738 -69.82 -70.96 38.50
N PRO A 739 -69.57 -69.66 38.30
CA PRO A 739 -69.55 -68.74 39.45
C PRO A 739 -70.93 -68.56 40.05
N ARG A 740 -70.99 -68.43 41.37
CA ARG A 740 -72.26 -68.23 42.05
C ARG A 740 -72.77 -66.80 41.90
N ASP A 741 -71.89 -65.80 41.95
CA ASP A 741 -72.29 -64.40 41.82
C ASP A 741 -71.25 -63.66 41.01
N PHE A 742 -71.65 -63.17 39.84
CA PHE A 742 -70.77 -62.37 38.97
C PHE A 742 -71.59 -61.19 38.46
N LYS A 743 -71.40 -60.04 39.09
CA LYS A 743 -72.11 -58.82 38.73
C LYS A 743 -71.10 -57.69 38.55
N TYR A 744 -71.48 -56.71 37.72
CA TYR A 744 -70.65 -55.56 37.42
C TYR A 744 -71.12 -54.36 38.22
N THR A 745 -70.18 -53.68 38.88
CA THR A 745 -70.48 -52.49 39.66
C THR A 745 -69.89 -51.27 38.99
N PRO A 746 -70.68 -50.45 38.30
CA PRO A 746 -70.12 -49.23 37.70
C PRO A 746 -69.52 -48.33 38.76
N THR A 747 -68.40 -47.71 38.40
CA THR A 747 -67.69 -46.83 39.33
C THR A 747 -68.33 -45.44 39.33
N PRO A 748 -68.78 -44.93 40.47
CA PRO A 748 -69.36 -43.59 40.49
C PRO A 748 -68.31 -42.52 40.26
N GLY A 749 -68.76 -41.37 39.76
CA GLY A 749 -67.90 -40.23 39.56
C GLY A 749 -67.72 -39.41 40.83
N GLY A 750 -66.91 -38.36 40.71
CA GLY A 750 -66.65 -37.47 41.81
C GLY A 750 -65.56 -37.93 42.76
N VAL A 751 -64.99 -39.12 42.54
CA VAL A 751 -63.93 -39.66 43.39
C VAL A 751 -62.74 -39.99 42.51
N VAL A 752 -61.55 -39.61 42.98
CA VAL A 752 -60.33 -39.85 42.20
C VAL A 752 -60.23 -41.33 41.83
N GLY A 753 -60.16 -42.19 42.83
CA GLY A 753 -60.04 -43.62 42.56
C GLY A 753 -58.83 -43.91 41.70
N ALA A 754 -59.09 -44.27 40.44
CA ALA A 754 -58.03 -44.49 39.46
C ALA A 754 -58.32 -43.65 38.22
N ILE A 755 -57.26 -43.29 37.51
CA ILE A 755 -57.39 -42.46 36.32
C ILE A 755 -58.05 -43.27 35.21
N GLY A 756 -59.00 -42.66 34.51
CA GLY A 756 -59.68 -43.34 33.42
C GLY A 756 -60.39 -44.60 33.86
N LYS A 757 -61.12 -44.54 34.96
CA LYS A 757 -61.74 -45.72 35.56
C LYS A 757 -63.02 -46.06 34.79
N ASN A 758 -62.89 -46.94 33.80
CA ASN A 758 -64.07 -47.50 33.15
C ASN A 758 -64.92 -48.28 34.14
N GLY A 759 -64.28 -49.09 34.96
CA GLY A 759 -64.99 -49.93 35.90
C GLY A 759 -64.16 -51.17 36.22
N GLU A 760 -64.79 -52.07 36.98
CA GLU A 760 -64.12 -53.29 37.41
C GLU A 760 -65.12 -54.44 37.37
N LEU A 761 -64.57 -55.66 37.26
CA LEU A 761 -65.35 -56.89 37.19
C LEU A 761 -64.96 -57.77 38.36
N SER A 762 -65.94 -58.13 39.19
CA SER A 762 -65.68 -58.97 40.36
C SER A 762 -66.72 -60.07 40.43
N TRP A 763 -66.31 -61.20 41.02
CA TRP A 763 -67.20 -62.32 41.22
C TRP A 763 -66.58 -63.27 42.23
N LEU A 764 -67.42 -64.07 42.87
CA LEU A 764 -66.95 -65.06 43.82
C LEU A 764 -66.34 -66.25 43.08
N PRO A 765 -65.37 -66.93 43.68
CA PRO A 765 -64.76 -68.07 43.00
C PRO A 765 -65.79 -69.12 42.66
N SER A 766 -65.64 -69.73 41.48
CA SER A 766 -66.60 -70.72 41.04
C SER A 766 -66.58 -71.93 41.98
N LEU A 767 -67.75 -72.56 42.12
CA LEU A 767 -67.92 -73.56 43.17
C LEU A 767 -66.89 -74.68 43.06
N THR A 768 -66.48 -75.04 41.85
CA THR A 768 -65.45 -76.05 41.68
C THR A 768 -64.12 -75.53 42.21
N ASN A 769 -63.41 -76.38 42.95
CA ASN A 769 -62.10 -76.04 43.45
C ASN A 769 -61.07 -76.29 42.35
N ASN A 770 -59.79 -76.17 42.69
CA ASN A 770 -58.70 -76.52 41.76
C ASN A 770 -58.78 -75.70 40.49
N VAL A 771 -58.60 -74.38 40.65
CA VAL A 771 -58.63 -73.43 39.54
C VAL A 771 -57.32 -72.69 39.51
N VAL A 772 -56.70 -72.63 38.32
CA VAL A 772 -55.51 -71.81 38.11
C VAL A 772 -55.89 -70.38 37.77
N TYR A 773 -56.95 -70.18 36.99
CA TYR A 773 -57.35 -68.85 36.60
C TYR A 773 -58.74 -68.90 35.97
N TYR A 774 -59.36 -67.72 35.91
CA TYR A 774 -60.55 -67.51 35.10
C TYR A 774 -60.21 -66.47 34.04
N SER A 775 -60.86 -66.58 32.89
CA SER A 775 -60.59 -65.69 31.77
C SER A 775 -61.85 -64.87 31.44
N ILE A 776 -61.64 -63.61 31.10
CA ILE A 776 -62.70 -62.70 30.70
C ILE A 776 -62.27 -61.97 29.44
N ALA A 777 -63.19 -61.83 28.50
CA ALA A 777 -62.92 -61.19 27.22
C ALA A 777 -63.92 -60.07 26.98
N HIS A 778 -63.40 -58.91 26.56
CA HIS A 778 -64.27 -57.85 26.08
C HIS A 778 -64.78 -58.20 24.68
N SER A 779 -65.92 -57.61 24.33
CA SER A 779 -66.58 -57.97 23.07
C SER A 779 -65.68 -57.65 21.87
N GLY A 780 -65.02 -56.50 21.88
CA GLY A 780 -64.22 -56.08 20.75
C GLY A 780 -62.74 -56.37 20.88
N HIS A 781 -62.35 -57.05 21.95
CA HIS A 781 -60.95 -57.34 22.23
C HIS A 781 -60.61 -58.77 21.80
N VAL A 782 -59.45 -58.92 21.15
CA VAL A 782 -59.08 -60.22 20.62
C VAL A 782 -58.77 -61.21 21.75
N ASN A 783 -58.09 -60.77 22.80
CA ASN A 783 -57.60 -61.67 23.83
C ASN A 783 -58.46 -61.56 25.09
N PRO A 784 -58.57 -62.64 25.87
CA PRO A 784 -59.27 -62.56 27.16
C PRO A 784 -58.34 -62.22 28.31
N TYR A 785 -58.79 -61.32 29.17
CA TYR A 785 -58.06 -61.05 30.40
C TYR A 785 -58.20 -62.22 31.36
N ILE A 786 -57.20 -62.36 32.23
CA ILE A 786 -57.09 -63.54 33.08
C ILE A 786 -56.92 -63.09 34.53
N VAL A 787 -57.59 -63.78 35.45
CA VAL A 787 -57.49 -63.50 36.89
C VAL A 787 -56.90 -64.71 37.58
N GLN A 788 -55.97 -64.47 38.50
CA GLN A 788 -55.28 -65.52 39.22
C GLN A 788 -56.01 -65.85 40.51
N GLN A 789 -56.18 -67.15 40.78
CA GLN A 789 -56.74 -67.61 42.05
C GLN A 789 -55.62 -67.68 43.07
N LEU A 790 -55.06 -66.50 43.37
CA LEU A 790 -53.94 -66.41 44.30
C LEU A 790 -54.36 -66.76 45.72
N GLU A 791 -55.61 -66.48 46.09
CA GLU A 791 -56.11 -66.70 47.43
C GLU A 791 -57.21 -67.76 47.38
N ASN A 792 -57.05 -68.81 48.18
CA ASN A 792 -58.07 -69.85 48.30
C ASN A 792 -59.02 -69.55 49.45
N ASN A 793 -59.59 -68.35 49.46
CA ASN A 793 -60.50 -67.93 50.51
C ASN A 793 -61.93 -68.09 50.01
N PRO A 794 -62.73 -68.98 50.59
CA PRO A 794 -64.13 -69.07 50.17
C PRO A 794 -64.84 -67.73 50.36
N ASN A 795 -65.73 -67.42 49.43
CA ASN A 795 -66.53 -66.20 49.47
C ASN A 795 -65.61 -64.97 49.52
N GLU A 796 -64.84 -64.81 48.45
CA GLU A 796 -63.93 -63.67 48.30
C GLU A 796 -63.96 -63.24 46.83
N ARG A 797 -64.71 -62.18 46.55
CA ARG A 797 -64.79 -61.66 45.19
C ARG A 797 -63.40 -61.28 44.70
N MET A 798 -63.08 -61.68 43.47
CA MET A 798 -61.81 -61.37 42.84
C MET A 798 -62.04 -60.38 41.71
N ILE A 799 -61.34 -59.25 41.77
CA ILE A 799 -61.60 -58.11 40.89
C ILE A 799 -60.77 -58.22 39.63
N GLN A 800 -61.42 -58.13 38.48
CA GLN A 800 -60.77 -57.97 37.19
C GLN A 800 -61.09 -56.58 36.66
N GLU A 801 -60.06 -55.84 36.27
CA GLU A 801 -60.19 -54.42 35.95
C GLU A 801 -60.35 -54.24 34.45
N ILE A 802 -61.27 -53.34 34.07
CA ILE A 802 -61.48 -52.95 32.68
C ILE A 802 -61.32 -51.44 32.59
N ILE A 803 -60.49 -50.98 31.64
CA ILE A 803 -60.12 -49.57 31.55
C ILE A 803 -60.01 -49.18 30.08
N GLY A 804 -60.24 -47.90 29.81
CA GLY A 804 -60.03 -47.34 28.49
C GLY A 804 -60.90 -47.92 27.40
N GLU A 805 -62.20 -47.99 27.65
CA GLU A 805 -63.14 -48.63 26.74
C GLU A 805 -64.36 -47.73 26.54
N PRO A 806 -65.05 -47.89 25.41
CA PRO A 806 -66.27 -47.10 25.19
C PRO A 806 -67.36 -47.47 26.20
N ALA A 807 -68.18 -46.47 26.51
CA ALA A 807 -69.29 -46.64 27.45
C ALA A 807 -70.50 -47.15 26.67
N GLY A 808 -70.64 -48.48 26.58
CA GLY A 808 -71.73 -49.07 25.83
C GLY A 808 -71.99 -50.49 26.28
N LEU A 809 -72.97 -51.10 25.62
CA LEU A 809 -73.39 -52.48 25.91
C LEU A 809 -72.38 -53.42 25.26
N ALA A 810 -71.41 -53.87 26.06
CA ALA A 810 -70.34 -54.74 25.58
C ALA A 810 -70.55 -56.15 26.11
N ILE A 811 -70.57 -57.12 25.19
CA ILE A 811 -70.74 -58.52 25.57
C ILE A 811 -69.60 -58.92 26.49
N PHE A 812 -69.94 -59.57 27.61
CA PHE A 812 -68.96 -60.01 28.60
C PHE A 812 -69.09 -61.51 28.77
N GLU A 813 -67.95 -62.21 28.76
CA GLU A 813 -67.92 -63.67 28.73
C GLU A 813 -66.94 -64.16 29.80
N LEU A 814 -67.47 -64.45 30.99
CA LEU A 814 -66.63 -64.90 32.12
C LEU A 814 -66.22 -66.34 31.87
N ARG A 815 -65.17 -66.49 31.07
CA ARG A 815 -64.60 -67.81 30.83
C ARG A 815 -64.03 -68.38 32.12
N ALA A 816 -64.29 -69.67 32.36
CA ALA A 816 -63.84 -70.33 33.58
C ALA A 816 -63.22 -71.67 33.22
N VAL A 817 -62.17 -72.05 33.96
CA VAL A 817 -61.47 -73.31 33.75
C VAL A 817 -60.85 -73.77 35.07
N ASP A 818 -60.45 -75.04 35.09
CA ASP A 818 -59.78 -75.65 36.22
C ASP A 818 -58.34 -75.99 35.83
N ILE A 819 -57.63 -76.67 36.75
CA ILE A 819 -56.26 -77.07 36.46
C ILE A 819 -56.23 -78.02 35.26
N ASN A 820 -57.14 -78.99 35.24
CA ASN A 820 -57.22 -79.90 34.11
C ASN A 820 -57.51 -79.18 32.80
N GLY A 821 -58.09 -77.98 32.89
CA GLY A 821 -58.44 -77.22 31.71
C GLY A 821 -59.91 -77.26 31.34
N ARG A 822 -60.67 -78.20 31.91
CA ARG A 822 -62.10 -78.27 31.62
C ARG A 822 -62.78 -76.98 32.05
N ARG A 823 -63.75 -76.56 31.24
CA ARG A 823 -64.36 -75.25 31.37
C ARG A 823 -65.79 -75.38 31.90
N SER A 824 -66.17 -74.48 32.80
CA SER A 824 -67.55 -74.40 33.25
C SER A 824 -68.33 -73.52 32.28
N SER A 825 -69.59 -73.26 32.60
CA SER A 825 -70.42 -72.43 31.74
C SER A 825 -69.98 -70.98 31.85
N PRO A 826 -69.54 -70.34 30.77
CA PRO A 826 -69.19 -68.92 30.87
C PRO A 826 -70.43 -68.06 31.07
N VAL A 827 -70.23 -66.90 31.66
CA VAL A 827 -71.32 -65.97 31.93
C VAL A 827 -71.37 -64.96 30.80
N THR A 828 -72.41 -65.05 29.97
CA THR A 828 -72.61 -64.14 28.85
C THR A 828 -73.57 -63.04 29.28
N LEU A 829 -73.09 -61.79 29.25
CA LEU A 829 -73.91 -60.66 29.63
C LEU A 829 -73.45 -59.42 28.86
N SER A 830 -74.33 -58.44 28.78
CA SER A 830 -74.01 -57.15 28.15
C SER A 830 -74.45 -56.05 29.10
N VAL A 831 -73.49 -55.29 29.61
CA VAL A 831 -73.74 -54.25 30.60
C VAL A 831 -73.18 -52.94 30.06
N ASP A 832 -74.00 -51.89 30.13
CA ASP A 832 -73.59 -50.57 29.62
C ASP A 832 -72.46 -50.04 30.50
N LEU A 833 -71.25 -50.08 29.96
CA LEU A 833 -70.09 -49.58 30.70
C LEU A 833 -70.27 -48.10 31.02
N ASN A 834 -70.00 -47.73 32.27
CA ASN A 834 -70.11 -46.34 32.70
C ASN A 834 -68.87 -45.57 32.29
N SER A 835 -69.08 -44.42 31.64
CA SER A 835 -67.96 -43.64 31.14
C SER A 835 -67.01 -43.27 32.27
N ALA A 836 -65.71 -43.31 31.98
CA ALA A 836 -64.71 -43.04 32.99
C ALA A 836 -64.91 -41.64 33.57
N LYS A 837 -64.81 -41.54 34.89
CA LYS A 837 -64.94 -40.28 35.60
C LYS A 837 -63.61 -39.96 36.29
N ASN A 838 -63.41 -38.67 36.55
CA ASN A 838 -62.18 -38.20 37.19
C ASN A 838 -60.96 -38.58 36.35
N LEU A 839 -60.91 -38.02 35.15
CA LEU A 839 -59.89 -38.38 34.17
C LEU A 839 -58.56 -37.73 34.54
N SER A 840 -57.56 -37.96 33.68
CA SER A 840 -56.22 -37.44 33.92
C SER A 840 -56.19 -35.92 33.76
N VAL A 841 -55.20 -35.31 34.40
CA VAL A 841 -54.94 -33.90 34.16
C VAL A 841 -54.48 -33.69 32.72
N VAL A 842 -54.74 -32.50 32.21
CA VAL A 842 -54.29 -32.16 30.86
C VAL A 842 -52.79 -32.42 30.77
N SER A 843 -52.38 -33.15 29.73
CA SER A 843 -51.00 -33.62 29.67
C SER A 843 -50.02 -32.46 29.66
N ASN A 844 -50.30 -31.44 28.84
CA ASN A 844 -49.43 -30.28 28.72
C ASN A 844 -50.26 -29.01 28.86
N PHE A 845 -49.69 -28.03 29.55
CA PHE A 845 -50.36 -26.74 29.72
C PHE A 845 -49.27 -25.68 29.86
N ARG A 846 -49.08 -24.88 28.82
CA ARG A 846 -48.04 -23.86 28.83
C ARG A 846 -48.43 -22.77 27.84
N VAL A 847 -47.67 -21.67 27.88
CA VAL A 847 -47.83 -20.57 26.95
C VAL A 847 -46.61 -20.55 26.04
N VAL A 848 -46.85 -20.61 24.73
CA VAL A 848 -45.76 -20.70 23.76
C VAL A 848 -45.13 -19.36 23.46
N ASN A 849 -45.70 -18.26 23.96
CA ASN A 849 -45.13 -16.93 23.78
C ASN A 849 -44.18 -16.56 24.92
N THR A 850 -43.93 -17.47 25.85
CA THR A 850 -43.11 -17.15 27.01
C THR A 850 -41.73 -16.69 26.58
N ALA A 851 -41.22 -15.68 27.30
CA ALA A 851 -39.89 -15.17 27.03
C ALA A 851 -38.86 -16.30 27.09
N SER A 852 -37.77 -16.13 26.34
CA SER A 852 -36.75 -17.16 26.30
C SER A 852 -36.11 -17.37 27.67
N GLY A 853 -35.66 -16.29 28.29
CA GLY A 853 -34.96 -16.42 29.56
C GLY A 853 -35.85 -16.90 30.69
N ASP A 854 -37.05 -16.34 30.81
CA ASP A 854 -37.94 -16.61 31.92
C ASP A 854 -39.22 -17.25 31.41
N VAL A 855 -39.60 -18.38 32.02
CA VAL A 855 -40.88 -18.99 31.70
C VAL A 855 -42.03 -18.14 32.20
N THR A 856 -41.86 -17.54 33.38
CA THR A 856 -42.92 -16.71 33.97
C THR A 856 -43.19 -15.46 33.15
N GLU A 857 -42.31 -15.11 32.21
CA GLU A 857 -42.44 -13.89 31.43
C GLU A 857 -42.96 -14.21 30.04
N PHE A 858 -43.96 -13.45 29.59
CA PHE A 858 -44.46 -13.52 28.24
C PHE A 858 -44.28 -12.16 27.59
N VAL A 859 -43.85 -12.18 26.32
CA VAL A 859 -43.39 -10.97 25.64
C VAL A 859 -44.51 -10.35 24.81
N GLY A 860 -45.38 -11.18 24.26
CA GLY A 860 -46.41 -10.70 23.36
C GLY A 860 -47.52 -9.98 24.09
N PRO A 861 -48.44 -9.41 23.30
CA PRO A 861 -49.61 -8.75 23.90
C PRO A 861 -50.73 -9.71 24.24
N ASP A 862 -50.81 -10.84 23.56
CA ASP A 862 -51.81 -11.87 23.81
C ASP A 862 -51.11 -13.14 24.28
N VAL A 863 -51.73 -13.84 25.23
CA VAL A 863 -51.15 -15.05 25.78
C VAL A 863 -51.43 -16.19 24.81
N LYS A 864 -50.37 -16.68 24.15
CA LYS A 864 -50.48 -17.81 23.24
C LYS A 864 -50.59 -19.08 24.07
N LEU A 865 -51.78 -19.28 24.65
CA LEU A 865 -52.00 -20.38 25.57
C LEU A 865 -52.39 -21.64 24.80
N ALA A 866 -51.66 -22.71 25.04
CA ALA A 866 -51.93 -23.99 24.39
C ALA A 866 -51.73 -25.12 25.39
N TRP A 867 -52.40 -26.23 25.13
CA TRP A 867 -52.35 -27.40 26.02
C TRP A 867 -52.31 -28.65 25.16
N ASP A 868 -52.53 -29.80 25.79
CA ASP A 868 -52.46 -31.08 25.12
C ASP A 868 -53.82 -31.79 25.16
N LYS A 869 -54.04 -32.62 24.15
CA LYS A 869 -55.26 -33.40 24.08
C LYS A 869 -55.27 -34.48 25.15
N ILE A 870 -56.43 -34.70 25.76
CA ILE A 870 -56.53 -35.75 26.78
C ILE A 870 -56.49 -37.12 26.10
N PRO A 871 -55.60 -38.03 26.52
CA PRO A 871 -55.36 -39.23 25.72
C PRO A 871 -56.56 -40.15 25.57
N GLU A 872 -57.56 -40.06 26.44
CA GLU A 872 -58.71 -40.95 26.40
C GLU A 872 -59.92 -40.32 25.72
N GLU A 873 -59.74 -39.20 25.03
CA GLU A 873 -60.88 -38.54 24.38
C GLU A 873 -61.51 -39.42 23.33
N GLU A 874 -60.72 -40.24 22.63
CA GLU A 874 -61.25 -41.00 21.51
C GLU A 874 -62.42 -41.89 21.94
N ILE A 875 -62.27 -42.60 23.07
CA ILE A 875 -63.39 -43.37 23.58
C ILE A 875 -64.47 -42.44 24.12
N ILE A 876 -64.08 -41.34 24.74
CA ILE A 876 -65.04 -40.42 25.35
C ILE A 876 -65.85 -39.74 24.24
N PRO A 877 -67.13 -39.44 24.45
CA PRO A 877 -67.88 -38.67 23.45
C PRO A 877 -67.45 -37.22 23.42
N GLU A 878 -68.18 -36.39 22.68
CA GLU A 878 -67.86 -34.96 22.58
C GLU A 878 -67.40 -34.41 23.92
N ILE A 879 -66.32 -33.64 23.90
CA ILE A 879 -65.68 -33.13 25.10
C ILE A 879 -65.49 -31.63 24.95
N TYR A 880 -65.48 -30.93 26.09
CA TYR A 880 -65.23 -29.50 26.10
C TYR A 880 -64.30 -29.17 27.26
N TYR A 881 -63.29 -28.35 26.98
CA TYR A 881 -62.32 -27.93 27.98
C TYR A 881 -62.77 -26.59 28.57
N THR A 882 -63.00 -26.57 29.88
CA THR A 882 -63.40 -25.34 30.56
C THR A 882 -62.15 -24.61 31.02
N LEU A 883 -61.97 -23.38 30.55
CA LEU A 883 -60.81 -22.56 30.87
C LEU A 883 -61.25 -21.46 31.82
N GLU A 884 -60.56 -21.36 32.96
CA GLU A 884 -60.85 -20.34 33.97
C GLU A 884 -59.65 -19.42 34.10
N ILE A 885 -59.92 -18.11 34.06
CA ILE A 885 -58.90 -17.08 34.13
C ILE A 885 -58.97 -16.43 35.50
N TYR A 886 -57.84 -16.34 36.19
CA TYR A 886 -57.78 -15.79 37.53
C TYR A 886 -57.01 -14.47 37.52
N ASP A 887 -57.62 -13.43 38.06
CA ASP A 887 -56.99 -12.13 38.22
C ASP A 887 -56.00 -12.17 39.37
N SER A 888 -55.26 -11.09 39.53
CA SER A 888 -54.44 -10.92 40.72
C SER A 888 -55.31 -10.97 41.97
N GLN A 889 -54.64 -11.05 43.12
CA GLN A 889 -55.30 -11.20 44.43
C GLN A 889 -56.45 -12.19 44.34
N ASP A 890 -56.20 -13.30 43.64
CA ASP A 890 -57.02 -14.51 43.63
C ASP A 890 -58.37 -14.35 42.94
N ARG A 891 -58.74 -13.17 42.46
CA ARG A 891 -60.02 -13.01 41.81
C ARG A 891 -60.04 -13.77 40.48
N MET A 892 -61.23 -14.25 40.12
CA MET A 892 -61.43 -15.01 38.90
C MET A 892 -62.10 -14.14 37.85
N LEU A 893 -61.52 -14.09 36.66
CA LEU A 893 -62.04 -13.21 35.62
C LEU A 893 -63.22 -13.86 34.89
N ARG A 894 -62.98 -14.99 34.22
CA ARG A 894 -64.05 -15.69 33.52
C ARG A 894 -63.71 -17.16 33.40
N SER A 895 -64.75 -17.96 33.14
CA SER A 895 -64.62 -19.38 32.85
C SER A 895 -65.13 -19.59 31.42
N VAL A 896 -64.23 -19.94 30.51
CA VAL A 896 -64.55 -20.06 29.09
C VAL A 896 -64.55 -21.53 28.70
N ARG A 897 -65.65 -21.98 28.10
CA ARG A 897 -65.78 -23.35 27.63
C ARG A 897 -65.23 -23.45 26.22
N ILE A 898 -64.21 -24.28 26.04
CA ILE A 898 -63.52 -24.42 24.76
C ILE A 898 -63.62 -25.88 24.32
N GLU A 899 -64.07 -26.09 23.09
CA GLU A 899 -64.16 -27.43 22.51
C GLU A 899 -63.64 -27.39 21.08
N ASP A 900 -62.94 -28.45 20.69
CA ASP A 900 -62.39 -28.65 19.35
C ASP A 900 -61.19 -27.76 19.06
N VAL A 901 -60.82 -26.86 19.96
CA VAL A 901 -59.64 -26.01 19.79
C VAL A 901 -58.72 -26.26 20.97
N TYR A 902 -57.47 -26.61 20.68
CA TYR A 902 -56.50 -26.96 21.71
C TYR A 902 -55.51 -25.85 22.00
N THR A 903 -55.60 -24.73 21.29
CA THR A 903 -54.73 -23.57 21.51
C THR A 903 -55.63 -22.34 21.67
N TYR A 904 -55.69 -21.81 22.89
CA TYR A 904 -56.54 -20.67 23.19
C TYR A 904 -55.71 -19.39 23.15
N ASP A 905 -56.33 -18.32 22.66
CA ASP A 905 -55.69 -17.01 22.58
C ASP A 905 -56.46 -16.05 23.48
N TYR A 906 -55.74 -15.35 24.35
CA TYR A 906 -56.31 -14.32 25.21
C TYR A 906 -55.92 -12.97 24.62
N LEU A 907 -56.78 -12.46 23.74
CA LEU A 907 -56.45 -11.23 23.02
C LEU A 907 -56.28 -10.07 24.00
N LEU A 908 -55.35 -9.17 23.66
CA LEU A 908 -55.07 -8.03 24.53
C LEU A 908 -56.33 -7.22 24.80
N THR A 909 -57.28 -7.21 23.86
CA THR A 909 -58.52 -6.49 24.09
C THR A 909 -59.25 -7.01 25.32
N TYR A 910 -59.20 -8.32 25.54
CA TYR A 910 -59.85 -8.90 26.72
C TYR A 910 -59.24 -8.35 27.99
N ASN A 911 -57.91 -8.39 28.09
CA ASN A 911 -57.25 -7.84 29.27
C ASN A 911 -57.56 -6.36 29.44
N LYS A 912 -57.57 -5.62 28.33
CA LYS A 912 -57.73 -4.16 28.42
C LYS A 912 -59.12 -3.79 28.88
N ALA A 913 -60.17 -4.38 28.30
CA ALA A 913 -61.54 -3.93 28.52
C ALA A 913 -62.43 -4.95 29.20
N ASP A 914 -62.30 -6.24 28.88
CA ASP A 914 -63.23 -7.23 29.40
C ASP A 914 -63.30 -7.20 30.91
N PHE A 915 -62.20 -6.86 31.58
CA PHE A 915 -62.14 -6.97 33.03
C PHE A 915 -61.54 -5.77 33.73
N ALA A 916 -60.89 -4.85 33.02
CA ALA A 916 -60.41 -3.63 33.65
C ALA A 916 -61.57 -2.80 34.19
N LEU A 917 -62.66 -2.71 33.43
CA LEU A 917 -63.82 -1.94 33.84
C LEU A 917 -64.90 -2.79 34.49
N LEU A 918 -64.85 -4.11 34.35
CA LEU A 918 -65.86 -4.96 34.97
C LEU A 918 -65.53 -5.23 36.44
N ASN A 919 -64.38 -5.87 36.68
CA ASN A 919 -63.99 -6.18 38.06
C ASN A 919 -63.39 -4.96 38.74
N SER A 920 -62.29 -4.44 38.20
CA SER A 920 -61.63 -3.30 38.81
C SER A 920 -62.48 -2.04 38.69
N GLY A 921 -63.23 -1.90 37.59
CA GLY A 921 -64.07 -0.75 37.39
C GLY A 921 -63.39 0.47 36.82
N ALA A 922 -62.12 0.35 36.41
CA ALA A 922 -61.38 1.48 35.89
C ALA A 922 -60.56 1.04 34.68
N LEU A 923 -60.20 2.02 33.86
CA LEU A 923 -59.40 1.75 32.67
C LEU A 923 -58.01 1.28 33.06
N GLY A 924 -57.63 0.08 32.62
CA GLY A 924 -56.35 -0.46 33.01
C GLY A 924 -56.15 -1.83 32.39
N ILE A 925 -55.09 -2.51 32.84
CA ILE A 925 -54.73 -3.82 32.36
C ILE A 925 -54.28 -4.68 33.55
N ASN A 926 -54.13 -5.97 33.30
CA ASN A 926 -53.65 -6.92 34.28
C ASN A 926 -52.42 -7.63 33.73
N ARG A 927 -51.34 -7.63 34.50
CA ARG A 927 -50.09 -8.25 34.11
C ARG A 927 -49.88 -9.62 34.74
N LYS A 928 -50.03 -9.72 36.06
CA LYS A 928 -49.88 -10.98 36.76
C LYS A 928 -51.17 -11.78 36.62
N LEU A 929 -51.14 -12.83 35.81
CA LEU A 929 -52.31 -13.64 35.54
C LEU A 929 -52.01 -15.10 35.84
N ARG A 930 -53.05 -15.83 36.22
CA ARG A 930 -52.98 -17.27 36.44
C ARG A 930 -53.97 -17.97 35.53
N PHE A 931 -53.51 -19.02 34.86
CA PHE A 931 -54.32 -19.77 33.92
C PHE A 931 -54.36 -21.23 34.34
N ARG A 932 -55.50 -21.88 34.09
CA ARG A 932 -55.70 -23.26 34.48
C ARG A 932 -57.01 -23.75 33.86
N ILE A 933 -57.02 -25.00 33.43
CA ILE A 933 -58.09 -25.56 32.62
C ILE A 933 -58.52 -26.91 33.19
N ARG A 934 -59.47 -27.53 32.52
CA ARG A 934 -59.96 -28.86 32.87
C ARG A 934 -60.56 -29.48 31.62
N ALA A 935 -60.76 -30.78 31.65
CA ALA A 935 -61.37 -31.52 30.55
C ALA A 935 -62.57 -32.29 31.10
N GLU A 936 -63.78 -31.87 30.72
CA GLU A 936 -64.99 -32.50 31.21
C GLU A 936 -66.01 -32.60 30.09
N GLY A 937 -66.91 -33.57 30.23
CA GLY A 937 -67.97 -33.77 29.27
C GLY A 937 -69.35 -33.71 29.90
N GLU A 938 -70.37 -34.11 29.15
CA GLU A 938 -71.72 -34.11 29.67
C GLU A 938 -71.96 -35.32 30.57
N ASN A 939 -72.97 -35.19 31.44
CA ASN A 939 -73.34 -36.26 32.36
C ASN A 939 -72.14 -36.73 33.19
N GLY A 940 -71.35 -35.77 33.64
CA GLY A 940 -70.21 -36.08 34.48
C GLY A 940 -69.20 -34.95 34.47
N GLU A 941 -68.21 -35.08 35.33
CA GLU A 941 -67.15 -34.09 35.47
C GLU A 941 -65.86 -34.79 35.88
N GLN A 942 -64.74 -34.15 35.56
CA GLN A 942 -63.40 -34.68 35.83
C GLN A 942 -62.67 -33.62 36.64
N SER A 943 -62.80 -33.69 37.97
CA SER A 943 -62.21 -32.68 38.85
C SER A 943 -60.72 -32.86 39.06
N VAL A 944 -60.14 -33.97 38.59
CA VAL A 944 -58.69 -34.14 38.70
C VAL A 944 -57.98 -33.15 37.79
N GLY A 945 -58.46 -33.01 36.55
CA GLY A 945 -57.88 -32.04 35.63
C GLY A 945 -58.20 -30.60 35.98
N TRP A 946 -59.19 -30.38 36.85
CA TRP A 946 -59.45 -29.02 37.32
C TRP A 946 -58.20 -28.41 37.93
N ALA A 947 -57.35 -29.24 38.53
CA ALA A 947 -56.11 -28.77 39.14
C ALA A 947 -55.05 -28.62 38.04
N THR A 948 -54.68 -27.38 37.75
CA THR A 948 -53.66 -27.10 36.75
C THR A 948 -53.01 -25.76 37.10
N ILE A 949 -51.69 -25.69 36.90
CA ILE A 949 -50.93 -24.49 37.24
C ILE A 949 -51.31 -24.00 38.64
N GLY B 726 -29.01 -62.19 -14.60
CA GLY B 726 -28.98 -62.30 -16.04
C GLY B 726 -27.62 -62.11 -16.66
N ASN B 727 -26.58 -61.93 -15.84
CA ASN B 727 -25.22 -61.78 -16.34
C ASN B 727 -24.26 -62.27 -15.27
N ASP B 728 -23.04 -62.62 -15.70
CA ASP B 728 -22.01 -63.00 -14.76
C ASP B 728 -21.62 -61.82 -13.89
N ILE B 729 -21.43 -62.08 -12.60
CA ILE B 729 -21.01 -61.02 -11.68
C ILE B 729 -19.52 -60.78 -11.85
N PRO B 730 -19.09 -59.54 -12.11
CA PRO B 730 -17.67 -59.30 -12.37
C PRO B 730 -16.81 -59.56 -11.14
N ASP B 731 -15.55 -59.92 -11.39
CA ASP B 731 -14.62 -60.21 -10.32
C ASP B 731 -13.21 -59.86 -10.78
N ILE B 732 -12.33 -59.62 -9.81
CA ILE B 732 -10.94 -59.30 -10.06
C ILE B 732 -10.10 -60.41 -9.43
N SER B 733 -9.24 -61.03 -10.22
CA SER B 733 -8.40 -62.13 -9.75
C SER B 733 -6.98 -61.93 -10.23
N ASN B 734 -6.02 -62.32 -9.40
CA ASN B 734 -4.60 -62.22 -9.72
C ASN B 734 -4.03 -63.62 -9.89
N ASN B 735 -3.23 -63.79 -10.95
CA ASN B 735 -2.69 -65.09 -11.32
C ASN B 735 -1.40 -65.34 -10.54
N VAL B 736 -0.71 -66.42 -10.90
CA VAL B 736 0.59 -66.77 -10.31
C VAL B 736 1.69 -66.24 -11.21
N LEU B 737 2.60 -65.47 -10.64
CA LEU B 737 3.69 -64.91 -11.41
C LEU B 737 4.63 -66.04 -11.82
N PRO B 738 4.90 -66.23 -13.12
CA PRO B 738 5.75 -67.34 -13.52
C PRO B 738 7.17 -67.14 -13.02
N PRO B 739 7.91 -68.22 -12.76
CA PRO B 739 9.29 -68.06 -12.32
C PRO B 739 10.13 -67.41 -13.41
N ARG B 740 11.13 -66.65 -12.98
CA ARG B 740 11.96 -65.86 -13.88
C ARG B 740 13.32 -66.51 -14.08
N ASP B 741 14.00 -66.08 -15.14
CA ASP B 741 15.32 -66.58 -15.48
C ASP B 741 15.32 -68.09 -15.69
N PHE B 742 14.39 -68.56 -16.53
CA PHE B 742 14.41 -69.95 -16.95
C PHE B 742 15.57 -70.16 -17.91
N LYS B 743 16.68 -70.69 -17.38
CA LYS B 743 17.92 -70.85 -18.15
C LYS B 743 18.35 -72.30 -18.08
N TYR B 744 18.55 -72.90 -19.25
CA TYR B 744 19.04 -74.28 -19.33
C TYR B 744 20.57 -74.24 -19.27
N THR B 745 21.12 -74.72 -18.16
CA THR B 745 22.57 -74.70 -17.97
C THR B 745 23.13 -76.05 -18.38
N PRO B 746 23.84 -76.15 -19.50
CA PRO B 746 24.27 -77.46 -20.00
C PRO B 746 25.66 -77.86 -19.51
N THR B 747 25.84 -79.18 -19.37
CA THR B 747 27.12 -79.74 -18.94
C THR B 747 27.79 -80.40 -20.12
N PRO B 748 28.97 -79.93 -20.57
CA PRO B 748 29.59 -80.53 -21.76
C PRO B 748 30.47 -81.73 -21.44
N GLY B 749 30.36 -82.25 -20.22
CA GLY B 749 31.22 -83.35 -19.81
C GLY B 749 31.10 -84.53 -20.76
N GLY B 750 32.23 -85.13 -21.08
CA GLY B 750 32.25 -86.31 -21.92
C GLY B 750 31.74 -87.53 -21.20
N VAL B 751 30.54 -87.98 -21.57
CA VAL B 751 29.88 -89.08 -20.90
C VAL B 751 29.78 -90.26 -21.86
N VAL B 752 29.63 -91.46 -21.29
CA VAL B 752 29.55 -92.67 -22.10
C VAL B 752 28.40 -92.56 -23.08
N GLY B 753 28.53 -93.25 -24.23
CA GLY B 753 27.52 -93.16 -25.26
C GLY B 753 26.19 -93.76 -24.84
N ALA B 754 26.23 -94.88 -24.12
CA ALA B 754 24.99 -95.58 -23.76
C ALA B 754 24.06 -94.67 -22.97
N ILE B 755 24.59 -93.99 -21.96
CA ILE B 755 23.82 -93.08 -21.13
C ILE B 755 24.58 -91.76 -21.04
N GLY B 756 23.96 -90.70 -21.55
CA GLY B 756 24.59 -89.38 -21.52
C GLY B 756 23.87 -88.43 -20.59
N LYS B 757 24.59 -87.93 -19.58
CA LYS B 757 23.98 -87.01 -18.62
C LYS B 757 23.75 -85.66 -19.28
N ASN B 758 22.50 -85.43 -19.69
CA ASN B 758 22.15 -84.11 -20.19
C ASN B 758 22.29 -83.08 -19.08
N GLY B 759 22.70 -81.87 -19.46
CA GLY B 759 22.86 -80.82 -18.49
C GLY B 759 21.57 -80.46 -17.80
N GLU B 760 21.69 -79.79 -16.66
CA GLU B 760 20.52 -79.44 -15.88
C GLU B 760 19.95 -78.10 -16.34
N LEU B 761 18.84 -77.71 -15.72
CA LEU B 761 18.19 -76.45 -16.03
C LEU B 761 17.83 -75.75 -14.72
N SER B 762 17.76 -74.42 -14.78
CA SER B 762 17.53 -73.59 -13.61
C SER B 762 16.44 -72.56 -13.91
N TRP B 763 15.77 -72.12 -12.85
CA TRP B 763 14.74 -71.10 -12.95
C TRP B 763 14.52 -70.53 -11.57
N LEU B 764 14.66 -69.21 -11.44
CA LEU B 764 14.56 -68.59 -10.13
C LEU B 764 13.15 -68.73 -9.58
N PRO B 765 13.00 -68.80 -8.26
CA PRO B 765 11.68 -69.05 -7.68
C PRO B 765 10.69 -67.94 -8.03
N SER B 766 9.44 -68.33 -8.18
CA SER B 766 8.39 -67.36 -8.51
C SER B 766 8.30 -66.30 -7.42
N LEU B 767 8.10 -65.05 -7.84
CA LEU B 767 8.06 -63.95 -6.89
C LEU B 767 6.89 -64.12 -5.92
N THR B 768 5.72 -64.47 -6.43
CA THR B 768 4.55 -64.62 -5.58
C THR B 768 4.77 -65.76 -4.59
N ASN B 769 4.41 -65.51 -3.33
CA ASN B 769 4.51 -66.54 -2.30
C ASN B 769 3.43 -67.59 -2.53
N ASN B 770 3.38 -68.57 -1.61
CA ASN B 770 2.37 -69.63 -1.66
C ASN B 770 2.48 -70.43 -2.96
N VAL B 771 3.72 -70.67 -3.40
CA VAL B 771 3.99 -71.58 -4.50
C VAL B 771 4.57 -72.85 -3.91
N VAL B 772 4.02 -74.00 -4.31
CA VAL B 772 4.32 -75.25 -3.62
C VAL B 772 5.35 -76.07 -4.39
N TYR B 773 5.18 -76.21 -5.71
CA TYR B 773 6.14 -76.95 -6.51
C TYR B 773 6.18 -76.33 -7.91
N TYR B 774 6.77 -77.06 -8.84
CA TYR B 774 7.03 -76.54 -10.18
C TYR B 774 6.99 -77.68 -11.18
N SER B 775 6.00 -77.67 -12.05
CA SER B 775 5.77 -78.75 -13.00
C SER B 775 6.31 -78.34 -14.37
N ILE B 776 7.34 -79.05 -14.83
CA ILE B 776 7.95 -78.82 -16.13
C ILE B 776 7.55 -79.94 -17.07
N ALA B 777 6.98 -79.57 -18.22
CA ALA B 777 6.72 -80.55 -19.26
C ALA B 777 8.03 -80.97 -19.93
N HIS B 778 8.02 -82.16 -20.50
CA HIS B 778 9.19 -82.71 -21.17
C HIS B 778 8.78 -83.31 -22.50
N SER B 779 9.70 -83.25 -23.47
CA SER B 779 9.39 -83.76 -24.81
C SER B 779 9.23 -85.27 -24.79
N GLY B 780 10.16 -85.99 -24.17
CA GLY B 780 10.14 -87.43 -24.18
C GLY B 780 9.32 -88.10 -23.09
N HIS B 781 8.95 -87.37 -22.05
CA HIS B 781 8.15 -87.92 -20.96
C HIS B 781 6.77 -87.29 -20.96
N VAL B 782 5.75 -88.14 -20.89
CA VAL B 782 4.38 -87.66 -20.74
C VAL B 782 4.23 -86.99 -19.38
N ASN B 783 4.68 -87.65 -18.33
CA ASN B 783 4.58 -87.08 -17.00
C ASN B 783 5.56 -85.93 -16.85
N PRO B 784 5.20 -84.86 -16.13
CA PRO B 784 6.13 -83.74 -15.95
C PRO B 784 7.00 -83.90 -14.71
N TYR B 785 8.27 -83.52 -14.86
CA TYR B 785 9.16 -83.45 -13.71
C TYR B 785 8.63 -82.38 -12.75
N ILE B 786 8.69 -82.68 -11.45
CA ILE B 786 8.20 -81.75 -10.43
C ILE B 786 9.32 -81.49 -9.42
N VAL B 787 9.53 -80.22 -9.10
CA VAL B 787 10.42 -79.80 -8.03
C VAL B 787 9.60 -79.02 -7.02
N GLN B 788 9.72 -79.38 -5.75
CA GLN B 788 8.89 -78.80 -4.69
C GLN B 788 9.71 -77.78 -3.92
N GLN B 789 9.18 -76.57 -3.79
CA GLN B 789 9.82 -75.50 -3.03
C GLN B 789 9.19 -75.44 -1.65
N LEU B 790 9.75 -76.20 -0.70
CA LEU B 790 9.26 -76.15 0.67
C LEU B 790 9.72 -74.91 1.41
N GLU B 791 10.96 -74.48 1.19
CA GLU B 791 11.50 -73.32 1.84
C GLU B 791 11.06 -72.04 1.10
N ASN B 792 11.60 -70.90 1.53
CA ASN B 792 11.31 -69.60 0.93
C ASN B 792 12.64 -68.87 0.77
N ASN B 793 13.22 -68.95 -0.42
CA ASN B 793 14.54 -68.41 -0.70
C ASN B 793 14.51 -67.58 -1.98
N PRO B 794 13.87 -66.42 -1.94
CA PRO B 794 13.85 -65.56 -3.14
C PRO B 794 15.26 -65.16 -3.54
N ASN B 795 15.44 -64.98 -4.85
CA ASN B 795 16.72 -64.61 -5.44
C ASN B 795 17.70 -65.78 -5.43
N GLU B 796 17.30 -66.90 -4.83
CA GLU B 796 18.13 -68.09 -4.72
C GLU B 796 17.67 -69.11 -5.76
N ARG B 797 18.57 -69.48 -6.66
CA ARG B 797 18.20 -70.33 -7.78
C ARG B 797 17.89 -71.75 -7.32
N MET B 798 17.22 -72.49 -8.19
CA MET B 798 16.92 -73.90 -7.99
C MET B 798 17.22 -74.65 -9.28
N ILE B 799 17.52 -75.94 -9.14
CA ILE B 799 18.08 -76.73 -10.22
C ILE B 799 17.28 -78.01 -10.39
N GLN B 800 16.99 -78.37 -11.63
CA GLN B 800 16.45 -79.66 -12.00
C GLN B 800 17.28 -80.22 -13.15
N GLU B 801 17.69 -81.47 -13.04
CA GLU B 801 18.59 -82.09 -13.99
C GLU B 801 17.90 -83.24 -14.70
N ILE B 802 18.31 -83.46 -15.95
CA ILE B 802 17.79 -84.54 -16.79
C ILE B 802 18.96 -85.35 -17.32
N ILE B 803 18.81 -86.67 -17.32
CA ILE B 803 19.89 -87.58 -17.70
C ILE B 803 19.34 -88.65 -18.63
N GLY B 804 20.15 -89.03 -19.62
CA GLY B 804 19.84 -90.13 -20.50
C GLY B 804 18.91 -89.80 -21.65
N GLU B 805 18.48 -88.56 -21.78
CA GLU B 805 17.52 -88.22 -22.82
C GLU B 805 18.17 -88.35 -24.20
N PRO B 806 17.42 -88.75 -25.22
CA PRO B 806 18.01 -88.87 -26.56
C PRO B 806 18.44 -87.52 -27.10
N ALA B 807 19.52 -87.55 -27.88
CA ALA B 807 20.01 -86.33 -28.51
C ALA B 807 19.06 -85.89 -29.61
N GLY B 808 18.78 -84.60 -29.65
CA GLY B 808 17.86 -84.05 -30.63
C GLY B 808 17.17 -82.82 -30.08
N LEU B 809 16.10 -82.41 -30.76
CA LEU B 809 15.36 -81.23 -30.37
C LEU B 809 14.60 -81.48 -29.07
N ALA B 810 14.58 -80.47 -28.21
CA ALA B 810 13.88 -80.55 -26.93
C ALA B 810 13.12 -79.25 -26.69
N ILE B 811 11.92 -79.37 -26.14
CA ILE B 811 11.08 -78.23 -25.79
C ILE B 811 10.62 -78.41 -24.36
N PHE B 812 10.76 -77.36 -23.56
CA PHE B 812 10.42 -77.39 -22.14
C PHE B 812 9.40 -76.31 -21.83
N GLU B 813 8.42 -76.67 -21.00
CA GLU B 813 7.37 -75.74 -20.56
C GLU B 813 7.24 -75.88 -19.05
N LEU B 814 7.55 -74.82 -18.32
CA LEU B 814 7.53 -74.81 -16.87
C LEU B 814 6.43 -73.87 -16.37
N ARG B 815 5.68 -74.34 -15.38
CA ARG B 815 4.58 -73.58 -14.81
C ARG B 815 4.64 -73.70 -13.30
N ALA B 816 4.35 -72.59 -12.61
CA ALA B 816 4.29 -72.59 -11.16
C ALA B 816 2.88 -72.92 -10.71
N VAL B 817 2.77 -73.39 -9.47
CA VAL B 817 1.51 -73.91 -8.94
C VAL B 817 1.29 -73.35 -7.54
N ASP B 818 0.05 -72.95 -7.27
CA ASP B 818 -0.29 -72.33 -6.00
C ASP B 818 -0.66 -73.39 -4.97
N ILE B 819 -0.60 -72.99 -3.70
CA ILE B 819 -1.00 -73.88 -2.62
C ILE B 819 -2.48 -74.21 -2.73
N ASN B 820 -3.30 -73.26 -3.17
CA ASN B 820 -4.72 -73.51 -3.35
C ASN B 820 -5.02 -74.36 -4.58
N GLY B 821 -4.17 -74.29 -5.61
CA GLY B 821 -4.35 -75.11 -6.79
C GLY B 821 -4.17 -74.36 -8.09
N ARG B 822 -3.99 -73.04 -8.03
CA ARG B 822 -3.79 -72.26 -9.24
C ARG B 822 -2.47 -72.64 -9.90
N ARG B 823 -2.46 -72.58 -11.23
CA ARG B 823 -1.27 -72.83 -12.02
C ARG B 823 -0.88 -71.55 -12.74
N SER B 824 0.42 -71.32 -12.89
CA SER B 824 0.91 -70.09 -13.47
C SER B 824 0.94 -70.19 -15.00
N SER B 825 1.32 -69.08 -15.64
CA SER B 825 1.48 -69.08 -17.07
C SER B 825 2.70 -69.89 -17.46
N PRO B 826 2.69 -70.51 -18.64
CA PRO B 826 3.83 -71.34 -19.05
C PRO B 826 5.08 -70.51 -19.28
N VAL B 827 6.23 -71.13 -19.02
CA VAL B 827 7.54 -70.58 -19.37
C VAL B 827 8.20 -71.57 -20.30
N THR B 828 8.42 -71.15 -21.54
CA THR B 828 8.87 -72.04 -22.60
C THR B 828 10.34 -71.81 -22.90
N LEU B 829 11.05 -72.89 -23.24
CA LEU B 829 12.46 -72.81 -23.62
C LEU B 829 12.81 -74.07 -24.38
N SER B 830 13.16 -73.92 -25.66
CA SER B 830 13.49 -75.05 -26.52
C SER B 830 14.98 -75.02 -26.84
N VAL B 831 15.65 -76.14 -26.61
CA VAL B 831 17.07 -76.27 -26.85
C VAL B 831 17.34 -77.58 -27.58
N ASP B 832 18.18 -77.52 -28.60
CA ASP B 832 18.54 -78.71 -29.36
C ASP B 832 19.69 -79.44 -28.65
N LEU B 833 19.51 -80.74 -28.42
CA LEU B 833 20.46 -81.51 -27.62
C LEU B 833 21.52 -82.13 -28.53
N ASN B 834 22.79 -81.83 -28.24
CA ASN B 834 23.91 -82.47 -28.90
C ASN B 834 25.15 -82.23 -28.05
N SER B 835 26.10 -83.16 -28.13
CA SER B 835 27.30 -83.06 -27.29
C SER B 835 28.04 -81.77 -27.56
N ALA B 836 28.28 -81.45 -28.84
CA ALA B 836 28.95 -80.20 -29.18
C ALA B 836 28.05 -78.99 -29.04
N LYS B 837 26.74 -79.16 -29.16
CA LYS B 837 25.79 -78.07 -28.96
C LYS B 837 25.69 -77.67 -27.50
N ASN B 838 26.29 -78.47 -26.61
CA ASN B 838 26.23 -78.27 -25.16
C ASN B 838 27.24 -77.20 -24.76
N LEU B 839 26.88 -75.95 -25.02
CA LEU B 839 27.69 -74.80 -24.62
C LEU B 839 26.76 -73.74 -24.03
N SER B 840 27.15 -73.20 -22.88
CA SER B 840 26.29 -72.31 -22.13
C SER B 840 26.14 -70.97 -22.84
N VAL B 841 25.12 -70.21 -22.40
CA VAL B 841 24.89 -68.87 -22.93
C VAL B 841 25.95 -67.92 -22.36
N VAL B 842 26.20 -66.83 -23.08
CA VAL B 842 27.12 -65.81 -22.59
C VAL B 842 26.53 -65.21 -21.32
N SER B 843 27.36 -65.10 -20.29
CA SER B 843 26.93 -64.61 -18.99
C SER B 843 27.41 -63.19 -18.75
N ASN B 844 26.74 -62.52 -17.81
CA ASN B 844 27.10 -61.16 -17.41
C ASN B 844 27.04 -60.20 -18.59
N PHE B 845 26.07 -60.43 -19.48
CA PHE B 845 25.84 -59.55 -20.63
C PHE B 845 25.20 -58.27 -20.12
N ARG B 846 26.02 -57.26 -19.88
CA ARG B 846 25.56 -56.00 -19.31
C ARG B 846 26.21 -54.83 -20.03
N VAL B 847 25.54 -53.69 -19.97
CA VAL B 847 26.04 -52.43 -20.52
C VAL B 847 26.67 -51.65 -19.37
N VAL B 848 27.99 -51.46 -19.44
CA VAL B 848 28.71 -50.88 -18.32
C VAL B 848 28.36 -49.41 -18.13
N ASN B 849 28.25 -48.67 -19.23
CA ASN B 849 28.03 -47.23 -19.17
C ASN B 849 26.56 -46.87 -19.01
N THR B 850 25.74 -47.79 -18.52
CA THR B 850 24.35 -47.49 -18.25
C THR B 850 24.23 -46.38 -17.22
N ALA B 851 23.25 -45.51 -17.41
CA ALA B 851 23.05 -44.39 -16.51
C ALA B 851 22.69 -44.88 -15.11
N SER B 852 23.05 -44.08 -14.10
CA SER B 852 22.82 -44.48 -12.72
C SER B 852 21.35 -44.68 -12.42
N GLY B 853 20.53 -43.67 -12.74
CA GLY B 853 19.11 -43.77 -12.41
C GLY B 853 18.39 -44.84 -13.17
N ASP B 854 18.63 -44.94 -14.48
CA ASP B 854 17.92 -45.86 -15.35
C ASP B 854 18.90 -46.90 -15.89
N VAL B 855 18.56 -48.18 -15.71
CA VAL B 855 19.39 -49.25 -16.25
C VAL B 855 19.32 -49.26 -17.78
N THR B 856 18.16 -48.95 -18.35
CA THR B 856 17.96 -49.02 -19.79
C THR B 856 18.50 -47.80 -20.52
N GLU B 857 19.27 -46.94 -19.85
CA GLU B 857 19.82 -45.74 -20.44
C GLU B 857 21.33 -45.77 -20.33
N PHE B 858 22.02 -45.40 -21.40
CA PHE B 858 23.47 -45.29 -21.40
C PHE B 858 23.87 -43.86 -21.72
N VAL B 859 24.64 -43.25 -20.80
CA VAL B 859 24.97 -41.83 -20.91
C VAL B 859 25.95 -41.58 -22.06
N GLY B 860 26.95 -42.44 -22.22
CA GLY B 860 28.05 -42.16 -23.10
C GLY B 860 27.63 -41.90 -24.52
N PRO B 861 28.43 -41.11 -25.25
CA PRO B 861 28.11 -40.89 -26.68
C PRO B 861 28.03 -42.18 -27.47
N ASP B 862 28.88 -43.13 -27.15
CA ASP B 862 28.87 -44.46 -27.77
C ASP B 862 28.31 -45.47 -26.77
N VAL B 863 28.23 -46.72 -27.23
CA VAL B 863 27.81 -47.83 -26.40
C VAL B 863 29.04 -48.70 -26.15
N LYS B 864 29.41 -48.84 -24.87
CA LYS B 864 30.49 -49.74 -24.46
C LYS B 864 29.85 -50.94 -23.79
N LEU B 865 30.16 -52.12 -24.30
CA LEU B 865 29.46 -53.35 -23.92
C LEU B 865 30.48 -54.37 -23.41
N ALA B 866 30.14 -55.03 -22.31
CA ALA B 866 31.03 -56.00 -21.69
C ALA B 866 30.24 -57.24 -21.33
N TRP B 867 30.95 -58.36 -21.22
CA TRP B 867 30.33 -59.63 -20.87
C TRP B 867 31.37 -60.53 -20.23
N ASP B 868 30.90 -61.50 -19.46
CA ASP B 868 31.78 -62.45 -18.80
C ASP B 868 32.24 -63.52 -19.78
N LYS B 869 33.43 -64.07 -19.50
CA LYS B 869 33.93 -65.17 -20.29
C LYS B 869 33.06 -66.40 -20.11
N ILE B 870 32.74 -67.06 -21.21
CA ILE B 870 31.92 -68.28 -21.13
C ILE B 870 32.69 -69.34 -20.36
N PRO B 871 32.06 -70.11 -19.48
CA PRO B 871 32.75 -71.24 -18.86
C PRO B 871 33.15 -72.26 -19.92
N GLU B 872 33.89 -73.27 -19.46
CA GLU B 872 34.32 -74.39 -20.30
C GLU B 872 34.87 -73.93 -21.65
N GLU B 873 35.40 -72.71 -21.70
CA GLU B 873 36.10 -72.24 -22.89
C GLU B 873 37.53 -72.75 -22.97
N GLU B 874 38.04 -73.32 -21.88
CA GLU B 874 39.43 -73.78 -21.86
C GLU B 874 39.60 -75.05 -22.68
N ILE B 875 38.69 -76.01 -22.54
CA ILE B 875 38.81 -77.26 -23.28
C ILE B 875 38.75 -77.00 -24.78
N ILE B 876 37.82 -76.14 -25.20
CA ILE B 876 37.69 -75.83 -26.63
C ILE B 876 38.83 -74.91 -27.04
N PRO B 877 39.57 -75.22 -28.11
CA PRO B 877 40.71 -74.36 -28.48
C PRO B 877 40.31 -72.92 -28.81
N GLU B 878 39.15 -72.71 -29.42
CA GLU B 878 38.75 -71.39 -29.85
C GLU B 878 37.24 -71.24 -29.79
N ILE B 879 36.78 -70.11 -29.26
CA ILE B 879 35.37 -69.75 -29.27
C ILE B 879 35.27 -68.27 -29.65
N TYR B 880 34.49 -67.98 -30.68
CA TYR B 880 34.20 -66.61 -31.09
C TYR B 880 32.71 -66.34 -30.88
N TYR B 881 32.41 -65.31 -30.11
CA TYR B 881 31.03 -64.91 -29.88
C TYR B 881 30.52 -64.09 -31.05
N THR B 882 29.32 -64.40 -31.51
CA THR B 882 28.66 -63.64 -32.56
C THR B 882 27.64 -62.71 -31.91
N LEU B 883 27.81 -61.41 -32.13
CA LEU B 883 26.97 -60.38 -31.52
C LEU B 883 26.03 -59.83 -32.59
N GLU B 884 24.73 -59.91 -32.33
CA GLU B 884 23.71 -59.38 -33.22
C GLU B 884 23.22 -58.05 -32.67
N ILE B 885 23.10 -57.06 -33.55
CA ILE B 885 22.61 -55.73 -33.19
C ILE B 885 21.33 -55.48 -33.97
N TYR B 886 20.36 -54.86 -33.32
CA TYR B 886 19.09 -54.52 -33.96
C TYR B 886 18.73 -53.08 -33.61
N ASP B 887 17.64 -52.61 -34.20
CA ASP B 887 17.11 -51.27 -34.02
C ASP B 887 15.69 -51.36 -33.48
N SER B 888 15.00 -50.22 -33.45
CA SER B 888 13.59 -50.23 -33.08
C SER B 888 12.84 -51.27 -33.89
N GLN B 889 13.12 -51.35 -35.18
CA GLN B 889 12.71 -52.48 -36.00
C GLN B 889 13.83 -53.51 -36.04
N ASP B 890 13.44 -54.77 -36.23
CA ASP B 890 14.41 -55.85 -36.21
C ASP B 890 15.27 -55.84 -37.46
N ARG B 891 16.36 -55.08 -37.44
CA ARG B 891 17.24 -54.93 -38.58
C ARG B 891 18.63 -55.44 -38.23
N MET B 892 19.12 -56.38 -39.04
CA MET B 892 20.43 -56.97 -38.79
C MET B 892 21.53 -56.01 -39.22
N LEU B 893 22.43 -55.69 -38.29
CA LEU B 893 23.58 -54.86 -38.60
C LEU B 893 24.67 -55.12 -37.56
N ARG B 894 25.90 -54.77 -37.94
CA ARG B 894 27.05 -54.87 -37.04
C ARG B 894 27.20 -56.28 -36.46
N SER B 895 27.09 -57.27 -37.33
CA SER B 895 27.40 -58.65 -36.95
C SER B 895 28.92 -58.77 -36.93
N VAL B 896 29.49 -58.96 -35.74
CA VAL B 896 30.92 -58.88 -35.52
C VAL B 896 31.47 -60.26 -35.18
N ARG B 897 32.54 -60.65 -35.87
CA ARG B 897 33.27 -61.88 -35.57
C ARG B 897 34.35 -61.53 -34.55
N ILE B 898 34.14 -61.91 -33.30
CA ILE B 898 34.98 -61.51 -32.19
C ILE B 898 35.56 -62.77 -31.53
N GLU B 899 36.87 -62.75 -31.29
CA GLU B 899 37.57 -63.86 -30.65
C GLU B 899 38.36 -63.34 -29.46
N ASP B 900 38.21 -64.01 -28.32
CA ASP B 900 39.02 -63.75 -27.13
C ASP B 900 38.95 -62.27 -26.73
N VAL B 901 37.77 -61.68 -26.81
CA VAL B 901 37.52 -60.33 -26.32
C VAL B 901 36.23 -60.36 -25.50
N TYR B 902 36.30 -59.81 -24.29
CA TYR B 902 35.17 -59.83 -23.37
C TYR B 902 34.56 -58.44 -23.20
N THR B 903 34.82 -57.53 -24.12
CA THR B 903 34.27 -56.18 -24.06
C THR B 903 34.27 -55.59 -25.45
N TYR B 904 33.12 -55.11 -25.91
CA TYR B 904 33.00 -54.48 -27.21
C TYR B 904 32.41 -53.09 -27.06
N ASP B 905 32.95 -52.14 -27.83
CA ASP B 905 32.48 -50.75 -27.83
C ASP B 905 31.90 -50.44 -29.19
N TYR B 906 30.66 -49.94 -29.21
CA TYR B 906 29.97 -49.57 -30.44
C TYR B 906 30.11 -48.06 -30.60
N LEU B 907 31.20 -47.64 -31.25
CA LEU B 907 31.55 -46.23 -31.32
C LEU B 907 30.49 -45.43 -32.07
N LEU B 908 30.43 -44.13 -31.77
CA LEU B 908 29.49 -43.25 -32.44
C LEU B 908 29.74 -43.24 -33.94
N THR B 909 31.01 -43.21 -34.35
CA THR B 909 31.32 -43.31 -35.78
C THR B 909 30.85 -44.65 -36.33
N TYR B 910 31.08 -45.73 -35.59
CA TYR B 910 30.56 -47.03 -35.99
C TYR B 910 29.04 -47.03 -35.99
N ASN B 911 28.41 -46.13 -35.23
CA ASN B 911 26.96 -46.12 -35.11
C ASN B 911 26.30 -45.37 -36.26
N LYS B 912 26.58 -44.08 -36.39
CA LYS B 912 25.87 -43.24 -37.34
C LYS B 912 26.51 -43.25 -38.73
N ALA B 913 27.84 -43.21 -38.80
CA ALA B 913 28.50 -43.12 -40.10
C ALA B 913 28.29 -44.39 -40.91
N ASP B 914 28.30 -45.55 -40.25
CA ASP B 914 28.31 -46.81 -40.99
C ASP B 914 26.91 -47.23 -41.42
N PHE B 915 26.01 -47.48 -40.47
CA PHE B 915 24.73 -48.11 -40.79
C PHE B 915 23.52 -47.19 -40.71
N ALA B 916 23.60 -46.07 -39.98
CA ALA B 916 22.48 -45.14 -40.02
C ALA B 916 22.22 -44.68 -41.44
N LEU B 917 23.28 -44.26 -42.14
CA LEU B 917 23.15 -43.92 -43.56
C LEU B 917 22.81 -45.16 -44.39
N LEU B 918 23.39 -46.31 -44.06
CA LEU B 918 23.18 -47.51 -44.85
C LEU B 918 21.72 -47.90 -44.88
N ASN B 919 21.05 -47.86 -43.72
CA ASN B 919 19.65 -48.27 -43.63
C ASN B 919 18.71 -47.12 -43.91
N SER B 920 18.77 -46.06 -43.11
CA SER B 920 17.85 -44.94 -43.27
C SER B 920 18.08 -44.19 -44.56
N GLY B 921 19.22 -44.37 -45.21
CA GLY B 921 19.53 -43.60 -46.41
C GLY B 921 19.96 -42.19 -46.15
N ALA B 922 20.17 -41.81 -44.88
CA ALA B 922 20.58 -40.46 -44.54
C ALA B 922 21.37 -40.50 -43.23
N LEU B 923 22.01 -39.37 -42.92
CA LEU B 923 22.91 -39.27 -41.78
C LEU B 923 22.19 -39.45 -40.45
N GLY B 924 20.86 -39.29 -40.41
CA GLY B 924 20.12 -39.34 -39.17
C GLY B 924 20.47 -40.53 -38.29
N ILE B 925 20.81 -40.24 -37.03
CA ILE B 925 21.28 -41.27 -36.09
C ILE B 925 20.13 -42.17 -35.69
N ASN B 926 20.47 -43.30 -35.06
CA ASN B 926 19.51 -44.19 -34.43
C ASN B 926 19.82 -44.28 -32.95
N ARG B 927 18.78 -44.25 -32.11
CA ARG B 927 18.92 -44.21 -30.67
C ARG B 927 18.51 -45.50 -29.99
N LYS B 928 17.29 -45.97 -30.25
CA LYS B 928 16.86 -47.25 -29.68
C LYS B 928 17.67 -48.38 -30.29
N LEU B 929 18.14 -49.29 -29.43
CA LEU B 929 18.99 -50.39 -29.88
C LEU B 929 18.67 -51.65 -29.09
N ARG B 930 18.96 -52.80 -29.70
CA ARG B 930 18.88 -54.09 -29.06
C ARG B 930 20.17 -54.85 -29.33
N PHE B 931 20.61 -55.65 -28.37
CA PHE B 931 21.86 -56.39 -28.47
C PHE B 931 21.61 -57.86 -28.20
N ARG B 932 22.41 -58.70 -28.84
CA ARG B 932 22.20 -60.15 -28.78
C ARG B 932 23.52 -60.83 -29.12
N ILE B 933 24.09 -61.56 -28.16
CA ILE B 933 25.36 -62.25 -28.36
C ILE B 933 25.15 -63.74 -28.13
N ARG B 934 26.01 -64.53 -28.76
CA ARG B 934 25.91 -65.99 -28.68
C ARG B 934 27.27 -66.58 -29.02
N ALA B 935 27.71 -67.53 -28.21
CA ALA B 935 29.00 -68.18 -28.44
C ALA B 935 28.91 -69.14 -29.61
N GLU B 936 30.00 -69.23 -30.37
CA GLU B 936 30.07 -70.09 -31.54
C GLU B 936 31.31 -70.98 -31.44
N GLY B 937 31.16 -72.22 -31.92
CA GLY B 937 32.27 -73.14 -31.91
C GLY B 937 33.20 -72.92 -33.09
N GLU B 938 34.51 -73.05 -32.83
CA GLU B 938 35.49 -72.95 -33.90
C GLU B 938 35.29 -74.05 -34.93
N ASN B 939 35.00 -75.26 -34.47
CA ASN B 939 34.66 -76.38 -35.33
C ASN B 939 33.26 -76.93 -35.05
N GLY B 940 32.85 -76.96 -33.79
CA GLY B 940 31.53 -77.41 -33.44
C GLY B 940 30.48 -76.33 -33.62
N GLU B 941 29.28 -76.63 -33.15
CA GLU B 941 28.15 -75.72 -33.30
C GLU B 941 28.21 -74.66 -32.19
N GLN B 942 27.14 -73.88 -32.07
CA GLN B 942 27.11 -72.73 -31.19
C GLN B 942 26.50 -73.10 -29.84
N SER B 943 26.26 -72.10 -29.00
CA SER B 943 25.79 -72.32 -27.64
C SER B 943 24.29 -72.60 -27.61
N VAL B 944 23.79 -72.92 -26.42
CA VAL B 944 22.38 -73.30 -26.28
C VAL B 944 21.48 -72.18 -26.77
N GLY B 945 21.82 -70.93 -26.46
CA GLY B 945 21.01 -69.82 -26.88
C GLY B 945 21.73 -68.50 -26.76
N TRP B 946 21.16 -67.49 -27.40
CA TRP B 946 21.67 -66.13 -27.31
C TRP B 946 21.42 -65.55 -25.92
N ALA B 947 22.22 -64.54 -25.58
CA ALA B 947 22.22 -63.94 -24.25
C ALA B 947 21.40 -62.66 -24.26
N THR B 948 20.59 -62.50 -23.22
CA THR B 948 19.69 -61.35 -23.14
C THR B 948 20.47 -60.10 -22.73
N ILE B 949 19.96 -58.94 -23.18
CA ILE B 949 20.57 -57.66 -22.87
C ILE B 949 20.69 -57.50 -21.37
N MET C 1 4.98 -49.00 -22.41
CA MET C 1 5.92 -47.89 -22.72
C MET C 1 5.40 -46.62 -22.05
N ILE C 2 4.08 -46.53 -21.92
CA ILE C 2 3.47 -45.37 -21.27
C ILE C 2 4.13 -45.15 -19.92
N SER C 3 4.38 -43.88 -19.60
CA SER C 3 5.10 -43.53 -18.39
C SER C 3 4.67 -42.15 -17.92
N ASN C 4 5.15 -41.77 -16.75
CA ASN C 4 4.92 -40.44 -16.18
C ASN C 4 6.27 -39.93 -15.69
N ASN C 5 6.97 -39.21 -16.55
CA ASN C 5 8.32 -38.75 -16.22
C ASN C 5 8.29 -37.83 -15.01
N ALA C 6 9.35 -37.89 -14.21
CA ALA C 6 9.44 -37.04 -13.04
C ALA C 6 9.72 -35.59 -13.45
N PRO C 7 9.37 -34.62 -12.61
CA PRO C 7 9.70 -33.23 -12.93
C PRO C 7 11.20 -33.03 -12.99
N ALA C 8 11.61 -32.10 -13.85
CA ALA C 8 13.02 -31.79 -13.99
C ALA C 8 13.57 -31.21 -12.69
N LYS C 9 14.89 -31.30 -12.54
CA LYS C 9 15.54 -30.82 -11.32
C LYS C 9 15.25 -29.34 -11.12
N MET C 10 14.86 -28.99 -9.90
CA MET C 10 14.60 -27.59 -9.57
C MET C 10 15.90 -26.81 -9.50
N VAL C 11 15.89 -25.62 -10.08
CA VAL C 11 17.04 -24.73 -10.09
C VAL C 11 16.67 -23.49 -9.29
N LEU C 12 17.47 -23.18 -8.27
CA LEU C 12 17.24 -22.05 -7.39
C LEU C 12 18.20 -20.92 -7.70
N ASN C 13 17.68 -19.69 -7.69
CA ASN C 13 18.50 -18.51 -7.86
C ASN C 13 19.11 -18.13 -6.52
N SER C 14 19.81 -17.00 -6.47
CA SER C 14 20.44 -16.56 -5.23
C SER C 14 19.39 -16.42 -4.13
N VAL C 15 19.77 -16.84 -2.92
CA VAL C 15 18.84 -16.85 -1.79
C VAL C 15 18.85 -15.47 -1.15
N LEU C 16 17.77 -14.72 -1.34
CA LEU C 16 17.60 -13.46 -0.65
C LEU C 16 17.21 -13.73 0.80
N THR C 17 18.02 -13.26 1.74
CA THR C 17 17.91 -13.64 3.14
C THR C 17 17.55 -12.43 3.99
N GLY C 18 16.46 -12.55 4.75
CA GLY C 18 16.18 -11.61 5.81
C GLY C 18 15.90 -12.37 7.10
N TYR C 19 16.17 -11.70 8.22
CA TYR C 19 16.05 -12.35 9.51
C TYR C 19 14.67 -12.97 9.68
N THR C 20 14.63 -14.24 10.05
CA THR C 20 13.39 -14.99 10.27
C THR C 20 12.59 -15.16 8.98
N LEU C 21 13.21 -14.98 7.82
CA LEU C 21 12.50 -15.09 6.55
C LEU C 21 13.48 -15.45 5.45
N ALA C 22 12.95 -15.80 4.29
CA ALA C 22 13.77 -16.17 3.15
C ALA C 22 12.97 -15.97 1.88
N TYR C 23 13.69 -15.89 0.77
CA TYR C 23 13.07 -15.78 -0.56
C TYR C 23 13.91 -16.58 -1.54
N ILE C 24 13.27 -17.50 -2.25
CA ILE C 24 13.93 -18.34 -3.23
C ILE C 24 13.15 -18.26 -4.54
N GLN C 25 13.81 -17.82 -5.60
CA GLN C 25 13.24 -17.83 -6.94
C GLN C 25 13.77 -19.05 -7.67
N HIS C 26 12.86 -19.92 -8.11
CA HIS C 26 13.23 -21.17 -8.76
C HIS C 26 12.81 -21.13 -10.23
N SER C 27 13.03 -22.25 -10.90
CA SER C 27 12.76 -22.36 -12.33
C SER C 27 11.27 -22.60 -12.55
N ILE C 28 10.91 -22.80 -13.82
CA ILE C 28 9.54 -23.08 -14.22
C ILE C 28 9.43 -24.56 -14.56
N TYR C 29 8.44 -25.23 -13.98
CA TYR C 29 8.23 -26.63 -14.26
C TYR C 29 7.78 -26.83 -15.71
N SER C 30 7.92 -28.07 -16.17
CA SER C 30 7.50 -28.44 -17.52
C SER C 30 6.67 -29.71 -17.57
N ASP C 31 6.74 -30.59 -16.58
CA ASP C 31 5.95 -31.80 -16.59
C ASP C 31 4.46 -31.46 -16.44
N TYR C 32 3.61 -32.37 -16.91
CA TYR C 32 2.19 -32.08 -17.03
C TYR C 32 1.41 -32.33 -15.75
N ASP C 33 2.03 -32.94 -14.74
CA ASP C 33 1.33 -33.33 -13.52
C ASP C 33 2.02 -32.82 -12.27
N VAL C 34 2.76 -31.71 -12.39
CA VAL C 34 3.35 -31.10 -11.21
C VAL C 34 2.26 -30.47 -10.37
N ILE C 35 2.24 -30.80 -9.08
CA ILE C 35 1.16 -30.39 -8.19
C ILE C 35 1.66 -29.77 -6.89
N GLY C 36 2.97 -29.71 -6.67
CA GLY C 36 3.46 -29.15 -5.43
C GLY C 36 4.96 -28.97 -5.46
N ARG C 37 5.45 -28.21 -4.48
CA ARG C 37 6.86 -27.93 -4.32
C ARG C 37 7.24 -28.08 -2.85
N SER C 38 8.50 -28.41 -2.60
CA SER C 38 8.96 -28.59 -1.24
C SER C 38 10.44 -28.26 -1.15
N PHE C 39 10.89 -27.95 0.06
CA PHE C 39 12.29 -27.63 0.32
C PHE C 39 12.70 -28.25 1.65
N TRP C 40 13.94 -28.74 1.71
CA TRP C 40 14.47 -29.42 2.88
C TRP C 40 15.50 -28.50 3.53
N LEU C 41 15.06 -27.74 4.53
CA LEU C 41 15.97 -26.90 5.30
C LEU C 41 16.90 -27.78 6.11
N LYS C 42 18.17 -27.40 6.19
CA LYS C 42 19.17 -28.12 6.97
C LYS C 42 19.93 -27.12 7.83
N GLU C 43 19.60 -27.07 9.11
CA GLU C 43 20.27 -26.23 10.09
C GLU C 43 21.13 -27.13 10.96
N GLY C 44 22.45 -27.01 10.84
CA GLY C 44 23.33 -27.90 11.58
C GLY C 44 23.06 -29.34 11.17
N SER C 45 22.69 -30.15 12.15
CA SER C 45 22.34 -31.55 11.91
C SER C 45 20.84 -31.78 11.88
N ASN C 46 20.05 -30.71 11.89
CA ASN C 46 18.59 -30.80 11.90
C ASN C 46 18.05 -30.47 10.51
N VAL C 47 17.18 -31.33 9.99
CA VAL C 47 16.61 -31.18 8.66
C VAL C 47 15.11 -30.96 8.80
N THR C 48 14.61 -29.92 8.15
CA THR C 48 13.19 -29.59 8.16
C THR C 48 12.69 -29.54 6.72
N ARG C 49 11.69 -30.36 6.40
CA ARG C 49 11.11 -30.40 5.08
C ARG C 49 9.93 -29.44 5.04
N ARG C 50 10.11 -28.29 4.39
CA ARG C 50 9.04 -27.33 4.20
C ARG C 50 8.42 -27.57 2.82
N ASP C 51 7.12 -27.83 2.79
CA ASP C 51 6.42 -28.19 1.58
C ASP C 51 5.37 -27.14 1.25
N PHE C 52 5.36 -26.69 0.00
CA PHE C 52 4.36 -25.76 -0.51
C PHE C 52 3.65 -26.44 -1.68
N THR C 53 2.34 -26.65 -1.53
CA THR C 53 1.55 -27.31 -2.56
C THR C 53 0.99 -26.34 -3.58
N GLY C 54 1.28 -25.06 -3.47
CA GLY C 54 0.84 -24.08 -4.45
C GLY C 54 1.80 -23.95 -5.60
N ILE C 55 1.35 -24.30 -6.81
CA ILE C 55 2.17 -24.21 -8.01
C ILE C 55 1.95 -22.91 -8.77
N ASP C 56 0.96 -22.11 -8.38
CA ASP C 56 0.62 -20.92 -9.15
C ASP C 56 1.83 -19.99 -9.29
N THR C 57 2.46 -19.64 -8.18
CA THR C 57 3.60 -18.74 -8.20
C THR C 57 4.91 -19.52 -8.35
N PHE C 58 5.97 -18.80 -8.71
CA PHE C 58 7.29 -19.38 -8.87
C PHE C 58 8.30 -18.80 -7.90
N SER C 59 7.83 -18.16 -6.85
CA SER C 59 8.68 -17.69 -5.75
C SER C 59 8.11 -18.21 -4.45
N VAL C 60 8.99 -18.43 -3.48
CA VAL C 60 8.63 -19.02 -2.20
C VAL C 60 9.29 -18.24 -1.07
N THR C 61 8.74 -18.40 0.12
CA THR C 61 9.24 -17.71 1.30
C THR C 61 8.95 -18.58 2.52
N ILE C 62 9.99 -18.91 3.28
CA ILE C 62 9.85 -19.67 4.51
C ILE C 62 9.49 -18.70 5.63
N ASN C 63 8.32 -18.92 6.24
CA ASN C 63 7.81 -17.95 7.21
C ASN C 63 8.69 -17.88 8.45
N ASN C 64 9.15 -19.03 8.95
CA ASN C 64 9.82 -19.11 10.23
C ASN C 64 11.21 -19.70 10.07
N LEU C 65 12.20 -19.09 10.72
CA LEU C 65 13.57 -19.57 10.69
C LEU C 65 14.27 -19.11 11.96
N LYS C 66 15.51 -19.56 12.12
CA LYS C 66 16.32 -19.21 13.29
C LYS C 66 17.27 -18.08 12.95
N PRO C 67 17.31 -17.00 13.75
CA PRO C 67 18.15 -15.86 13.39
C PRO C 67 19.62 -16.24 13.30
N THR C 68 20.33 -15.60 12.37
CA THR C 68 21.78 -15.69 12.25
C THR C 68 22.24 -17.15 12.29
N THR C 69 21.82 -17.91 11.30
CA THR C 69 22.19 -19.32 11.19
C THR C 69 22.32 -19.71 9.73
N THR C 70 23.48 -20.25 9.37
CA THR C 70 23.68 -20.76 8.02
C THR C 70 22.81 -21.98 7.79
N TYR C 71 22.22 -22.08 6.61
CA TYR C 71 21.24 -23.11 6.28
C TYR C 71 21.68 -23.86 5.02
N GLU C 72 20.81 -24.76 4.58
CA GLU C 72 20.98 -25.46 3.31
C GLU C 72 19.60 -25.77 2.78
N VAL C 73 19.34 -25.38 1.53
CA VAL C 73 18.02 -25.54 0.91
C VAL C 73 18.16 -26.43 -0.30
N GLN C 74 17.29 -27.44 -0.39
CA GLN C 74 17.18 -28.29 -1.55
C GLN C 74 15.71 -28.40 -1.92
N GLY C 75 15.36 -28.03 -3.15
CA GLY C 75 13.98 -28.02 -3.58
C GLY C 75 13.68 -29.02 -4.67
N ALA C 76 12.40 -29.31 -4.89
CA ALA C 76 12.01 -30.28 -5.91
C ALA C 76 10.52 -30.22 -6.21
N PHE C 77 10.18 -30.14 -7.49
CA PHE C 77 8.80 -30.35 -7.91
C PHE C 77 8.50 -31.85 -7.85
N TYR C 78 7.25 -32.18 -7.52
CA TYR C 78 6.84 -33.58 -7.51
C TYR C 78 5.51 -33.74 -8.23
N ASP C 79 5.36 -34.88 -8.89
CA ASP C 79 4.19 -35.19 -9.69
C ASP C 79 3.05 -35.66 -8.78
N SER C 80 1.96 -36.12 -9.39
CA SER C 80 0.89 -36.77 -8.65
C SER C 80 1.25 -38.17 -8.21
N ILE C 81 2.14 -38.84 -8.93
CA ILE C 81 2.54 -40.21 -8.59
C ILE C 81 3.42 -40.30 -7.36
N ILE C 82 3.71 -39.16 -6.71
CA ILE C 82 4.53 -39.13 -5.51
C ILE C 82 3.61 -38.89 -4.32
N ASP C 83 3.70 -39.76 -3.32
CA ASP C 83 2.87 -39.69 -2.13
C ASP C 83 3.61 -38.96 -1.01
N SER C 84 2.88 -38.69 0.07
CA SER C 84 3.49 -38.04 1.23
C SER C 84 4.66 -38.87 1.76
N GLU C 85 4.46 -40.17 1.92
CA GLU C 85 5.55 -41.03 2.39
C GLU C 85 6.70 -41.05 1.41
N LEU C 86 6.40 -41.18 0.11
CA LEU C 86 7.46 -41.19 -0.89
C LEU C 86 8.23 -39.88 -0.88
N LEU C 87 7.51 -38.75 -0.82
CA LEU C 87 8.19 -37.46 -0.76
C LEU C 87 9.07 -37.36 0.48
N ASN C 88 8.54 -37.80 1.63
CA ASN C 88 9.36 -37.83 2.84
C ASN C 88 10.63 -38.64 2.62
N ALA C 89 10.52 -39.75 1.88
CA ALA C 89 11.66 -40.60 1.60
C ALA C 89 12.53 -40.07 0.47
N GLN C 90 12.12 -38.99 -0.20
CA GLN C 90 12.88 -38.42 -1.31
C GLN C 90 13.10 -39.46 -2.40
N ILE C 91 12.08 -40.27 -2.66
CA ILE C 91 12.14 -41.34 -3.65
C ILE C 91 11.29 -40.94 -4.84
N GLY C 92 11.86 -41.03 -6.04
CA GLY C 92 11.12 -40.75 -7.24
C GLY C 92 11.00 -39.29 -7.61
N ILE C 93 11.88 -38.44 -7.09
CA ILE C 93 11.89 -37.02 -7.43
C ILE C 93 13.31 -36.60 -7.72
N ASN C 94 13.44 -35.47 -8.41
CA ASN C 94 14.73 -34.87 -8.73
C ASN C 94 14.93 -33.67 -7.82
N LEU C 95 15.91 -33.75 -6.93
CA LEU C 95 16.15 -32.73 -5.93
C LEU C 95 17.13 -31.68 -6.46
N SER C 96 16.94 -30.44 -6.04
CA SER C 96 17.77 -29.35 -6.50
C SER C 96 19.19 -29.49 -5.97
N ASP C 97 20.10 -28.74 -6.56
CA ASP C 97 21.48 -28.74 -6.12
C ASP C 97 21.62 -28.01 -4.79
N LYS C 98 22.70 -28.33 -4.08
CA LYS C 98 22.95 -27.70 -2.79
C LYS C 98 23.20 -26.21 -2.96
N GLN C 99 22.77 -25.43 -1.96
CA GLN C 99 23.06 -24.01 -1.93
C GLN C 99 23.20 -23.56 -0.48
N THR C 100 24.21 -22.73 -0.23
CA THR C 100 24.52 -22.25 1.11
C THR C 100 24.19 -20.77 1.20
N PHE C 101 23.59 -20.38 2.33
CA PHE C 101 23.31 -18.98 2.60
C PHE C 101 23.25 -18.80 4.11
N LYS C 102 23.43 -17.55 4.55
CA LYS C 102 23.40 -17.21 5.96
C LYS C 102 22.35 -16.13 6.20
N MET C 103 21.86 -16.10 7.44
CA MET C 103 20.78 -15.19 7.80
C MET C 103 21.37 -13.81 8.10
N LYS C 104 20.50 -12.83 8.30
CA LYS C 104 20.91 -11.46 8.58
C LYS C 104 20.83 -11.17 10.07
N SER C 105 21.51 -10.09 10.47
CA SER C 105 21.60 -9.68 11.86
C SER C 105 20.79 -8.40 12.06
N ALA C 106 19.95 -8.38 13.09
CA ALA C 106 19.11 -7.22 13.35
C ALA C 106 19.97 -6.01 13.71
N PRO C 107 19.55 -4.80 13.36
CA PRO C 107 20.34 -3.63 13.71
C PRO C 107 20.50 -3.48 15.22
N ARG C 108 21.67 -2.98 15.62
CA ARG C 108 21.95 -2.67 17.01
C ARG C 108 22.68 -1.34 17.08
N ILE C 109 22.37 -0.56 18.11
CA ILE C 109 22.88 0.79 18.28
C ILE C 109 23.98 0.78 19.33
N THR C 110 25.00 1.61 19.11
CA THR C 110 26.14 1.69 20.00
C THR C 110 26.09 2.91 20.91
N GLY C 111 25.67 4.07 20.41
CA GLY C 111 25.68 5.27 21.21
C GLY C 111 24.64 6.27 20.74
N ALA C 112 24.43 7.29 21.58
CA ALA C 112 23.49 8.36 21.28
C ALA C 112 23.95 9.62 22.01
N ARG C 113 24.00 10.73 21.30
CA ARG C 113 24.45 11.99 21.88
C ARG C 113 23.80 13.14 21.15
N CYS C 114 23.81 14.31 21.79
CA CYS C 114 23.29 15.54 21.21
C CYS C 114 24.46 16.42 20.80
N GLU C 115 24.42 16.91 19.55
CA GLU C 115 25.44 17.78 19.02
C GLU C 115 24.77 18.98 18.35
N SER C 116 25.38 20.15 18.55
CA SER C 116 24.86 21.36 17.92
C SER C 116 25.37 21.47 16.49
N GLU C 117 24.48 21.85 15.58
CA GLU C 117 24.82 21.92 14.18
C GLU C 117 25.87 23.01 13.94
N PRO C 118 27.00 22.71 13.30
CA PRO C 118 27.97 23.77 12.99
C PRO C 118 27.33 24.83 12.11
N VAL C 119 27.42 26.08 12.56
CA VAL C 119 26.77 27.21 11.92
C VAL C 119 27.73 28.39 11.85
N ASP C 120 27.46 29.28 10.90
CA ASP C 120 28.27 30.48 10.73
C ASP C 120 27.81 31.62 11.63
N VAL C 121 26.62 31.51 12.23
CA VAL C 121 26.09 32.55 13.10
C VAL C 121 24.87 31.97 13.81
N GLY C 122 24.59 32.50 14.98
CA GLY C 122 23.40 32.10 15.71
C GLY C 122 23.58 30.78 16.44
N VAL C 123 22.46 30.30 17.00
CA VAL C 123 22.44 29.07 17.77
C VAL C 123 22.00 27.94 16.84
N GLY C 124 22.96 27.13 16.41
CA GLY C 124 22.64 25.99 15.57
C GLY C 124 21.70 25.02 16.26
N ALA C 125 20.77 24.46 15.49
CA ALA C 125 19.80 23.54 16.04
C ALA C 125 20.48 22.22 16.43
N PRO C 126 20.02 21.56 17.48
CA PRO C 126 20.62 20.27 17.85
C PRO C 126 20.32 19.20 16.80
N ILE C 127 21.29 18.30 16.63
CA ILE C 127 21.14 17.15 15.74
C ILE C 127 21.61 15.92 16.48
N VAL C 128 20.78 14.88 16.49
CA VAL C 128 21.05 13.69 17.28
C VAL C 128 21.96 12.76 16.51
N TYR C 129 23.03 12.30 17.16
CA TYR C 129 24.00 11.39 16.58
C TYR C 129 23.83 10.02 17.22
N ILE C 130 23.64 8.99 16.40
CA ILE C 130 23.55 7.62 16.86
C ILE C 130 24.34 6.73 15.92
N ASP C 131 25.13 5.83 16.48
CA ASP C 131 25.96 4.91 15.72
C ASP C 131 25.27 3.56 15.66
N THR C 132 25.09 3.05 14.44
CA THR C 132 24.28 1.87 14.20
C THR C 132 25.13 0.77 13.58
N THR C 133 24.98 -0.45 14.09
CA THR C 133 25.66 -1.62 13.56
C THR C 133 24.64 -2.71 13.32
N GLY C 134 24.66 -3.30 12.12
CA GLY C 134 23.74 -4.36 11.80
C GLY C 134 23.61 -4.54 10.31
N GLU C 135 22.55 -5.24 9.91
CA GLU C 135 22.31 -5.57 8.51
C GLU C 135 20.82 -5.32 8.22
N ALA C 136 20.54 -4.28 7.45
CA ALA C 136 19.17 -3.98 7.03
C ALA C 136 19.26 -2.82 6.04
N ASP C 137 18.09 -2.41 5.54
CA ASP C 137 17.99 -1.23 4.70
C ASP C 137 16.78 -0.42 5.13
N TYR C 138 16.91 0.90 5.01
CA TYR C 138 15.91 1.86 5.50
C TYR C 138 15.36 1.42 6.86
N CYS C 139 16.26 1.33 7.82
CA CYS C 139 15.87 1.03 9.19
C CYS C 139 15.15 2.22 9.81
N THR C 140 14.06 1.94 10.53
CA THR C 140 13.31 2.97 11.21
C THR C 140 13.85 3.18 12.62
N ILE C 141 13.87 4.43 13.06
CA ILE C 141 14.35 4.81 14.38
C ILE C 141 13.31 5.72 15.03
N GLU C 142 13.03 5.48 16.30
CA GLU C 142 12.00 6.19 17.04
C GLU C 142 12.59 6.79 18.31
N LEU C 143 11.71 7.40 19.10
CA LEU C 143 12.10 7.99 20.37
C LEU C 143 10.90 7.95 21.32
N LYS C 144 11.19 7.99 22.61
CA LYS C 144 10.15 8.09 23.64
C LYS C 144 10.57 9.12 24.67
N ASP C 145 9.68 10.05 24.96
CA ASP C 145 9.93 11.01 26.02
C ASP C 145 10.04 10.29 27.36
N ASN C 146 11.03 10.68 28.16
CA ASN C 146 11.29 10.05 29.44
C ASN C 146 10.56 10.71 30.60
N SER C 147 9.80 11.78 30.34
CA SER C 147 9.08 12.44 31.42
C SER C 147 8.06 11.50 32.06
N ASN C 148 7.35 10.73 31.24
CA ASN C 148 6.35 9.78 31.72
C ASN C 148 6.51 8.46 31.00
N ALA C 149 6.03 7.39 31.63
CA ALA C 149 6.17 6.05 31.09
C ALA C 149 5.12 5.74 30.02
N ASN C 150 4.12 6.59 29.84
CA ASN C 150 3.07 6.37 28.86
C ASN C 150 3.25 7.20 27.60
N ASN C 151 4.37 7.89 27.45
CA ASN C 151 4.56 8.74 26.29
C ASN C 151 4.62 7.89 25.02
N PRO C 152 4.09 8.39 23.90
CA PRO C 152 4.11 7.60 22.67
C PRO C 152 5.50 7.47 22.08
N TRP C 153 5.67 6.46 21.24
CA TRP C 153 6.88 6.30 20.45
C TRP C 153 6.70 7.03 19.12
N VAL C 154 7.64 7.92 18.81
CA VAL C 154 7.54 8.80 17.64
C VAL C 154 8.64 8.44 16.66
N LYS C 155 8.25 8.09 15.44
CA LYS C 155 9.24 7.85 14.40
C LYS C 155 9.95 9.14 14.04
N TYR C 156 11.25 9.04 13.78
CA TYR C 156 12.03 10.20 13.40
C TYR C 156 12.98 9.97 12.24
N TYR C 157 13.13 8.74 11.75
CA TYR C 157 14.07 8.46 10.68
C TYR C 157 13.79 7.08 10.12
N VAL C 158 13.74 6.98 8.79
CA VAL C 158 13.55 5.70 8.12
C VAL C 158 14.59 5.56 7.01
N GLY C 159 15.60 6.42 7.01
CA GLY C 159 16.60 6.40 5.97
C GLY C 159 17.49 5.18 6.04
N ALA C 160 18.38 5.08 5.06
CA ALA C 160 19.24 3.91 4.93
C ALA C 160 20.11 3.76 6.17
N LEU C 161 20.37 2.51 6.55
CA LEU C 161 21.22 2.24 7.69
C LEU C 161 22.67 2.57 7.36
N MET C 162 23.31 3.30 8.25
CA MET C 162 24.68 3.76 8.08
C MET C 162 25.45 3.55 9.38
N PRO C 163 26.78 3.52 9.31
CA PRO C 163 27.55 3.42 10.57
C PRO C 163 27.22 4.53 11.55
N THR C 164 26.97 5.74 11.05
CA THR C 164 26.53 6.85 11.86
C THR C 164 25.27 7.43 11.24
N ILE C 165 24.24 7.63 12.05
CA ILE C 165 22.94 8.12 11.59
C ILE C 165 22.65 9.43 12.31
N MET C 166 22.23 10.45 11.55
CA MET C 166 21.96 11.77 12.07
C MET C 166 20.59 12.24 11.60
N PHE C 167 19.91 13.00 12.45
CA PHE C 167 18.63 13.59 12.09
C PHE C 167 18.30 14.70 13.07
N GLY C 168 17.43 15.60 12.64
CA GLY C 168 17.01 16.73 13.43
C GLY C 168 15.57 16.63 13.86
N GLY C 169 15.02 17.77 14.28
CA GLY C 169 13.62 17.83 14.67
C GLY C 169 13.31 17.20 16.00
N VAL C 170 14.29 17.08 16.89
CA VAL C 170 14.10 16.45 18.20
C VAL C 170 13.99 17.57 19.24
N PRO C 171 12.86 17.69 19.93
CA PRO C 171 12.76 18.72 20.97
C PRO C 171 13.71 18.45 22.12
N ILE C 172 14.09 19.53 22.80
CA ILE C 172 15.00 19.41 23.94
C ILE C 172 14.36 18.52 25.01
N GLY C 173 15.14 17.59 25.53
CA GLY C 173 14.64 16.70 26.57
C GLY C 173 15.47 15.44 26.63
N SER C 174 14.90 14.44 27.29
CA SER C 174 15.54 13.14 27.48
C SER C 174 14.71 12.06 26.79
N TYR C 175 15.38 11.20 26.04
CA TYR C 175 14.68 10.21 25.21
C TYR C 175 15.40 8.88 25.27
N LYS C 176 14.64 7.81 25.02
CA LYS C 176 15.15 6.46 24.90
C LYS C 176 14.98 6.02 23.46
N VAL C 177 16.08 5.85 22.74
CA VAL C 177 16.03 5.62 21.31
C VAL C 177 15.76 4.15 21.03
N ARG C 178 14.88 3.89 20.06
CA ARG C 178 14.45 2.56 19.69
C ARG C 178 14.66 2.36 18.19
N ILE C 179 15.18 1.20 17.82
CA ILE C 179 15.49 0.89 16.43
C ILE C 179 14.97 -0.50 16.10
N SER C 180 14.48 -0.66 14.87
CA SER C 180 14.10 -1.98 14.37
C SER C 180 14.18 -1.90 12.84
N GLY C 181 15.25 -2.45 12.27
CA GLY C 181 15.46 -2.36 10.85
C GLY C 181 14.46 -3.19 10.07
N GLN C 182 14.33 -2.84 8.79
CA GLN C 182 13.47 -3.55 7.87
C GLN C 182 14.29 -3.98 6.66
N ILE C 183 13.88 -5.11 6.08
CA ILE C 183 14.50 -5.61 4.86
C ILE C 183 13.42 -6.32 4.05
N SER C 184 13.24 -5.88 2.82
CA SER C 184 12.22 -6.45 1.95
C SER C 184 12.80 -7.59 1.14
N LEU C 185 11.93 -8.22 0.37
CA LEU C 185 12.27 -9.29 -0.55
C LEU C 185 11.61 -8.99 -1.87
N PRO C 186 12.08 -9.60 -2.97
CA PRO C 186 11.44 -9.34 -4.27
C PRO C 186 9.95 -9.58 -4.23
N ASP C 187 9.47 -10.58 -3.52
CA ASP C 187 8.05 -10.87 -3.49
C ASP C 187 7.25 -9.60 -3.27
N GLY C 188 6.00 -9.62 -3.76
CA GLY C 188 5.24 -8.38 -3.84
C GLY C 188 4.97 -7.75 -2.49
N VAL C 189 4.64 -8.55 -1.49
CA VAL C 189 4.12 -8.03 -0.22
C VAL C 189 4.92 -8.48 0.98
N THR C 190 5.96 -9.31 0.81
CA THR C 190 6.72 -9.82 1.94
C THR C 190 7.68 -8.75 2.42
N ILE C 191 7.52 -8.31 3.66
CA ILE C 191 8.40 -7.33 4.29
C ILE C 191 8.81 -7.87 5.66
N ASP C 192 10.09 -7.74 5.97
CA ASP C 192 10.66 -8.31 7.18
C ASP C 192 10.97 -7.20 8.18
N SER C 193 10.44 -7.33 9.39
CA SER C 193 10.62 -6.34 10.44
C SER C 193 11.11 -7.04 11.70
N SER C 194 12.24 -6.57 12.24
CA SER C 194 12.82 -7.15 13.44
C SER C 194 12.10 -6.61 14.67
N GLY C 195 12.53 -7.07 15.83
CA GLY C 195 12.03 -6.52 17.08
C GLY C 195 12.64 -5.17 17.37
N TYR C 196 12.22 -4.60 18.50
CA TYR C 196 12.71 -3.31 18.94
C TYR C 196 13.93 -3.51 19.85
N TYR C 197 15.04 -2.87 19.50
CA TYR C 197 16.27 -2.92 20.28
C TYR C 197 16.52 -1.52 20.83
N GLU C 198 15.93 -1.22 21.97
CA GLU C 198 16.04 0.11 22.57
C GLU C 198 17.36 0.25 23.31
N TYR C 199 17.83 1.49 23.39
CA TYR C 199 19.08 1.78 24.07
C TYR C 199 18.87 1.72 25.58
N PRO C 200 19.65 0.94 26.32
CA PRO C 200 19.48 0.92 27.78
C PRO C 200 19.72 2.27 28.43
N ASN C 201 20.62 3.08 27.88
CA ASN C 201 20.99 4.35 28.49
C ASN C 201 20.09 5.46 27.97
N VAL C 202 19.50 6.21 28.88
CA VAL C 202 18.74 7.40 28.53
C VAL C 202 19.72 8.52 28.21
N PHE C 203 19.41 9.29 27.17
CA PHE C 203 20.23 10.42 26.77
C PHE C 203 19.36 11.65 26.66
N GLU C 204 19.96 12.81 26.90
CA GLU C 204 19.25 14.08 26.89
C GLU C 204 19.85 15.00 25.84
N VAL C 205 18.99 15.74 25.16
CA VAL C 205 19.37 16.65 24.09
C VAL C 205 19.04 18.07 24.52
N ARG C 206 20.01 18.98 24.34
CA ARG C 206 19.85 20.36 24.77
C ARG C 206 20.61 21.26 23.81
N TYR C 207 20.20 22.53 23.79
CA TYR C 207 20.95 23.53 23.03
C TYR C 207 22.34 23.70 23.64
N ASN C 208 23.33 23.92 22.79
CA ASN C 208 24.71 24.07 23.22
C ASN C 208 25.37 25.14 22.35
N PHE C 209 25.48 26.35 22.89
CA PHE C 209 26.09 27.47 22.18
C PHE C 209 27.48 27.71 22.76
N VAL C 210 28.49 27.73 21.89
CA VAL C 210 29.88 27.92 22.29
C VAL C 210 30.18 29.42 22.20
N PRO C 211 30.51 30.08 23.32
CA PRO C 211 30.80 31.51 23.24
C PRO C 211 32.08 31.77 22.47
N PRO C 212 32.25 32.96 21.91
CA PRO C 212 33.48 33.27 21.18
C PRO C 212 34.69 33.26 22.08
N ALA C 213 35.84 32.94 21.49
CA ALA C 213 37.09 32.90 22.23
C ALA C 213 37.70 34.30 22.32
N ALA C 214 38.14 34.66 23.52
CA ALA C 214 38.71 35.97 23.74
C ALA C 214 40.08 36.09 23.06
N PRO C 215 40.55 37.31 22.83
CA PRO C 215 41.86 37.48 22.18
C PRO C 215 42.97 36.79 22.95
N ILE C 216 43.89 36.18 22.22
CA ILE C 216 44.93 35.37 22.84
C ILE C 216 45.91 36.24 23.61
N ASN C 217 46.37 37.33 23.00
CA ASN C 217 47.48 38.11 23.55
C ASN C 217 47.27 39.58 23.26
N ILE C 218 47.99 40.41 24.01
CA ILE C 218 47.93 41.86 23.89
C ILE C 218 49.35 42.40 23.84
N VAL C 219 49.60 43.36 22.95
CA VAL C 219 50.87 44.05 22.87
C VAL C 219 50.60 45.55 22.98
N PHE C 220 51.68 46.32 23.08
CA PHE C 220 51.57 47.75 23.30
C PHE C 220 52.59 48.49 22.45
N LYS C 221 52.16 49.64 21.91
CA LYS C 221 53.04 50.56 21.20
C LYS C 221 52.72 51.97 21.65
N ALA C 222 53.75 52.79 21.82
CA ALA C 222 53.60 54.12 22.37
C ALA C 222 54.34 55.14 21.49
N ALA C 223 53.99 56.40 21.69
CA ALA C 223 54.62 57.50 20.95
C ALA C 223 54.76 58.72 21.83
N TYR C 232 52.48 60.02 25.14
CA TYR C 232 51.31 60.61 24.49
C TYR C 232 50.38 59.52 23.96
N ASP C 233 50.41 59.31 22.65
CA ASP C 233 49.52 58.34 22.03
C ASP C 233 49.94 56.91 22.38
N LEU C 234 48.95 56.07 22.63
CA LEU C 234 49.17 54.67 22.96
C LEU C 234 48.31 53.81 22.06
N ARG C 235 48.90 52.77 21.48
CA ARG C 235 48.19 51.83 20.61
C ARG C 235 48.16 50.46 21.26
N VAL C 236 47.01 49.80 21.20
CA VAL C 236 46.82 48.47 21.73
C VAL C 236 46.20 47.61 20.64
N GLN C 237 46.85 46.49 20.33
CA GLN C 237 46.34 45.55 19.34
C GLN C 237 46.35 44.15 19.95
N TRP C 238 45.29 43.40 19.67
CA TRP C 238 45.09 42.07 20.23
C TRP C 238 44.90 41.08 19.10
N ASP C 239 45.68 40.00 19.13
CA ASP C 239 45.50 38.93 18.16
C ASP C 239 44.31 38.07 18.54
N TRP C 240 43.56 37.64 17.53
CA TRP C 240 42.38 36.81 17.74
C TRP C 240 42.48 35.56 16.88
N ASN C 241 42.32 34.40 17.51
CA ASN C 241 42.27 33.12 16.81
C ASN C 241 41.11 32.33 17.37
N ARG C 242 40.40 31.61 16.50
CA ARG C 242 39.18 30.93 16.90
C ARG C 242 38.97 29.69 16.04
N GLY C 243 38.45 28.64 16.66
CA GLY C 243 38.13 27.42 15.96
C GLY C 243 36.99 26.67 16.62
N ALA C 244 35.97 26.30 15.84
CA ALA C 244 34.80 25.59 16.36
C ALA C 244 34.12 26.38 17.47
N GLY C 245 34.12 27.71 17.34
CA GLY C 245 33.48 28.59 18.29
C GLY C 245 32.65 29.63 17.57
N ALA C 246 31.99 30.47 18.38
CA ALA C 246 31.18 31.55 17.83
C ALA C 246 32.06 32.55 17.11
N ASN C 247 31.60 32.99 15.94
CA ASN C 247 32.32 34.01 15.19
C ASN C 247 32.15 35.38 15.84
N VAL C 248 33.20 36.18 15.75
CA VAL C 248 33.22 37.50 16.37
C VAL C 248 32.57 38.50 15.44
N ARG C 249 31.83 39.44 16.02
CA ARG C 249 31.19 40.52 15.27
C ARG C 249 31.59 41.90 15.75
N GLU C 250 32.23 42.02 16.91
CA GLU C 250 32.58 43.32 17.45
C GLU C 250 33.56 43.14 18.59
N PHE C 251 34.46 44.11 18.74
CA PHE C 251 35.48 44.08 19.79
C PHE C 251 35.36 45.33 20.64
N VAL C 252 35.45 45.17 21.95
CA VAL C 252 35.34 46.26 22.90
C VAL C 252 36.54 46.21 23.83
N LEU C 253 37.13 47.38 24.10
CA LEU C 253 38.24 47.51 25.02
C LEU C 253 37.82 48.46 26.14
N SER C 254 38.04 48.03 27.39
CA SER C 254 37.75 48.83 28.56
C SER C 254 39.05 49.13 29.29
N TYR C 255 39.29 50.42 29.57
CA TYR C 255 40.48 50.86 30.27
C TYR C 255 40.08 51.68 31.49
N ILE C 256 40.68 51.35 32.63
CA ILE C 256 40.40 52.04 33.89
C ILE C 256 41.71 52.19 34.66
N ASP C 257 41.74 53.18 35.54
CA ASP C 257 42.89 53.38 36.40
C ASP C 257 42.98 52.26 37.43
N SER C 258 44.21 51.85 37.75
CA SER C 258 44.41 50.75 38.69
C SER C 258 43.83 51.08 40.05
N ALA C 259 44.05 52.31 40.53
CA ALA C 259 43.46 52.71 41.81
C ALA C 259 41.93 52.66 41.73
N GLU C 260 41.36 53.16 40.64
CA GLU C 260 39.92 53.05 40.46
C GLU C 260 39.49 51.60 40.36
N PHE C 261 40.31 50.75 39.73
CA PHE C 261 40.00 49.34 39.65
C PHE C 261 39.92 48.72 41.04
N VAL C 262 40.85 49.09 41.93
CA VAL C 262 40.79 48.64 43.32
C VAL C 262 39.52 49.16 43.97
N ARG C 263 39.20 50.44 43.76
CA ARG C 263 38.00 51.02 44.35
C ARG C 263 36.75 50.31 43.84
N THR C 264 36.69 50.03 42.54
CA THR C 264 35.55 49.34 41.96
C THR C 264 36.01 48.56 40.74
N GLY C 265 35.26 47.52 40.40
CA GLY C 265 35.65 46.64 39.32
C GLY C 265 35.04 47.02 37.98
N TRP C 266 35.82 47.67 37.12
CA TRP C 266 35.41 48.00 35.76
C TRP C 266 34.09 48.76 35.73
N THR C 267 33.82 49.53 36.77
CA THR C 267 32.59 50.30 36.87
C THR C 267 32.91 51.77 36.66
N LYS C 268 32.13 52.41 35.78
CA LYS C 268 32.45 53.76 35.30
C LYS C 268 33.83 53.81 34.65
N ALA C 269 34.18 52.74 33.93
CA ALA C 269 35.43 52.66 33.21
C ALA C 269 35.19 53.02 31.76
N GLN C 270 35.88 54.05 31.28
CA GLN C 270 35.74 54.47 29.89
C GLN C 270 36.11 53.32 28.96
N LYS C 271 35.29 53.12 27.93
CA LYS C 271 35.46 52.03 26.98
C LYS C 271 35.57 52.59 25.57
N ILE C 272 36.34 51.89 24.74
CA ILE C 272 36.49 52.23 23.33
C ILE C 272 36.06 51.01 22.53
N ASN C 273 35.17 51.23 21.56
CA ASN C 273 34.61 50.16 20.74
C ASN C 273 35.15 50.27 19.32
N VAL C 274 35.41 49.12 18.71
CA VAL C 274 35.89 49.06 17.34
C VAL C 274 35.04 48.07 16.56
N GLY C 275 34.96 48.28 15.26
CA GLY C 275 34.20 47.40 14.40
C GLY C 275 34.95 46.13 14.08
N ALA C 276 35.28 45.35 15.11
CA ALA C 276 36.02 44.10 14.94
C ALA C 276 37.38 44.36 14.28
N ALA C 277 38.08 45.38 14.79
CA ALA C 277 39.43 45.72 14.34
C ALA C 277 40.41 45.34 15.44
N GLN C 278 41.48 44.64 15.06
CA GLN C 278 42.43 44.14 16.05
C GLN C 278 43.11 45.27 16.79
N SER C 279 43.54 46.30 16.07
CA SER C 279 44.34 47.37 16.64
C SER C 279 43.45 48.49 17.15
N ALA C 280 43.81 49.06 18.29
CA ALA C 280 43.12 50.21 18.86
C ALA C 280 44.14 51.27 19.22
N THR C 281 43.70 52.53 19.21
CA THR C 281 44.57 53.67 19.47
C THR C 281 43.97 54.53 20.56
N ILE C 282 44.77 54.85 21.56
CA ILE C 282 44.41 55.78 22.63
C ILE C 282 45.35 56.97 22.52
N ILE C 283 44.78 58.16 22.41
CA ILE C 283 45.55 59.39 22.24
C ILE C 283 45.62 60.12 23.58
N SER C 284 46.81 60.60 23.93
CA SER C 284 47.02 61.36 25.16
C SER C 284 46.77 60.49 26.39
N PHE C 285 47.41 59.33 26.41
CA PHE C 285 47.30 58.45 27.56
C PHE C 285 47.97 59.10 28.77
N PRO C 286 47.44 58.90 29.98
CA PRO C 286 48.08 59.50 31.16
C PRO C 286 49.52 59.02 31.30
N TRP C 287 50.37 59.92 31.78
CA TRP C 287 51.80 59.66 31.90
C TRP C 287 52.14 59.23 33.31
N LYS C 288 52.83 58.10 33.44
CA LYS C 288 53.24 57.56 34.74
C LYS C 288 52.02 57.33 35.64
N VAL C 289 51.01 56.67 35.10
CA VAL C 289 49.81 56.31 35.85
C VAL C 289 49.44 54.87 35.50
N GLU C 290 49.19 54.06 36.52
CA GLU C 290 48.85 52.67 36.31
C GLU C 290 47.47 52.53 35.69
N HIS C 291 47.30 51.51 34.85
CA HIS C 291 46.04 51.28 34.17
C HIS C 291 45.89 49.79 33.90
N LYS C 292 44.64 49.38 33.69
CA LYS C 292 44.30 48.00 33.38
C LYS C 292 43.39 47.96 32.16
N PHE C 293 43.48 46.88 31.39
CA PHE C 293 42.72 46.75 30.17
C PHE C 293 42.16 45.33 30.04
N LYS C 294 41.07 45.22 29.27
CA LYS C 294 40.52 43.93 28.89
C LYS C 294 39.90 44.08 27.52
N VAL C 295 40.02 43.04 26.70
CA VAL C 295 39.44 43.01 25.36
C VAL C 295 38.42 41.87 25.33
N SER C 296 37.19 42.19 24.95
CA SER C 296 36.10 41.23 24.94
C SER C 296 35.59 41.05 23.52
N SER C 297 35.53 39.79 23.08
CA SER C 297 34.94 39.47 21.79
C SER C 297 33.43 39.43 21.91
N ILE C 298 32.74 39.80 20.84
CA ILE C 298 31.28 39.87 20.83
C ILE C 298 30.75 39.00 19.69
N ALA C 299 29.76 38.19 20.00
CA ALA C 299 29.13 37.31 19.02
C ALA C 299 27.63 37.55 18.98
N TRP C 300 26.91 36.74 18.20
CA TRP C 300 25.48 36.94 17.97
C TRP C 300 24.62 35.96 18.77
N GLY C 301 25.19 35.31 19.78
CA GLY C 301 24.46 34.35 20.57
C GLY C 301 23.60 35.02 21.63
N PRO C 302 22.99 34.22 22.50
CA PRO C 302 22.16 34.78 23.56
C PRO C 302 22.99 35.55 24.57
N ASP C 303 22.29 36.44 25.31
CA ASP C 303 22.97 37.33 26.24
C ASP C 303 23.79 36.59 27.29
N ALA C 304 23.38 35.36 27.65
CA ALA C 304 24.08 34.65 28.71
C ALA C 304 25.54 34.40 28.34
N GLN C 305 25.80 33.99 27.10
CA GLN C 305 27.15 33.72 26.64
C GLN C 305 27.49 34.57 25.42
N ASP C 306 26.89 35.76 25.33
CA ASP C 306 27.09 36.61 24.16
C ASP C 306 28.54 37.04 24.02
N VAL C 307 29.18 37.43 25.13
CA VAL C 307 30.48 38.08 25.11
C VAL C 307 31.43 37.34 26.05
N THR C 308 32.67 37.18 25.61
CA THR C 308 33.74 36.61 26.44
C THR C 308 34.87 37.62 26.53
N ASP C 309 35.33 37.88 27.75
CA ASP C 309 36.35 38.89 28.01
C ASP C 309 37.70 38.23 28.24
N SER C 310 38.76 38.90 27.77
CA SER C 310 40.10 38.39 27.90
C SER C 310 40.65 38.66 29.29
N ALA C 311 41.84 38.12 29.57
CA ALA C 311 42.47 38.32 30.85
C ALA C 311 42.93 39.76 31.02
N VAL C 312 42.73 40.31 32.22
CA VAL C 312 43.12 41.68 32.50
C VAL C 312 44.64 41.80 32.46
N GLN C 313 45.12 42.82 31.76
CA GLN C 313 46.55 43.11 31.67
C GLN C 313 46.80 44.53 32.14
N THR C 314 47.64 44.69 33.16
CA THR C 314 47.99 46.01 33.65
C THR C 314 49.06 46.63 32.76
N PHE C 315 49.17 47.96 32.85
CA PHE C 315 50.13 48.69 32.02
C PHE C 315 50.22 50.12 32.54
N ILE C 316 51.42 50.67 32.51
CA ILE C 316 51.69 52.04 32.92
C ILE C 316 52.65 52.68 31.94
N LEU C 317 52.36 53.92 31.55
CA LEU C 317 53.30 54.66 30.71
C LEU C 317 54.56 54.96 31.51
N ASN C 318 55.71 54.62 30.94
CA ASN C 318 56.96 54.74 31.65
C ASN C 318 58.04 55.25 30.71
N GLU C 319 59.00 55.99 31.28
CA GLU C 319 60.14 56.46 30.49
C GLU C 319 61.00 55.31 30.00
N SER C 320 60.90 54.14 30.63
CA SER C 320 61.66 52.97 30.20
C SER C 320 61.03 52.25 29.02
N THR C 321 59.78 52.53 28.71
CA THR C 321 59.12 51.87 27.59
C THR C 321 59.65 52.43 26.28
N PRO C 322 60.16 51.59 25.37
CA PRO C 322 60.66 52.12 24.09
C PRO C 322 59.55 52.82 23.32
N LEU C 323 59.93 53.90 22.64
CA LEU C 323 58.98 54.67 21.84
C LEU C 323 58.99 54.15 20.41
N ASP C 324 57.86 53.62 19.97
CA ASP C 324 57.69 53.08 18.62
C ASP C 324 56.70 53.99 17.88
N ASN C 325 57.22 54.88 17.06
CA ASN C 325 56.41 55.81 16.29
C ASN C 325 56.10 55.29 14.88
N SER C 326 56.48 54.05 14.59
CA SER C 326 56.23 53.51 13.25
C SER C 326 54.74 53.47 12.95
N PHE C 327 53.93 53.07 13.93
CA PHE C 327 52.49 52.98 13.70
C PHE C 327 51.90 54.32 13.31
N VAL C 328 52.51 55.43 13.75
CA VAL C 328 52.02 56.74 13.37
C VAL C 328 52.12 56.92 11.86
N ASN C 329 53.25 56.54 11.28
CA ASN C 329 53.45 56.69 9.85
C ASN C 329 52.74 55.62 9.04
N GLU C 330 52.55 54.43 9.61
CA GLU C 330 52.03 53.31 8.82
C GLU C 330 50.58 53.52 8.39
N THR C 331 49.86 54.46 9.00
CA THR C 331 48.49 54.78 8.62
C THR C 331 48.44 56.15 7.99
N GLY C 332 47.24 56.55 7.57
CA GLY C 332 47.06 57.84 6.96
C GLY C 332 45.61 58.19 6.65
N ILE C 333 45.21 59.41 7.01
CA ILE C 333 43.88 59.92 6.70
C ILE C 333 44.02 61.34 6.20
N GLU C 334 43.01 61.80 5.47
CA GLU C 334 43.01 63.16 4.95
C GLU C 334 41.58 63.67 4.87
N VAL C 335 41.41 64.96 5.19
CA VAL C 335 40.13 65.64 5.07
C VAL C 335 40.24 66.60 3.90
N ASN C 336 39.40 66.42 2.89
CA ASN C 336 39.45 67.21 1.67
C ASN C 336 38.06 67.68 1.31
N TYR C 337 37.99 68.88 0.71
CA TYR C 337 36.74 69.38 0.17
C TYR C 337 36.11 68.36 -0.78
N ALA C 338 36.93 67.63 -1.53
CA ALA C 338 36.42 66.66 -2.48
C ALA C 338 35.81 65.46 -1.76
N TYR C 339 36.44 65.02 -0.67
CA TYR C 339 36.03 63.78 -0.02
C TYR C 339 36.79 63.63 1.29
N ILE C 340 36.46 62.57 2.02
CA ILE C 340 37.21 62.13 3.19
C ILE C 340 37.72 60.73 2.87
N LYS C 341 39.03 60.53 3.01
CA LYS C 341 39.67 59.31 2.57
C LYS C 341 40.68 58.84 3.61
N GLY C 342 40.68 57.53 3.86
CA GLY C 342 41.64 56.91 4.76
C GLY C 342 42.53 55.94 4.00
N LYS C 343 43.81 55.93 4.35
CA LYS C 343 44.80 55.13 3.65
C LYS C 343 45.70 54.40 4.63
N ILE C 344 46.26 53.28 4.17
CA ILE C 344 47.24 52.51 4.92
C ILE C 344 48.56 52.55 4.15
N LYS C 345 49.65 52.86 4.85
CA LYS C 345 50.96 52.86 4.24
C LYS C 345 51.43 51.42 4.05
N ASP C 346 51.57 51.02 2.79
CA ASP C 346 52.05 49.68 2.42
C ASP C 346 53.32 49.87 1.61
N GLY C 347 54.47 49.68 2.25
CA GLY C 347 55.72 49.92 1.57
C GLY C 347 55.83 51.39 1.19
N SER C 348 56.05 51.65 -0.09
CA SER C 348 56.20 53.01 -0.59
C SER C 348 54.89 53.60 -1.10
N THR C 349 53.79 52.87 -1.04
CA THR C 349 52.51 53.32 -1.56
C THR C 349 51.45 53.31 -0.47
N TRP C 350 50.30 53.88 -0.80
CA TRP C 350 49.18 53.99 0.13
C TRP C 350 47.94 53.39 -0.52
N LYS C 351 47.25 52.54 0.23
CA LYS C 351 46.04 51.88 -0.26
C LYS C 351 44.81 52.50 0.39
N GLN C 352 43.83 52.86 -0.43
CA GLN C 352 42.60 53.44 0.08
C GLN C 352 41.87 52.43 0.96
N THR C 353 41.36 52.92 2.09
CA THR C 353 40.57 52.12 3.02
C THR C 353 39.08 52.44 2.93
N PHE C 354 38.71 53.70 3.03
CA PHE C 354 37.32 54.12 2.93
C PHE C 354 37.28 55.52 2.31
N LEU C 355 36.25 55.77 1.53
CA LEU C 355 36.09 57.03 0.82
C LEU C 355 34.69 57.58 1.07
N ILE C 356 34.57 58.90 1.09
CA ILE C 356 33.30 59.59 1.28
C ILE C 356 33.29 60.76 0.29
N ASP C 357 32.60 60.59 -0.83
CA ASP C 357 32.61 61.61 -1.87
C ASP C 357 31.66 62.76 -1.51
N ALA C 358 32.04 63.97 -1.94
CA ALA C 358 31.21 65.14 -1.72
C ALA C 358 30.08 65.22 -2.74
N ALA C 359 30.41 65.07 -4.03
CA ALA C 359 29.40 65.18 -5.07
C ALA C 359 28.28 64.16 -4.87
N THR C 360 28.65 62.92 -4.54
CA THR C 360 27.70 61.86 -4.30
C THR C 360 27.94 61.30 -2.91
N GLY C 361 26.86 60.98 -2.20
CA GLY C 361 26.98 60.39 -0.88
C GLY C 361 27.35 58.92 -0.95
N ALA C 362 28.43 58.60 -1.65
CA ALA C 362 28.90 57.23 -1.78
C ALA C 362 30.00 56.99 -0.77
N ILE C 363 29.89 55.89 -0.02
CA ILE C 363 30.86 55.54 1.01
C ILE C 363 31.30 54.11 0.72
N ASN C 364 32.51 53.96 0.20
CA ASN C 364 33.11 52.64 0.06
C ASN C 364 33.89 52.31 1.33
N ILE C 365 33.68 51.10 1.85
CA ILE C 365 34.28 50.69 3.11
C ILE C 365 35.12 49.45 2.84
N GLY C 366 36.38 49.48 3.28
CA GLY C 366 37.24 48.32 3.19
C GLY C 366 38.41 48.48 2.25
N LEU C 367 39.48 47.73 2.51
CA LEU C 367 40.65 47.75 1.63
C LEU C 367 40.26 47.23 0.25
N LEU C 368 40.75 47.90 -0.78
CA LEU C 368 40.34 47.57 -2.14
C LEU C 368 40.93 46.24 -2.58
N ASP C 369 40.16 45.52 -3.39
CA ASP C 369 40.63 44.28 -3.98
C ASP C 369 41.66 44.57 -5.07
N ALA C 370 42.45 43.54 -5.39
CA ALA C 370 43.43 43.67 -6.46
C ALA C 370 42.78 44.17 -7.75
N GLU C 371 41.55 43.74 -8.02
CA GLU C 371 40.80 44.21 -9.17
C GLU C 371 40.05 45.51 -8.89
N GLY C 372 40.13 46.04 -7.68
CA GLY C 372 39.48 47.28 -7.33
C GLY C 372 38.07 47.14 -6.80
N LYS C 373 37.60 45.92 -6.55
CA LYS C 373 36.26 45.72 -6.02
C LYS C 373 36.24 46.06 -4.54
N ALA C 374 35.52 47.11 -4.18
CA ALA C 374 35.39 47.47 -2.78
C ALA C 374 34.47 46.47 -2.08
N PRO C 375 34.75 46.12 -0.82
CA PRO C 375 33.86 45.17 -0.13
C PRO C 375 32.44 45.69 0.02
N ILE C 376 32.26 46.89 0.57
CA ILE C 376 30.96 47.49 0.79
C ILE C 376 30.90 48.78 0.00
N SER C 377 29.81 48.97 -0.74
CA SER C 377 29.62 50.15 -1.57
C SER C 377 28.22 50.71 -1.38
N PHE C 378 28.07 52.00 -1.63
CA PHE C 378 26.82 52.72 -1.46
C PHE C 378 26.57 53.58 -2.69
N ASP C 379 25.30 53.91 -2.93
CA ASP C 379 24.98 54.81 -4.02
C ASP C 379 23.63 55.48 -3.81
N PRO C 380 23.59 56.68 -3.21
CA PRO C 380 22.32 57.40 -3.13
C PRO C 380 21.76 57.79 -4.49
N VAL C 381 22.61 57.89 -5.52
CA VAL C 381 22.13 58.26 -6.84
C VAL C 381 21.13 57.21 -7.35
N LYS C 382 21.50 55.95 -7.25
CA LYS C 382 20.59 54.86 -7.58
C LYS C 382 19.77 54.39 -6.39
N LYS C 383 19.96 55.01 -5.22
CA LYS C 383 19.22 54.67 -4.01
C LYS C 383 19.41 53.20 -3.64
N ILE C 384 20.63 52.71 -3.81
CA ILE C 384 20.94 51.31 -3.54
C ILE C 384 22.05 51.24 -2.50
N VAL C 385 21.99 50.22 -1.66
CA VAL C 385 23.02 49.91 -0.68
C VAL C 385 23.60 48.56 -1.07
N ASN C 386 24.87 48.54 -1.44
CA ASN C 386 25.49 47.37 -2.05
C ASN C 386 26.54 46.79 -1.11
N VAL C 387 26.27 45.59 -0.62
CA VAL C 387 27.16 44.91 0.32
C VAL C 387 27.46 43.52 -0.21
N ASP C 388 28.75 43.23 -0.40
CA ASP C 388 29.21 41.91 -0.80
C ASP C 388 29.56 41.12 0.44
N GLY C 389 28.93 39.97 0.61
CA GLY C 389 29.17 39.13 1.78
C GLY C 389 27.89 38.71 2.46
N SER C 390 27.71 39.14 3.70
CA SER C 390 26.54 38.73 4.47
C SER C 390 25.99 39.95 5.22
N VAL C 391 24.71 39.87 5.56
CA VAL C 391 24.02 40.89 6.34
C VAL C 391 23.27 40.20 7.47
N ILE C 392 23.50 40.66 8.69
CA ILE C 392 22.89 40.08 9.89
C ILE C 392 22.04 41.17 10.54
N THR C 393 20.74 40.90 10.69
CA THR C 393 19.83 41.84 11.31
C THR C 393 18.84 41.07 12.16
N LYS C 394 18.36 41.71 13.23
CA LYS C 394 17.33 41.08 14.06
C LYS C 394 16.08 40.80 13.25
N THR C 395 15.68 41.76 12.39
CA THR C 395 14.55 41.57 11.51
C THR C 395 14.75 42.46 10.29
N ILE C 396 13.95 42.20 9.26
CA ILE C 396 13.99 42.99 8.04
C ILE C 396 12.56 43.21 7.57
N ASN C 397 12.24 44.44 7.19
CA ASN C 397 10.95 44.80 6.61
C ASN C 397 11.17 45.23 5.17
N ALA C 398 10.40 44.69 4.24
CA ALA C 398 10.55 45.01 2.84
C ALA C 398 9.24 44.76 2.12
N ALA C 399 9.25 45.06 0.81
CA ALA C 399 8.10 44.83 -0.04
C ALA C 399 8.37 43.82 -1.15
N ASN C 400 9.62 43.43 -1.38
CA ASN C 400 9.94 42.50 -2.46
C ASN C 400 11.24 41.79 -2.11
N PHE C 401 11.13 40.54 -1.67
CA PHE C 401 12.30 39.69 -1.45
C PHE C 401 12.57 38.93 -2.74
N VAL C 402 13.24 39.62 -3.67
CA VAL C 402 13.49 39.09 -5.00
C VAL C 402 14.85 38.41 -4.98
N MET C 403 14.86 37.10 -4.78
CA MET C 403 16.12 36.37 -4.80
C MET C 403 16.76 36.47 -6.18
N THR C 404 18.09 36.50 -6.20
CA THR C 404 18.85 36.70 -7.42
C THR C 404 20.00 35.70 -7.49
N ASN C 405 20.33 35.28 -8.71
CA ASN C 405 21.50 34.45 -8.96
C ASN C 405 22.68 35.39 -9.23
N LEU C 406 23.20 35.96 -8.14
CA LEU C 406 24.23 36.99 -8.27
C LEU C 406 25.49 36.43 -8.90
N THR C 407 25.94 35.26 -8.44
CA THR C 407 27.13 34.65 -9.01
C THR C 407 26.75 33.80 -10.23
N GLY C 408 27.76 33.41 -11.00
CA GLY C 408 27.52 32.61 -12.18
C GLY C 408 26.81 31.30 -11.88
N GLN C 409 27.19 30.63 -10.78
CA GLN C 409 26.67 29.30 -10.46
C GLN C 409 25.95 29.28 -9.12
N ASP C 410 25.38 30.40 -8.68
CA ASP C 410 24.73 30.44 -7.39
C ASP C 410 23.36 29.76 -7.46
N ASN C 411 22.81 29.45 -6.28
CA ASN C 411 21.50 28.83 -6.16
C ASN C 411 20.62 29.66 -5.23
N PRO C 412 19.88 30.63 -5.77
CA PRO C 412 19.01 31.43 -4.90
C PRO C 412 18.00 30.55 -4.17
N ALA C 413 17.76 30.87 -2.91
CA ALA C 413 16.82 30.11 -2.09
C ALA C 413 16.65 30.78 -0.75
N ILE C 414 15.55 30.46 -0.08
CA ILE C 414 15.26 30.89 1.28
C ILE C 414 15.13 29.64 2.12
N TYR C 415 15.83 29.60 3.25
CA TYR C 415 15.84 28.41 4.08
C TYR C 415 16.28 28.76 5.48
N THR C 416 16.02 27.84 6.40
CA THR C 416 16.60 27.92 7.73
C THR C 416 18.07 27.52 7.68
N GLN C 417 18.86 28.14 8.54
CA GLN C 417 20.30 27.99 8.49
C GLN C 417 20.71 26.53 8.67
N GLY C 418 21.64 26.08 7.84
CA GLY C 418 22.07 24.70 7.87
C GLY C 418 21.00 23.71 7.47
N LYS C 419 20.28 24.01 6.39
CA LYS C 419 19.24 23.13 5.86
C LYS C 419 19.45 22.96 4.37
N THR C 420 19.21 21.74 3.88
CA THR C 420 19.31 21.43 2.47
C THR C 420 18.13 20.55 2.06
N TRP C 421 17.75 20.66 0.80
CA TRP C 421 16.62 19.89 0.29
C TRP C 421 16.94 18.40 0.34
N GLY C 422 15.91 17.60 0.57
CA GLY C 422 16.11 16.16 0.66
C GLY C 422 17.11 15.78 1.73
N ASP C 423 17.01 16.38 2.91
CA ASP C 423 17.94 16.16 4.00
C ASP C 423 17.17 15.83 5.26
N THR C 424 17.86 15.20 6.21
CA THR C 424 17.23 14.78 7.46
C THR C 424 17.01 15.93 8.43
N LYS C 425 17.55 17.12 8.15
CA LYS C 425 17.34 18.25 9.03
C LYS C 425 15.86 18.62 9.07
N SER C 426 15.52 19.51 10.00
CA SER C 426 14.14 19.90 10.26
C SER C 426 13.84 21.31 9.80
N GLY C 427 14.49 21.78 8.74
CA GLY C 427 14.31 23.13 8.25
C GLY C 427 13.38 23.21 7.06
N ILE C 428 13.28 24.42 6.52
CA ILE C 428 12.49 24.72 5.32
C ILE C 428 13.47 25.13 4.23
N TRP C 429 13.23 24.64 3.01
CA TRP C 429 14.05 25.01 1.86
C TRP C 429 13.15 25.37 0.69
N MET C 430 13.43 26.51 0.05
CA MET C 430 12.68 26.95 -1.11
C MET C 430 13.59 27.77 -1.99
N GLY C 431 13.67 27.42 -3.26
CA GLY C 431 14.52 28.13 -4.19
C GLY C 431 14.63 27.39 -5.50
N MET C 432 15.51 27.90 -6.36
CA MET C 432 15.74 27.36 -7.69
C MET C 432 17.01 26.51 -7.67
N ASP C 433 16.89 25.25 -8.06
CA ASP C 433 18.02 24.33 -8.12
C ASP C 433 18.63 24.43 -9.50
N ASN C 434 19.68 25.23 -9.64
CA ASN C 434 20.31 25.43 -10.93
C ASN C 434 20.91 24.15 -11.48
N VAL C 435 21.24 23.18 -10.63
CA VAL C 435 21.84 21.94 -11.10
C VAL C 435 20.86 21.20 -12.02
N THR C 436 19.63 21.03 -11.57
CA THR C 436 18.57 20.42 -12.37
C THR C 436 17.66 21.45 -13.01
N ALA C 437 17.87 22.73 -12.73
CA ALA C 437 17.06 23.80 -13.33
C ALA C 437 15.57 23.59 -13.05
N LYS C 438 15.25 23.22 -11.82
CA LYS C 438 13.87 23.07 -11.39
C LYS C 438 13.70 23.66 -10.00
N PRO C 439 12.54 24.23 -9.70
CA PRO C 439 12.29 24.68 -8.32
C PRO C 439 12.20 23.50 -7.37
N LYS C 440 12.54 23.76 -6.10
CA LYS C 440 12.55 22.74 -5.07
C LYS C 440 11.86 23.27 -3.82
N LEU C 441 11.40 22.33 -3.00
CA LEU C 441 10.70 22.68 -1.77
C LEU C 441 10.81 21.52 -0.78
N ASP C 442 10.83 21.85 0.50
CA ASP C 442 10.79 20.83 1.55
C ASP C 442 10.44 21.51 2.87
N ILE C 443 9.34 21.09 3.48
CA ILE C 443 8.93 21.57 4.79
C ILE C 443 8.68 20.36 5.67
N GLY C 444 9.48 20.21 6.72
CA GLY C 444 9.29 19.17 7.70
C GLY C 444 10.59 18.47 8.05
N ASN C 445 10.47 17.54 8.99
CA ASN C 445 11.60 16.76 9.46
C ASN C 445 11.89 15.62 8.48
N ALA C 446 12.73 14.67 8.89
CA ALA C 446 13.10 13.58 8.00
C ALA C 446 11.90 12.73 7.63
N THR C 447 11.01 12.46 8.58
CA THR C 447 9.89 11.56 8.34
C THR C 447 8.67 12.31 7.82
N GLN C 448 8.17 13.27 8.58
CA GLN C 448 6.99 14.05 8.22
C GLN C 448 7.45 15.30 7.47
N TYR C 449 7.11 15.37 6.19
CA TYR C 449 7.61 16.45 5.34
C TYR C 449 6.67 16.66 4.17
N ILE C 450 6.81 17.81 3.53
CA ILE C 450 6.13 18.13 2.28
C ILE C 450 7.23 18.47 1.29
N ARG C 451 7.67 17.47 0.53
CA ARG C 451 8.78 17.63 -0.41
C ARG C 451 8.24 17.70 -1.82
N TYR C 452 8.64 18.73 -2.56
CA TYR C 452 8.21 18.94 -3.93
C TYR C 452 9.41 19.10 -4.83
N ASP C 453 9.47 18.31 -5.90
CA ASP C 453 10.39 18.52 -7.00
C ASP C 453 9.59 18.77 -8.26
N GLY C 454 10.15 19.56 -9.17
CA GLY C 454 9.41 19.97 -10.34
C GLY C 454 8.72 18.81 -11.04
N ASN C 455 9.36 17.64 -11.04
CA ASN C 455 8.77 16.48 -11.68
C ASN C 455 7.61 15.91 -10.87
N ILE C 456 7.77 15.79 -9.55
CA ILE C 456 6.81 15.07 -8.73
C ILE C 456 6.77 15.70 -7.35
N LEU C 457 5.60 15.62 -6.72
CA LEU C 457 5.38 16.11 -5.36
C LEU C 457 5.11 14.94 -4.44
N ARG C 458 5.71 14.97 -3.25
CA ARG C 458 5.51 13.94 -2.24
C ARG C 458 5.13 14.60 -0.92
N ILE C 459 4.06 14.12 -0.31
CA ILE C 459 3.58 14.60 0.98
C ILE C 459 3.55 13.42 1.93
N SER C 460 4.52 13.35 2.83
CA SER C 460 4.60 12.22 3.75
C SER C 460 3.50 12.27 4.79
N SER C 461 3.25 13.44 5.37
CA SER C 461 2.33 13.55 6.49
C SER C 461 0.88 13.32 6.03
N GLU C 462 0.04 12.97 7.00
CA GLU C 462 -1.39 12.82 6.73
C GLU C 462 -1.96 14.15 6.27
N VAL C 463 -2.90 14.08 5.33
CA VAL C 463 -3.46 15.27 4.70
C VAL C 463 -4.98 15.25 4.88
N VAL C 464 -5.53 16.42 5.21
CA VAL C 464 -6.97 16.61 5.35
C VAL C 464 -7.37 17.72 4.39
N ILE C 465 -8.45 17.50 3.65
CA ILE C 465 -8.98 18.46 2.68
C ILE C 465 -10.38 18.85 3.10
N GLY C 466 -10.63 20.15 3.15
CA GLY C 466 -11.92 20.65 3.57
C GLY C 466 -12.11 20.51 5.07
N THR C 467 -13.33 20.83 5.51
CA THR C 467 -13.70 20.74 6.92
C THR C 467 -15.04 20.03 7.04
N PRO C 468 -15.31 19.40 8.18
CA PRO C 468 -16.62 18.77 8.37
C PRO C 468 -17.73 19.79 8.22
N ASN C 469 -18.84 19.34 7.63
CA ASN C 469 -19.99 20.21 7.39
C ASN C 469 -19.61 21.42 6.54
N GLY C 470 -18.66 21.20 5.61
CA GLY C 470 -18.22 22.28 4.76
C GLY C 470 -19.31 22.82 3.87
N ASP C 471 -20.23 21.96 3.44
CA ASP C 471 -21.34 22.35 2.56
C ASP C 471 -22.68 22.05 3.21
N ILE C 472 -22.77 22.34 4.51
CA ILE C 472 -24.02 22.16 5.24
C ILE C 472 -24.93 23.35 4.98
N ASP C 473 -26.24 23.09 4.89
CA ASP C 473 -27.20 24.17 4.70
C ASP C 473 -27.27 25.00 5.97
N ILE C 474 -27.08 26.31 5.84
CA ILE C 474 -27.07 27.19 7.00
C ILE C 474 -28.48 27.33 7.57
N GLN C 475 -29.48 27.45 6.71
CA GLN C 475 -30.84 27.67 7.17
C GLN C 475 -31.38 26.46 7.92
N THR C 476 -31.02 25.26 7.47
CA THR C 476 -31.54 24.03 8.06
C THR C 476 -30.41 23.04 8.29
N GLY C 477 -30.49 22.32 9.41
CA GLY C 477 -29.51 21.31 9.75
C GLY C 477 -29.84 19.97 9.11
N ILE C 478 -29.19 18.93 9.63
CA ILE C 478 -29.37 17.57 9.15
C ILE C 478 -29.65 16.66 10.33
N GLN C 479 -30.20 15.49 10.05
CA GLN C 479 -30.63 14.58 11.11
C GLN C 479 -31.09 13.27 10.47
N GLY C 480 -31.11 12.22 11.26
CA GLY C 480 -31.54 10.91 10.80
C GLY C 480 -32.32 10.18 11.88
N LYS C 481 -33.28 9.36 11.44
CA LYS C 481 -34.17 8.68 12.36
C LYS C 481 -34.70 7.41 11.69
N GLN C 482 -35.02 6.41 12.53
CA GLN C 482 -35.56 5.14 12.07
C GLN C 482 -36.79 4.77 12.89
N THR C 483 -37.75 4.13 12.25
CA THR C 483 -39.01 3.78 12.90
C THR C 483 -39.47 2.39 12.49
N VAL C 484 -40.09 1.68 13.42
CA VAL C 484 -40.73 0.39 13.17
C VAL C 484 -42.19 0.55 13.54
N PHE C 485 -43.08 0.38 12.57
CA PHE C 485 -44.50 0.66 12.76
C PHE C 485 -45.31 -0.61 12.57
N ILE C 486 -46.15 -0.92 13.55
CA ILE C 486 -47.06 -2.06 13.49
C ILE C 486 -48.39 -1.52 12.97
N TYR C 487 -48.79 -1.95 11.78
CA TYR C 487 -49.86 -1.30 11.04
C TYR C 487 -51.11 -2.15 10.83
N ILE C 488 -51.00 -3.32 10.22
CA ILE C 488 -52.18 -4.06 9.79
C ILE C 488 -52.53 -5.13 10.83
N ILE C 489 -53.76 -5.60 10.76
CA ILE C 489 -54.22 -6.71 11.58
C ILE C 489 -54.83 -7.84 10.76
N GLY C 490 -55.00 -7.66 9.45
CA GLY C 490 -55.64 -8.68 8.66
C GLY C 490 -54.88 -10.00 8.68
N THR C 491 -55.63 -11.09 8.48
CA THR C 491 -55.02 -12.42 8.53
C THR C 491 -54.09 -12.65 7.35
N SER C 492 -54.55 -12.34 6.14
CA SER C 492 -53.73 -12.57 4.96
C SER C 492 -52.56 -11.61 4.91
N LEU C 493 -51.50 -12.04 4.24
CA LEU C 493 -50.32 -11.20 4.12
C LEU C 493 -50.67 -9.93 3.36
N PRO C 494 -50.26 -8.75 3.84
CA PRO C 494 -50.64 -7.51 3.16
C PRO C 494 -49.73 -7.16 2.00
N ALA C 495 -49.95 -6.00 1.39
CA ALA C 495 -49.13 -5.48 0.32
C ALA C 495 -48.18 -4.42 0.86
N LYS C 496 -47.00 -4.34 0.27
CA LYS C 496 -46.01 -3.37 0.72
C LYS C 496 -46.54 -1.96 0.46
N PRO C 497 -46.55 -1.08 1.46
CA PRO C 497 -46.99 0.30 1.22
C PRO C 497 -46.10 1.00 0.21
N THR C 498 -46.71 1.89 -0.57
CA THR C 498 -46.00 2.66 -1.57
C THR C 498 -46.00 4.17 -1.29
N SER C 499 -46.58 4.59 -0.16
CA SER C 499 -46.65 6.01 0.17
C SER C 499 -45.54 6.35 1.15
N PRO C 500 -44.61 7.24 0.82
CA PRO C 500 -43.53 7.57 1.75
C PRO C 500 -44.00 8.32 2.99
N ALA C 501 -45.28 8.67 3.09
CA ALA C 501 -45.78 9.32 4.29
C ALA C 501 -45.61 8.40 5.50
N TYR C 502 -45.26 9.00 6.63
CA TYR C 502 -44.88 8.20 7.79
C TYR C 502 -45.96 7.20 8.18
N PRO C 503 -47.23 7.57 8.30
CA PRO C 503 -48.28 6.56 8.25
C PRO C 503 -48.61 6.19 6.81
N PRO C 504 -48.24 4.99 6.36
CA PRO C 504 -48.54 4.63 4.97
C PRO C 504 -49.97 4.13 4.79
N SER C 505 -50.70 4.71 3.85
CA SER C 505 -52.06 4.27 3.51
C SER C 505 -52.95 4.20 4.75
N GLY C 506 -52.88 5.23 5.58
CA GLY C 506 -53.73 5.31 6.75
C GLY C 506 -53.49 4.16 7.71
N TRP C 507 -52.32 4.14 8.34
CA TRP C 507 -51.91 3.04 9.19
C TRP C 507 -51.41 3.56 10.53
N SER C 508 -51.78 2.86 11.60
CA SER C 508 -51.37 3.24 12.94
C SER C 508 -49.92 2.83 13.19
N LYS C 509 -49.13 3.78 13.69
CA LYS C 509 -47.75 3.45 14.04
C LYS C 509 -47.70 2.45 15.18
N THR C 510 -48.53 2.63 16.20
CA THR C 510 -48.55 1.72 17.33
C THR C 510 -49.32 0.45 16.97
N PRO C 511 -49.09 -0.63 17.69
CA PRO C 511 -49.82 -1.88 17.40
C PRO C 511 -51.31 -1.69 17.58
N PRO C 512 -52.08 -1.80 16.50
CA PRO C 512 -53.54 -1.70 16.63
C PRO C 512 -54.10 -2.88 17.40
N ASN C 513 -55.22 -2.63 18.08
CA ASN C 513 -55.89 -3.69 18.82
C ASN C 513 -56.24 -4.84 17.89
N ARG C 514 -55.94 -6.06 18.33
CA ARG C 514 -56.09 -7.25 17.51
C ARG C 514 -57.25 -8.09 18.04
N THR C 515 -58.12 -8.52 17.14
CA THR C 515 -59.20 -9.42 17.48
C THR C 515 -58.77 -10.87 17.21
N SER C 516 -59.61 -11.80 17.64
CA SER C 516 -59.27 -13.21 17.52
C SER C 516 -59.11 -13.60 16.06
N ASN C 517 -58.11 -14.45 15.79
CA ASN C 517 -57.89 -15.04 14.48
C ASN C 517 -57.46 -14.01 13.44
N THR C 518 -57.09 -12.81 13.86
CA THR C 518 -56.58 -11.77 12.98
C THR C 518 -55.09 -11.59 13.27
N GLN C 519 -54.27 -11.67 12.24
CA GLN C 519 -52.82 -11.71 12.39
C GLN C 519 -52.24 -10.30 12.21
N ASN C 520 -51.39 -9.91 13.15
CA ASN C 520 -50.74 -8.61 13.10
C ASN C 520 -49.47 -8.70 12.27
N ILE C 521 -49.38 -7.88 11.23
CA ILE C 521 -48.23 -7.85 10.33
C ILE C 521 -47.72 -6.42 10.26
N TYR C 522 -46.40 -6.26 10.32
CA TYR C 522 -45.76 -4.95 10.45
C TYR C 522 -44.63 -4.82 9.44
N CYS C 523 -44.07 -3.62 9.40
CA CYS C 523 -42.92 -3.32 8.54
C CYS C 523 -42.09 -2.22 9.18
N SER C 524 -40.85 -2.11 8.74
CA SER C 524 -39.91 -1.12 9.25
C SER C 524 -39.33 -0.33 8.10
N THR C 525 -38.95 0.91 8.39
CA THR C 525 -38.42 1.83 7.39
C THR C 525 -36.90 1.84 7.42
N GLY C 526 -36.30 2.11 6.25
CA GLY C 526 -34.86 2.31 6.22
C GLY C 526 -34.45 3.52 7.03
N THR C 527 -35.24 4.59 6.97
CA THR C 527 -34.98 5.80 7.75
C THR C 527 -36.17 6.73 7.61
N LEU C 528 -36.31 7.62 8.59
CA LEU C 528 -37.36 8.63 8.59
C LEU C 528 -36.72 10.00 8.74
N ASP C 529 -37.11 10.93 7.87
CA ASP C 529 -36.58 12.29 7.95
C ASP C 529 -37.40 13.07 8.97
N PRO C 530 -36.84 13.37 10.15
CA PRO C 530 -37.66 14.06 11.17
C PRO C 530 -38.22 15.39 10.72
N VAL C 531 -37.46 16.16 9.94
CA VAL C 531 -37.94 17.48 9.54
C VAL C 531 -39.16 17.36 8.64
N THR C 532 -39.13 16.44 7.67
CA THR C 532 -40.27 16.21 6.80
C THR C 532 -41.24 15.18 7.35
N ASN C 533 -40.88 14.48 8.42
CA ASN C 533 -41.76 13.49 9.04
C ASN C 533 -42.30 12.52 8.00
N GLN C 534 -41.44 12.08 7.09
CA GLN C 534 -41.83 11.11 6.08
C GLN C 534 -40.59 10.38 5.60
N LEU C 535 -40.83 9.25 4.96
CA LEU C 535 -39.74 8.36 4.58
C LEU C 535 -38.81 9.04 3.58
N VAL C 536 -37.50 8.92 3.83
CA VAL C 536 -36.51 9.57 2.99
C VAL C 536 -36.57 9.00 1.58
N SER C 537 -36.40 9.88 0.58
CA SER C 537 -36.50 9.47 -0.81
C SER C 537 -35.43 8.47 -1.20
N GLY C 538 -34.33 8.39 -0.46
CA GLY C 538 -33.29 7.43 -0.79
C GLY C 538 -33.74 5.99 -0.65
N THR C 539 -34.62 5.72 0.31
CA THR C 539 -35.01 4.35 0.64
C THR C 539 -36.52 4.21 0.51
N SER C 540 -37.00 3.00 0.84
CA SER C 540 -38.42 2.70 0.87
C SER C 540 -38.68 1.74 2.03
N TRP C 541 -39.91 1.26 2.12
CA TRP C 541 -40.28 0.34 3.19
C TRP C 541 -39.68 -1.04 2.94
N SER C 542 -39.38 -1.74 4.03
CA SER C 542 -38.79 -3.07 3.95
C SER C 542 -39.88 -4.11 3.71
N ASP C 543 -39.45 -5.35 3.52
CA ASP C 543 -40.41 -6.43 3.29
C ASP C 543 -41.23 -6.67 4.56
N VAL C 544 -42.51 -6.99 4.37
CA VAL C 544 -43.41 -7.19 5.49
C VAL C 544 -43.20 -8.57 6.10
N VAL C 545 -43.67 -8.72 7.33
CA VAL C 545 -43.61 -9.99 8.03
C VAL C 545 -44.56 -9.92 9.22
N GLN C 546 -45.19 -11.05 9.53
CA GLN C 546 -46.09 -11.08 10.69
C GLN C 546 -45.31 -10.74 11.95
N TRP C 547 -45.85 -9.83 12.74
CA TRP C 547 -45.13 -9.37 13.93
C TRP C 547 -45.13 -10.44 15.00
N SER C 548 -44.00 -10.56 15.69
CA SER C 548 -43.85 -11.46 16.82
C SER C 548 -43.17 -10.70 17.95
N GLY C 549 -43.34 -11.21 19.17
CA GLY C 549 -42.73 -10.59 20.33
C GLY C 549 -41.22 -10.48 20.19
N THR C 550 -40.69 -9.27 20.29
CA THR C 550 -39.25 -9.04 20.20
C THR C 550 -38.76 -8.32 21.45
N GLN C 562 -24.61 -7.45 13.22
CA GLN C 562 -25.63 -6.50 13.64
C GLN C 562 -25.60 -5.25 12.75
N ARG C 563 -25.53 -4.08 13.37
CA ARG C 563 -25.50 -2.83 12.61
C ARG C 563 -24.27 -2.80 11.71
N GLY C 564 -24.45 -2.24 10.52
CA GLY C 564 -23.35 -2.14 9.57
C GLY C 564 -22.48 -0.92 9.83
N PRO C 565 -21.49 -0.74 8.97
CA PRO C 565 -20.59 0.40 9.11
C PRO C 565 -21.30 1.71 8.79
N GLY C 566 -20.75 2.79 9.35
CA GLY C 566 -21.30 4.11 9.10
C GLY C 566 -20.30 5.19 9.49
N MET C 567 -20.42 6.33 8.82
CA MET C 567 -19.55 7.47 9.06
C MET C 567 -20.22 8.42 10.03
N TYR C 568 -19.41 9.05 10.88
CA TYR C 568 -19.94 9.91 11.94
C TYR C 568 -18.94 11.02 12.23
N SER C 569 -19.42 12.07 12.85
CA SER C 569 -18.60 13.17 13.33
C SER C 569 -19.00 13.50 14.76
N LEU C 570 -18.02 13.89 15.57
CA LEU C 570 -18.25 14.21 16.97
C LEU C 570 -17.60 15.55 17.31
N ALA C 571 -18.22 16.28 18.21
CA ALA C 571 -17.73 17.58 18.67
C ALA C 571 -17.18 17.44 20.08
N ILE C 572 -16.02 18.01 20.33
CA ILE C 572 -15.36 17.96 21.63
C ILE C 572 -15.12 19.39 22.10
N ALA C 573 -15.19 19.59 23.42
CA ALA C 573 -15.04 20.92 23.97
C ALA C 573 -13.68 21.52 23.62
N ASN C 574 -12.61 20.80 23.90
CA ASN C 574 -11.25 21.29 23.64
C ASN C 574 -10.41 20.09 23.19
N LEU C 575 -10.20 19.97 21.89
CA LEU C 575 -9.53 18.83 21.30
C LEU C 575 -8.18 19.26 20.75
N THR C 576 -7.15 18.48 21.05
CA THR C 576 -5.82 18.68 20.48
C THR C 576 -5.33 17.38 19.87
N ALA C 577 -5.77 16.25 20.41
CA ALA C 577 -5.38 14.93 19.92
C ALA C 577 -6.56 13.99 19.99
N TRP C 578 -6.51 12.95 19.17
CA TRP C 578 -7.57 11.95 19.17
C TRP C 578 -7.65 11.26 20.52
N ASN C 579 -8.86 10.86 20.91
CA ASN C 579 -9.09 10.16 22.17
C ASN C 579 -9.91 8.92 21.88
N ASP C 580 -9.30 7.74 22.02
CA ASP C 580 -10.02 6.49 21.80
C ASP C 580 -11.14 6.32 22.82
N SER C 581 -10.88 6.67 24.08
CA SER C 581 -11.86 6.45 25.13
C SER C 581 -13.15 7.22 24.84
N GLN C 582 -13.02 8.47 24.38
CA GLN C 582 -14.21 9.25 24.09
C GLN C 582 -15.02 8.63 22.96
N ALA C 583 -14.34 8.14 21.92
CA ALA C 583 -15.06 7.47 20.83
C ALA C 583 -15.78 6.23 21.32
N ASN C 584 -15.12 5.41 22.14
CA ASN C 584 -15.76 4.22 22.68
C ASN C 584 -16.98 4.60 23.51
N SER C 585 -16.84 5.62 24.36
CA SER C 585 -17.97 6.06 25.17
C SER C 585 -19.11 6.56 24.31
N PHE C 586 -18.79 7.27 23.22
CA PHE C 586 -19.83 7.77 22.33
C PHE C 586 -20.61 6.61 21.70
N PHE C 587 -19.89 5.64 21.14
CA PHE C 587 -20.57 4.48 20.56
C PHE C 587 -21.40 3.74 21.60
N THR C 588 -20.85 3.55 22.80
CA THR C 588 -21.60 2.85 23.83
C THR C 588 -22.86 3.62 24.20
N SER C 589 -22.76 4.94 24.32
CA SER C 589 -23.91 5.75 24.73
C SER C 589 -25.00 5.69 23.68
N ASN C 590 -24.65 5.90 22.42
CA ASN C 590 -25.68 5.93 21.38
C ASN C 590 -26.32 4.56 21.18
N PHE C 591 -25.49 3.51 21.05
CA PHE C 591 -25.98 2.19 20.70
C PHE C 591 -25.87 1.17 21.82
N GLY C 592 -24.90 1.30 22.72
CA GLY C 592 -24.70 0.33 23.77
C GLY C 592 -23.91 -0.89 23.36
N SER C 593 -23.47 -0.97 22.10
CA SER C 593 -22.70 -2.10 21.62
C SER C 593 -21.29 -1.73 21.20
N GLY C 594 -20.90 -0.46 21.31
CA GLY C 594 -19.57 -0.04 20.97
C GLY C 594 -19.35 0.03 19.48
N PRO C 595 -18.08 0.10 19.06
CA PRO C 595 -17.78 0.21 17.63
C PRO C 595 -18.03 -1.09 16.89
N VAL C 596 -18.04 -0.98 15.56
CA VAL C 596 -18.07 -2.13 14.66
C VAL C 596 -17.03 -1.89 13.58
N LYS C 597 -16.66 -2.96 12.89
CA LYS C 597 -15.56 -2.89 11.94
C LYS C 597 -15.83 -1.85 10.86
N TYR C 598 -14.78 -1.15 10.46
CA TYR C 598 -14.81 -0.15 9.40
C TYR C 598 -15.66 1.07 9.77
N ASP C 599 -15.94 1.27 11.04
CA ASP C 599 -16.58 2.52 11.45
C ASP C 599 -15.61 3.69 11.28
N VAL C 600 -16.13 4.79 10.77
CA VAL C 600 -15.35 5.99 10.53
C VAL C 600 -15.91 7.08 11.42
N LEU C 601 -15.09 7.57 12.34
CA LEU C 601 -15.49 8.60 13.29
C LEU C 601 -14.52 9.77 13.19
N THR C 602 -15.07 10.97 13.08
CA THR C 602 -14.27 12.20 13.04
C THR C 602 -14.50 12.97 14.32
N GLU C 603 -13.42 13.29 15.02
CA GLU C 603 -13.47 14.04 16.27
C GLU C 603 -12.90 15.42 16.00
N TYR C 604 -13.79 16.39 15.78
CA TYR C 604 -13.38 17.76 15.48
C TYR C 604 -13.75 18.67 16.65
N LYS C 605 -12.81 19.53 17.03
CA LYS C 605 -13.02 20.40 18.17
C LYS C 605 -14.23 21.29 17.96
N SER C 606 -15.08 21.38 18.98
CA SER C 606 -16.18 22.34 18.95
C SER C 606 -15.62 23.75 19.05
N GLY C 607 -16.07 24.63 18.17
CA GLY C 607 -15.54 25.97 18.07
C GLY C 607 -14.38 26.11 17.13
N ALA C 608 -13.74 25.01 16.75
CA ALA C 608 -12.64 25.01 15.78
C ALA C 608 -12.85 23.82 14.84
N PRO C 609 -13.85 23.90 13.95
CA PRO C 609 -14.10 22.77 13.04
C PRO C 609 -12.90 22.43 12.18
N GLY C 610 -11.98 23.37 11.96
CA GLY C 610 -10.79 23.05 11.17
C GLY C 610 -9.97 21.94 11.80
N THR C 611 -9.79 21.98 13.12
CA THR C 611 -9.02 20.97 13.83
C THR C 611 -9.88 19.72 13.93
N ALA C 612 -9.73 18.84 12.95
CA ALA C 612 -10.51 17.61 12.87
C ALA C 612 -9.58 16.40 12.86
N PHE C 613 -9.99 15.35 13.57
CA PHE C 613 -9.25 14.10 13.62
C PHE C 613 -10.19 12.97 13.18
N THR C 614 -9.76 12.21 12.18
CA THR C 614 -10.54 11.12 11.63
C THR C 614 -9.75 9.82 11.75
N ARG C 615 -10.43 8.75 12.15
CA ARG C 615 -9.80 7.46 12.31
C ARG C 615 -10.81 6.35 12.01
N GLN C 616 -10.30 5.22 11.54
CA GLN C 616 -11.10 4.07 11.18
C GLN C 616 -10.75 2.92 12.12
N TRP C 617 -11.77 2.30 12.71
CA TRP C 617 -11.55 1.22 13.68
C TRP C 617 -11.62 -0.13 12.97
N ASN C 618 -10.67 -0.33 12.07
CA ASN C 618 -10.54 -1.62 11.40
C ASN C 618 -10.10 -2.67 12.41
N GLY C 619 -10.74 -3.84 12.37
CA GLY C 619 -10.44 -4.88 13.32
C GLY C 619 -10.66 -4.43 14.75
N SER C 620 -9.58 -4.27 15.50
CA SER C 620 -9.66 -3.96 16.92
C SER C 620 -9.12 -2.59 17.30
N ALA C 621 -8.32 -1.95 16.44
CA ALA C 621 -7.61 -0.73 16.79
C ALA C 621 -8.03 0.42 15.90
N TRP C 622 -8.14 1.61 16.51
CA TRP C 622 -8.40 2.82 15.75
C TRP C 622 -7.18 3.16 14.90
N THR C 623 -7.39 3.44 13.62
CA THR C 623 -6.30 3.68 12.68
C THR C 623 -6.53 5.01 11.97
N SER C 624 -5.48 5.82 11.92
CA SER C 624 -5.53 7.07 11.17
C SER C 624 -5.28 6.81 9.70
N PRO C 625 -6.16 7.27 8.81
CA PRO C 625 -5.98 7.00 7.38
C PRO C 625 -4.88 7.89 6.80
N ALA C 626 -4.71 7.78 5.48
CA ALA C 626 -3.80 8.65 4.76
C ALA C 626 -4.49 9.90 4.23
N MET C 627 -5.75 9.78 3.82
CA MET C 627 -6.53 10.89 3.29
C MET C 627 -7.82 11.04 4.06
N VAL C 628 -8.21 12.29 4.30
CA VAL C 628 -9.51 12.63 4.87
C VAL C 628 -10.15 13.66 3.97
N LEU C 629 -11.44 13.50 3.70
CA LEU C 629 -12.19 14.44 2.89
C LEU C 629 -13.54 14.67 3.53
N HIS C 630 -14.15 15.82 3.21
CA HIS C 630 -15.45 16.16 3.76
C HIS C 630 -16.44 16.68 2.73
N GLY C 631 -16.00 16.99 1.51
CA GLY C 631 -16.92 17.36 0.45
C GLY C 631 -17.26 16.15 -0.41
N ASP C 632 -16.83 16.18 -1.66
CA ASP C 632 -17.08 15.08 -2.59
C ASP C 632 -15.85 14.86 -3.45
N MET C 633 -15.79 13.69 -4.08
CA MET C 633 -14.65 13.27 -4.88
C MET C 633 -15.04 13.18 -6.34
N ILE C 634 -14.18 13.68 -7.22
CA ILE C 634 -14.36 13.59 -8.66
C ILE C 634 -13.07 13.07 -9.26
N VAL C 635 -13.19 12.08 -10.14
CA VAL C 635 -12.04 11.46 -10.80
C VAL C 635 -12.39 11.24 -12.26
N ASN C 636 -11.80 12.03 -13.15
CA ASN C 636 -12.03 11.83 -14.57
C ASN C 636 -11.54 10.45 -15.01
N GLY C 637 -10.39 10.02 -14.50
CA GLY C 637 -9.84 8.73 -14.86
C GLY C 637 -10.47 7.59 -14.08
N THR C 638 -9.65 6.70 -13.56
CA THR C 638 -10.11 5.53 -12.81
C THR C 638 -9.46 5.50 -11.45
N VAL C 639 -10.18 4.93 -10.48
CA VAL C 639 -9.71 4.79 -9.11
C VAL C 639 -9.61 3.30 -8.80
N THR C 640 -8.46 2.90 -8.27
CA THR C 640 -8.21 1.51 -7.90
C THR C 640 -7.80 1.43 -6.44
N ALA C 641 -8.25 0.37 -5.77
CA ALA C 641 -7.94 0.20 -4.36
C ALA C 641 -8.00 -1.28 -4.03
N SER C 642 -7.35 -1.65 -2.93
CA SER C 642 -7.38 -3.05 -2.50
C SER C 642 -8.80 -3.50 -2.20
N LYS C 643 -9.57 -2.65 -1.51
CA LYS C 643 -10.95 -2.98 -1.17
C LYS C 643 -11.71 -1.67 -0.97
N ILE C 644 -13.04 -1.78 -0.99
CA ILE C 644 -13.92 -0.62 -0.96
C ILE C 644 -15.01 -0.85 0.05
N VAL C 645 -15.46 0.24 0.69
CA VAL C 645 -16.59 0.21 1.60
C VAL C 645 -17.45 1.44 1.31
N ALA C 646 -18.75 1.23 1.14
CA ALA C 646 -19.66 2.33 0.88
C ALA C 646 -21.08 1.91 1.18
N ASN C 647 -21.88 2.85 1.67
CA ASN C 647 -23.26 2.54 2.01
C ASN C 647 -24.12 2.35 0.76
N ASN C 648 -23.89 3.16 -0.26
CA ASN C 648 -24.70 3.13 -1.48
C ASN C 648 -23.78 3.13 -2.70
N ALA C 649 -24.31 2.62 -3.81
CA ALA C 649 -23.56 2.55 -5.05
C ALA C 649 -24.52 2.61 -6.23
N PHE C 650 -24.23 3.49 -7.18
CA PHE C 650 -25.03 3.63 -8.40
C PHE C 650 -24.10 3.43 -9.58
N LEU C 651 -24.13 2.24 -10.16
CA LEU C 651 -23.22 1.87 -11.23
C LEU C 651 -23.98 1.58 -12.51
N SER C 652 -23.23 1.36 -13.58
CA SER C 652 -23.79 1.04 -14.89
C SER C 652 -23.44 -0.37 -15.34
N GLN C 653 -22.15 -0.72 -15.36
CA GLN C 653 -21.70 -2.05 -15.68
C GLN C 653 -20.79 -2.55 -14.57
N ILE C 654 -20.91 -3.83 -14.24
CA ILE C 654 -20.09 -4.47 -13.22
C ILE C 654 -19.55 -5.77 -13.76
N GLY C 655 -18.26 -6.01 -13.57
CA GLY C 655 -17.67 -7.31 -13.83
C GLY C 655 -17.05 -7.85 -12.56
N VAL C 656 -17.63 -8.89 -12.00
CA VAL C 656 -17.22 -9.40 -10.69
C VAL C 656 -17.09 -10.92 -10.75
N ASN C 657 -16.12 -11.43 -10.01
CA ASN C 657 -15.91 -12.88 -9.96
C ASN C 657 -16.98 -13.56 -9.12
N ILE C 658 -17.35 -12.96 -7.99
CA ILE C 658 -18.30 -13.57 -7.06
C ILE C 658 -19.06 -12.47 -6.34
N ILE C 659 -20.30 -12.79 -5.95
CA ILE C 659 -21.17 -11.87 -5.24
C ILE C 659 -21.63 -12.54 -3.96
N TYR C 660 -21.59 -11.81 -2.85
CA TYR C 660 -21.96 -12.32 -1.54
C TYR C 660 -23.00 -11.40 -0.92
N ASP C 661 -23.43 -11.74 0.28
CA ASP C 661 -24.28 -10.89 1.09
C ASP C 661 -23.43 -10.15 2.12
N ARG C 662 -23.74 -8.88 2.32
CA ARG C 662 -22.91 -8.03 3.17
C ARG C 662 -22.68 -8.68 4.53
N ALA C 663 -23.73 -9.26 5.12
CA ALA C 663 -23.57 -9.91 6.42
C ALA C 663 -22.56 -11.05 6.34
N ALA C 664 -22.61 -11.83 5.26
CA ALA C 664 -21.66 -12.92 5.10
C ALA C 664 -20.27 -12.39 4.76
N ALA C 665 -20.18 -11.40 3.88
CA ALA C 665 -18.88 -10.89 3.46
C ALA C 665 -18.12 -10.30 4.63
N LEU C 666 -18.79 -9.48 5.45
CA LEU C 666 -18.13 -8.92 6.62
C LEU C 666 -17.71 -10.00 7.60
N SER C 667 -18.58 -10.99 7.82
CA SER C 667 -18.26 -12.07 8.75
C SER C 667 -17.16 -12.95 8.16
N SER C 668 -16.31 -13.47 9.04
CA SER C 668 -15.26 -14.37 8.62
C SER C 668 -15.85 -15.66 8.07
N ASN C 669 -15.15 -16.25 7.10
CA ASN C 669 -15.60 -17.48 6.47
C ASN C 669 -17.01 -17.28 5.89
N PRO C 670 -17.15 -16.41 4.88
CA PRO C 670 -18.51 -16.09 4.41
C PRO C 670 -19.27 -17.30 3.93
N GLU C 671 -18.59 -18.20 3.22
CA GLU C 671 -19.24 -19.35 2.62
C GLU C 671 -19.72 -20.34 3.67
N GLY C 672 -19.24 -20.22 4.91
CA GLY C 672 -19.83 -20.99 5.99
C GLY C 672 -21.23 -20.50 6.31
N SER C 673 -21.44 -19.19 6.27
CA SER C 673 -22.74 -18.59 6.56
C SER C 673 -23.01 -17.51 5.50
N TYR C 674 -23.90 -17.81 4.56
CA TYR C 674 -24.25 -16.89 3.50
C TYR C 674 -25.69 -17.12 3.06
N LYS C 675 -26.47 -16.05 3.05
CA LYS C 675 -27.89 -16.18 2.72
C LYS C 675 -28.07 -16.60 1.26
N MET C 676 -27.41 -15.91 0.34
CA MET C 676 -27.43 -16.27 -1.07
C MET C 676 -26.09 -15.95 -1.69
N LYS C 677 -25.55 -16.89 -2.47
CA LYS C 677 -24.29 -16.73 -3.15
C LYS C 677 -24.46 -17.03 -4.63
N ILE C 678 -23.74 -16.29 -5.47
CA ILE C 678 -23.66 -16.58 -6.91
C ILE C 678 -22.19 -16.57 -7.29
N ASP C 679 -21.74 -17.63 -7.95
CA ASP C 679 -20.38 -17.74 -8.46
C ASP C 679 -20.44 -17.54 -9.96
N LEU C 680 -20.14 -16.32 -10.41
CA LEU C 680 -20.19 -16.03 -11.84
C LEU C 680 -19.17 -16.85 -12.61
N GLN C 681 -17.98 -17.07 -12.02
CA GLN C 681 -16.97 -17.87 -12.70
C GLN C 681 -17.45 -19.30 -12.92
N ASN C 682 -18.11 -19.89 -11.93
CA ASN C 682 -18.60 -21.26 -12.02
C ASN C 682 -20.07 -21.34 -12.44
N GLY C 683 -20.71 -20.21 -12.75
CA GLY C 683 -22.07 -20.23 -13.23
C GLY C 683 -23.03 -20.91 -12.27
N TYR C 684 -22.95 -20.55 -11.00
CA TYR C 684 -23.72 -21.20 -9.94
C TYR C 684 -24.38 -20.14 -9.06
N ILE C 685 -25.59 -20.46 -8.59
CA ILE C 685 -26.33 -19.62 -7.66
C ILE C 685 -26.96 -20.52 -6.62
N HIS C 686 -26.89 -20.12 -5.35
CA HIS C 686 -27.40 -20.92 -4.25
C HIS C 686 -28.25 -20.06 -3.34
N ILE C 687 -29.43 -20.57 -2.98
CA ILE C 687 -30.31 -19.95 -1.98
C ILE C 687 -30.64 -21.01 -0.93
N ARG C 688 -30.50 -20.64 0.33
CA ARG C 688 -30.75 -21.58 1.42
C ARG C 688 -32.25 -21.77 1.62
N MET D 1 16.20 -54.09 -24.40
CA MET D 1 15.76 -53.13 -23.34
C MET D 1 16.58 -51.84 -23.39
N ILE D 2 17.90 -51.98 -23.58
CA ILE D 2 18.76 -50.81 -23.59
C ILE D 2 18.32 -49.85 -24.67
N SER D 3 18.40 -48.55 -24.37
CA SER D 3 17.93 -47.54 -25.30
C SER D 3 18.62 -46.22 -24.99
N ASN D 4 18.50 -45.29 -25.93
CA ASN D 4 19.02 -43.93 -25.80
C ASN D 4 17.86 -42.96 -25.86
N ASN D 5 17.98 -41.84 -25.13
CA ASN D 5 16.93 -40.83 -25.07
C ASN D 5 17.51 -39.47 -25.42
N ALA D 6 16.88 -38.79 -26.36
CA ALA D 6 17.24 -37.41 -26.65
C ALA D 6 16.75 -36.49 -25.53
N PRO D 7 17.44 -35.38 -25.28
CA PRO D 7 16.96 -34.45 -24.26
C PRO D 7 15.57 -33.93 -24.60
N ALA D 8 14.73 -33.82 -23.57
CA ALA D 8 13.38 -33.32 -23.80
C ALA D 8 13.43 -31.88 -24.30
N LYS D 9 12.62 -31.59 -25.32
CA LYS D 9 12.55 -30.23 -25.85
C LYS D 9 12.16 -29.27 -24.74
N MET D 10 12.92 -28.20 -24.59
CA MET D 10 12.63 -27.24 -23.53
C MET D 10 11.60 -26.23 -24.00
N VAL D 11 11.10 -25.45 -23.05
CA VAL D 11 10.15 -24.38 -23.31
C VAL D 11 10.77 -23.08 -22.81
N LEU D 12 10.83 -22.09 -23.69
CA LEU D 12 11.39 -20.79 -23.34
C LEU D 12 10.33 -20.02 -22.57
N ASN D 13 10.51 -19.95 -21.25
CA ASN D 13 9.48 -19.36 -20.40
C ASN D 13 9.24 -17.90 -20.75
N SER D 14 10.32 -17.13 -20.90
CA SER D 14 10.19 -15.73 -21.24
C SER D 14 11.53 -15.22 -21.75
N VAL D 15 11.48 -14.10 -22.46
CA VAL D 15 12.67 -13.44 -22.97
C VAL D 15 12.56 -11.95 -22.67
N LEU D 16 13.56 -11.40 -21.99
CA LEU D 16 13.67 -9.97 -21.78
C LEU D 16 14.70 -9.40 -22.73
N THR D 17 14.37 -8.27 -23.34
CA THR D 17 15.12 -7.74 -24.48
C THR D 17 15.98 -6.56 -24.05
N GLY D 18 17.25 -6.60 -24.44
CA GLY D 18 18.12 -5.44 -24.37
C GLY D 18 18.68 -5.16 -25.75
N TYR D 19 18.80 -3.87 -26.07
CA TYR D 19 19.25 -3.47 -27.40
C TYR D 19 20.68 -3.93 -27.71
N THR D 20 21.36 -4.60 -26.78
CA THR D 20 22.57 -5.35 -27.10
C THR D 20 22.63 -6.72 -26.46
N LEU D 21 21.89 -6.97 -25.38
CA LEU D 21 21.94 -8.23 -24.65
C LEU D 21 20.53 -8.79 -24.54
N ALA D 22 20.41 -10.11 -24.58
CA ALA D 22 19.13 -10.80 -24.53
C ALA D 22 19.10 -11.78 -23.37
N TYR D 23 18.04 -11.71 -22.58
CA TYR D 23 17.84 -12.57 -21.42
C TYR D 23 16.67 -13.50 -21.70
N ILE D 24 16.89 -14.81 -21.53
CA ILE D 24 15.88 -15.81 -21.82
C ILE D 24 15.75 -16.73 -20.61
N GLN D 25 14.51 -16.98 -20.19
CA GLN D 25 14.20 -17.97 -19.16
C GLN D 25 13.68 -19.22 -19.85
N HIS D 26 14.32 -20.36 -19.58
CA HIS D 26 13.98 -21.61 -20.22
C HIS D 26 13.83 -22.70 -19.16
N SER D 27 13.13 -23.76 -19.54
CA SER D 27 12.90 -24.88 -18.64
C SER D 27 14.23 -25.59 -18.34
N ILE D 28 14.16 -26.60 -17.48
CA ILE D 28 15.34 -27.34 -17.05
C ILE D 28 15.39 -28.67 -17.80
N TYR D 29 16.60 -29.13 -18.08
CA TYR D 29 16.79 -30.43 -18.69
C TYR D 29 16.33 -31.53 -17.73
N SER D 30 16.01 -32.69 -18.27
CA SER D 30 15.54 -33.82 -17.47
C SER D 30 16.24 -35.12 -17.83
N ASP D 31 17.22 -35.09 -18.73
CA ASP D 31 17.90 -36.29 -19.18
C ASP D 31 19.34 -36.29 -18.67
N TYR D 32 19.81 -37.47 -18.26
CA TYR D 32 21.12 -37.58 -17.64
C TYR D 32 22.23 -37.26 -18.63
N ASP D 33 22.10 -37.73 -19.87
CA ASP D 33 23.14 -37.60 -20.89
C ASP D 33 23.31 -36.16 -21.38
N VAL D 34 22.51 -35.21 -20.90
CA VAL D 34 22.63 -33.83 -21.38
C VAL D 34 24.00 -33.28 -21.02
N ILE D 35 24.63 -32.63 -21.99
CA ILE D 35 25.98 -32.08 -21.80
C ILE D 35 25.98 -30.57 -22.01
N GLY D 36 25.06 -30.06 -22.80
CA GLY D 36 25.04 -28.64 -23.11
C GLY D 36 23.76 -28.24 -23.80
N ARG D 37 23.54 -26.93 -23.83
CA ARG D 37 22.37 -26.34 -24.46
C ARG D 37 22.81 -25.40 -25.57
N SER D 38 22.02 -25.35 -26.64
CA SER D 38 22.34 -24.54 -27.81
C SER D 38 21.10 -23.78 -28.25
N PHE D 39 21.33 -22.68 -28.96
CA PHE D 39 20.28 -21.81 -29.45
C PHE D 39 20.53 -21.50 -30.92
N TRP D 40 19.45 -21.19 -31.64
CA TRP D 40 19.50 -20.88 -33.06
C TRP D 40 18.72 -19.58 -33.29
N LEU D 41 19.43 -18.47 -33.33
CA LEU D 41 18.81 -17.19 -33.62
C LEU D 41 18.55 -17.05 -35.11
N LYS D 42 17.62 -16.16 -35.46
CA LYS D 42 17.28 -15.88 -36.85
C LYS D 42 17.20 -14.38 -37.05
N GLU D 43 18.20 -13.82 -37.75
CA GLU D 43 18.20 -12.40 -38.08
C GLU D 43 17.13 -12.04 -39.09
N GLY D 44 16.47 -13.03 -39.70
CA GLY D 44 15.53 -12.81 -40.77
C GLY D 44 16.13 -12.99 -42.15
N SER D 45 17.46 -12.93 -42.26
CA SER D 45 18.17 -13.19 -43.51
C SER D 45 19.26 -14.23 -43.35
N ASN D 46 19.93 -14.26 -42.20
CA ASN D 46 20.96 -15.24 -41.91
C ASN D 46 20.68 -15.86 -40.55
N VAL D 47 20.86 -17.17 -40.47
CA VAL D 47 20.62 -17.92 -39.24
C VAL D 47 21.94 -18.03 -38.49
N THR D 48 21.92 -17.67 -37.21
CA THR D 48 23.10 -17.69 -36.36
C THR D 48 22.88 -18.67 -35.22
N ARG D 49 23.87 -19.52 -34.97
CA ARG D 49 23.81 -20.52 -33.93
C ARG D 49 24.66 -20.09 -32.74
N ARG D 50 24.08 -20.15 -31.55
CA ARG D 50 24.78 -19.82 -30.32
C ARG D 50 24.53 -20.90 -29.28
N ASP D 51 25.58 -21.28 -28.56
CA ASP D 51 25.49 -22.28 -27.51
C ASP D 51 26.32 -21.82 -26.33
N PHE D 52 25.90 -22.21 -25.13
CA PHE D 52 26.58 -21.85 -23.89
C PHE D 52 26.89 -23.10 -23.09
N THR D 53 28.16 -23.26 -22.71
CA THR D 53 28.55 -24.39 -21.89
C THR D 53 27.93 -24.29 -20.50
N GLY D 54 27.75 -25.44 -19.87
CA GLY D 54 27.16 -25.48 -18.55
C GLY D 54 25.66 -25.34 -18.58
N ILE D 55 24.97 -26.05 -17.70
CA ILE D 55 23.51 -26.03 -17.64
C ILE D 55 23.07 -25.75 -16.21
N ASP D 56 23.94 -25.09 -15.45
CA ASP D 56 23.66 -24.85 -14.03
C ASP D 56 22.43 -23.98 -13.85
N THR D 57 22.30 -22.91 -14.64
CA THR D 57 21.27 -21.90 -14.44
C THR D 57 20.16 -22.05 -15.46
N PHE D 58 19.01 -21.50 -15.12
CA PHE D 58 17.83 -21.52 -15.98
C PHE D 58 17.78 -20.35 -16.95
N SER D 59 18.76 -19.45 -16.89
CA SER D 59 18.76 -18.24 -17.71
C SER D 59 20.04 -18.18 -18.55
N VAL D 60 19.97 -17.41 -19.63
CA VAL D 60 21.09 -17.22 -20.54
C VAL D 60 21.17 -15.76 -20.93
N THR D 61 22.33 -15.38 -21.46
CA THR D 61 22.59 -14.01 -21.88
C THR D 61 23.27 -14.04 -23.25
N ILE D 62 22.49 -13.86 -24.30
CA ILE D 62 23.03 -13.82 -25.65
C ILE D 62 23.60 -12.43 -25.91
N ASN D 63 24.85 -12.38 -26.35
CA ASN D 63 25.57 -11.14 -26.58
C ASN D 63 25.88 -10.97 -28.07
N ASN D 64 26.37 -9.78 -28.41
CA ASN D 64 26.77 -9.46 -29.79
C ASN D 64 25.60 -9.65 -30.75
N LEU D 65 24.56 -8.85 -30.54
CA LEU D 65 23.37 -8.87 -31.37
C LEU D 65 23.18 -7.51 -32.02
N LYS D 66 22.63 -7.50 -33.22
CA LYS D 66 22.48 -6.26 -33.98
C LYS D 66 21.30 -5.45 -33.45
N PRO D 67 21.50 -4.23 -32.98
CA PRO D 67 20.37 -3.46 -32.44
C PRO D 67 19.31 -3.18 -33.49
N THR D 68 18.08 -3.01 -32.99
CA THR D 68 16.93 -2.73 -33.86
C THR D 68 16.73 -3.84 -34.89
N THR D 69 16.85 -5.08 -34.43
CA THR D 69 16.72 -6.24 -35.32
C THR D 69 15.91 -7.31 -34.59
N THR D 70 14.71 -7.58 -35.08
CA THR D 70 13.90 -8.64 -34.49
C THR D 70 14.55 -9.98 -34.74
N TYR D 71 14.43 -10.88 -33.76
CA TYR D 71 15.05 -12.19 -33.82
C TYR D 71 14.06 -13.26 -33.42
N GLU D 72 14.34 -14.49 -33.85
CA GLU D 72 13.55 -15.66 -33.49
C GLU D 72 14.44 -16.63 -32.73
N VAL D 73 13.94 -17.14 -31.61
CA VAL D 73 14.72 -17.97 -30.70
C VAL D 73 14.17 -19.39 -30.73
N GLN D 74 15.05 -20.35 -30.97
CA GLN D 74 14.70 -21.77 -30.90
C GLN D 74 15.96 -22.54 -30.54
N GLY D 75 15.86 -23.36 -29.50
CA GLY D 75 17.00 -24.17 -29.07
C GLY D 75 16.55 -25.22 -28.10
N ALA D 76 17.48 -26.12 -27.77
CA ALA D 76 17.20 -27.19 -26.83
C ALA D 76 18.52 -27.78 -26.35
N PHE D 77 18.44 -28.69 -25.40
CA PHE D 77 19.61 -29.38 -24.89
C PHE D 77 20.04 -30.47 -25.85
N TYR D 78 21.35 -30.62 -26.00
CA TYR D 78 21.95 -31.71 -26.77
C TYR D 78 22.79 -32.56 -25.84
N ASP D 79 22.56 -33.86 -25.85
CA ASP D 79 23.26 -34.75 -24.94
C ASP D 79 24.58 -35.20 -25.55
N SER D 80 25.32 -36.02 -24.79
CA SER D 80 26.60 -36.52 -25.27
C SER D 80 26.45 -37.27 -26.58
N ILE D 81 25.29 -37.84 -26.84
CA ILE D 81 25.09 -38.58 -28.09
C ILE D 81 25.21 -37.65 -29.29
N ILE D 82 24.60 -36.46 -29.19
CA ILE D 82 24.56 -35.55 -30.32
C ILE D 82 25.99 -35.13 -30.68
N ASP D 83 26.29 -35.17 -31.98
CA ASP D 83 27.59 -34.78 -32.49
C ASP D 83 27.54 -33.37 -33.04
N SER D 84 28.73 -32.78 -33.21
CA SER D 84 28.80 -31.41 -33.73
C SER D 84 28.20 -31.34 -35.13
N GLU D 85 28.56 -32.30 -36.00
CA GLU D 85 27.97 -32.33 -37.33
C GLU D 85 26.47 -32.57 -37.25
N LEU D 86 26.06 -33.53 -36.41
CA LEU D 86 24.63 -33.80 -36.25
C LEU D 86 23.91 -32.60 -35.64
N LEU D 87 24.56 -31.92 -34.69
CA LEU D 87 23.97 -30.72 -34.12
C LEU D 87 23.76 -29.65 -35.19
N ASN D 88 24.76 -29.47 -36.07
CA ASN D 88 24.60 -28.54 -37.17
C ASN D 88 23.44 -28.95 -38.07
N ALA D 89 23.32 -30.25 -38.34
CA ALA D 89 22.17 -30.74 -39.10
C ALA D 89 20.87 -30.60 -38.32
N GLN D 90 20.94 -30.57 -36.98
CA GLN D 90 19.75 -30.42 -36.14
C GLN D 90 18.71 -31.51 -36.43
N ILE D 91 19.19 -32.74 -36.62
CA ILE D 91 18.28 -33.83 -36.98
C ILE D 91 17.59 -34.39 -35.73
N GLY D 92 18.37 -34.94 -34.81
CA GLY D 92 17.84 -35.57 -33.62
C GLY D 92 17.74 -34.67 -32.40
N ILE D 93 18.03 -33.38 -32.55
CA ILE D 93 18.05 -32.49 -31.40
C ILE D 93 16.65 -32.36 -30.80
N ASN D 94 15.62 -32.28 -31.64
CA ASN D 94 14.26 -32.03 -31.18
C ASN D 94 14.18 -30.67 -30.47
N LEU D 95 14.50 -29.62 -31.23
CA LEU D 95 14.60 -28.29 -30.68
C LEU D 95 13.22 -27.76 -30.27
N SER D 96 13.23 -26.64 -29.57
CA SER D 96 12.00 -25.99 -29.13
C SER D 96 11.43 -25.13 -30.26
N ASP D 97 10.11 -24.91 -30.18
CA ASP D 97 9.45 -24.08 -31.17
C ASP D 97 9.99 -22.66 -31.14
N LYS D 98 10.02 -22.03 -32.31
CA LYS D 98 10.57 -20.69 -32.42
C LYS D 98 9.67 -19.67 -31.72
N GLN D 99 10.27 -18.55 -31.33
CA GLN D 99 9.57 -17.45 -30.70
C GLN D 99 10.20 -16.14 -31.17
N THR D 100 9.36 -15.19 -31.55
CA THR D 100 9.83 -13.94 -32.15
C THR D 100 9.75 -12.81 -31.14
N PHE D 101 10.81 -12.02 -31.05
CA PHE D 101 10.84 -10.86 -30.17
C PHE D 101 11.51 -9.70 -30.89
N LYS D 102 11.17 -8.49 -30.47
CA LYS D 102 11.71 -7.27 -31.07
C LYS D 102 12.84 -6.75 -30.20
N MET D 103 13.96 -6.40 -30.82
CA MET D 103 15.15 -5.94 -30.13
C MET D 103 15.16 -4.43 -30.08
N LYS D 104 15.30 -3.87 -28.88
CA LYS D 104 15.10 -2.44 -28.68
C LYS D 104 16.15 -1.62 -29.43
N SER D 105 15.96 -0.31 -29.40
CA SER D 105 16.79 0.63 -30.13
C SER D 105 17.60 1.50 -29.17
N ALA D 106 18.85 1.76 -29.53
CA ALA D 106 19.72 2.55 -28.69
C ALA D 106 19.29 4.02 -28.69
N PRO D 107 19.60 4.77 -27.63
CA PRO D 107 19.21 6.18 -27.60
C PRO D 107 19.99 7.02 -28.60
N ARG D 108 19.36 8.11 -29.03
CA ARG D 108 20.00 9.11 -29.87
C ARG D 108 19.45 10.47 -29.50
N ILE D 109 20.26 11.50 -29.75
CA ILE D 109 19.88 12.88 -29.43
C ILE D 109 19.39 13.54 -30.70
N THR D 110 18.15 14.04 -30.67
CA THR D 110 17.58 14.68 -31.85
C THR D 110 18.19 16.05 -32.08
N GLY D 111 18.36 16.83 -31.02
CA GLY D 111 18.91 18.17 -31.15
C GLY D 111 19.53 18.62 -29.85
N ALA D 112 20.47 19.55 -29.96
CA ALA D 112 21.17 20.11 -28.81
C ALA D 112 20.94 21.62 -28.78
N ARG D 113 20.61 22.14 -27.60
CA ARG D 113 20.31 23.56 -27.46
C ARG D 113 20.55 23.97 -26.01
N CYS D 114 20.58 25.28 -25.80
CA CYS D 114 20.73 25.85 -24.48
C CYS D 114 20.20 27.27 -24.50
N GLU D 115 19.32 27.59 -23.54
CA GLU D 115 18.75 28.91 -23.44
C GLU D 115 18.65 29.29 -21.98
N SER D 116 18.61 30.60 -21.73
CA SER D 116 18.54 31.11 -20.37
C SER D 116 17.83 32.45 -20.36
N GLU D 117 17.27 32.80 -19.21
CA GLU D 117 16.42 33.98 -19.09
C GLU D 117 17.27 35.23 -18.87
N PRO D 118 17.08 36.30 -19.64
CA PRO D 118 17.73 37.57 -19.30
C PRO D 118 17.26 38.06 -17.93
N VAL D 119 18.18 38.68 -17.20
CA VAL D 119 17.93 39.09 -15.82
C VAL D 119 18.29 40.56 -15.66
N ASP D 120 17.47 41.29 -14.91
CA ASP D 120 17.73 42.71 -14.67
C ASP D 120 19.00 42.90 -13.84
N VAL D 121 19.10 42.18 -12.73
CA VAL D 121 20.27 42.26 -11.84
C VAL D 121 20.78 40.85 -11.62
N GLY D 122 22.11 40.69 -11.70
CA GLY D 122 22.71 39.39 -11.57
C GLY D 122 23.06 38.79 -12.91
N VAL D 123 23.02 37.46 -13.01
CA VAL D 123 23.38 36.75 -14.23
C VAL D 123 22.40 35.63 -14.46
N GLY D 124 21.98 35.45 -15.71
CA GLY D 124 21.09 34.35 -16.04
C GLY D 124 21.80 33.02 -15.91
N ALA D 125 21.16 32.08 -15.22
CA ALA D 125 21.77 30.77 -15.00
C ALA D 125 21.75 29.95 -16.28
N PRO D 126 22.89 29.45 -16.76
CA PRO D 126 22.87 28.61 -17.96
C PRO D 126 22.04 27.35 -17.73
N ILE D 127 21.35 26.92 -18.78
CA ILE D 127 20.60 25.68 -18.77
C ILE D 127 20.76 25.02 -20.14
N VAL D 128 20.69 23.70 -20.15
CA VAL D 128 20.84 22.91 -21.38
C VAL D 128 19.53 22.19 -21.65
N TYR D 129 18.98 22.42 -22.84
CA TYR D 129 17.82 21.69 -23.33
C TYR D 129 18.26 20.81 -24.48
N ILE D 130 18.07 19.50 -24.33
CA ILE D 130 18.51 18.52 -25.31
C ILE D 130 17.38 17.50 -25.49
N ASP D 131 16.99 17.27 -26.73
CA ASP D 131 15.85 16.42 -27.05
C ASP D 131 16.35 15.09 -27.61
N THR D 132 15.90 14.00 -27.00
CA THR D 132 16.35 12.66 -27.37
C THR D 132 15.27 11.95 -28.18
N THR D 133 15.61 10.74 -28.64
CA THR D 133 14.67 9.89 -29.36
C THR D 133 14.76 8.44 -28.95
N GLY D 134 15.44 8.11 -27.84
CA GLY D 134 15.68 6.75 -27.45
C GLY D 134 14.49 6.14 -26.72
N GLU D 135 14.72 4.90 -26.25
CA GLU D 135 13.69 4.17 -25.51
C GLU D 135 14.29 3.42 -24.33
N ALA D 136 15.51 3.76 -23.93
CA ALA D 136 16.12 3.12 -22.78
C ALA D 136 15.36 3.47 -21.50
N ASP D 137 15.36 2.53 -20.55
CA ASP D 137 14.64 2.75 -19.31
C ASP D 137 15.21 3.93 -18.53
N TYR D 138 16.54 4.01 -18.43
CA TYR D 138 17.18 5.19 -17.86
C TYR D 138 18.51 5.39 -18.56
N CYS D 139 18.83 6.65 -18.84
CA CYS D 139 20.00 6.99 -19.64
C CYS D 139 20.86 8.01 -18.90
N THR D 140 22.16 7.94 -19.13
CA THR D 140 23.12 8.87 -18.58
C THR D 140 23.74 9.70 -19.69
N ILE D 141 23.99 10.98 -19.41
CA ILE D 141 24.49 11.93 -20.40
C ILE D 141 25.81 12.48 -19.91
N GLU D 142 26.80 12.47 -20.79
CA GLU D 142 28.14 12.97 -20.49
C GLU D 142 28.42 14.23 -21.28
N LEU D 143 29.52 14.90 -20.91
CA LEU D 143 29.92 16.13 -21.57
C LEU D 143 31.44 16.22 -21.55
N LYS D 144 31.98 17.01 -22.48
CA LYS D 144 33.41 17.22 -22.57
C LYS D 144 33.66 18.56 -23.25
N ASP D 145 34.54 19.37 -22.66
CA ASP D 145 34.86 20.68 -23.21
C ASP D 145 35.72 20.49 -24.45
N ASN D 146 35.18 20.85 -25.62
CA ASN D 146 35.86 20.63 -26.88
C ASN D 146 36.90 21.69 -27.20
N SER D 147 36.90 22.82 -26.50
CA SER D 147 37.87 23.87 -26.80
C SER D 147 39.30 23.35 -26.63
N ASN D 148 39.56 22.64 -25.55
CA ASN D 148 40.84 21.98 -25.38
C ASN D 148 40.91 20.75 -26.27
N ALA D 149 42.13 20.40 -26.68
CA ALA D 149 42.31 19.28 -27.60
C ALA D 149 41.79 17.98 -26.99
N ASN D 150 42.09 17.73 -25.71
CA ASN D 150 41.70 16.50 -25.04
C ASN D 150 41.20 16.83 -23.65
N ASN D 151 39.97 16.42 -23.37
CA ASN D 151 39.37 16.57 -22.05
C ASN D 151 38.62 15.29 -21.70
N PRO D 152 38.48 14.98 -20.41
CA PRO D 152 37.78 13.75 -20.02
C PRO D 152 36.27 13.95 -20.00
N TRP D 153 35.56 13.00 -20.60
CA TRP D 153 34.10 13.06 -20.61
C TRP D 153 33.59 12.99 -19.18
N VAL D 154 32.61 13.83 -18.87
CA VAL D 154 32.08 13.97 -17.52
C VAL D 154 30.57 13.78 -17.56
N LYS D 155 30.06 12.96 -16.65
CA LYS D 155 28.62 12.76 -16.54
C LYS D 155 27.98 13.93 -15.81
N TYR D 156 26.84 14.38 -16.32
CA TYR D 156 26.15 15.54 -15.74
C TYR D 156 24.68 15.26 -15.45
N TYR D 157 24.06 14.37 -16.24
CA TYR D 157 22.66 14.00 -16.02
C TYR D 157 22.54 12.49 -15.93
N VAL D 158 21.85 12.03 -14.89
CA VAL D 158 21.48 10.63 -14.75
C VAL D 158 19.99 10.57 -14.45
N GLY D 159 19.25 9.87 -15.29
CA GLY D 159 17.81 9.79 -15.10
C GLY D 159 17.14 9.09 -16.26
N ALA D 160 15.81 9.11 -16.22
CA ALA D 160 15.03 8.45 -17.26
C ALA D 160 15.11 9.23 -18.56
N LEU D 161 15.20 8.49 -19.67
CA LEU D 161 15.16 9.10 -20.97
C LEU D 161 13.81 9.78 -21.19
N MET D 162 13.85 10.99 -21.71
CA MET D 162 12.65 11.81 -21.89
C MET D 162 12.71 12.48 -23.26
N PRO D 163 11.57 12.90 -23.79
CA PRO D 163 11.60 13.69 -25.03
C PRO D 163 12.44 14.94 -24.90
N THR D 164 12.45 15.58 -23.73
CA THR D 164 13.25 16.76 -23.47
C THR D 164 13.93 16.61 -22.12
N ILE D 165 15.21 16.94 -22.06
CA ILE D 165 16.01 16.82 -20.84
C ILE D 165 16.52 18.20 -20.46
N MET D 166 16.35 18.57 -19.19
CA MET D 166 16.79 19.86 -18.67
C MET D 166 17.77 19.63 -17.54
N PHE D 167 18.93 20.29 -17.63
CA PHE D 167 19.91 20.24 -16.55
C PHE D 167 20.75 21.51 -16.60
N GLY D 168 21.41 21.80 -15.49
CA GLY D 168 22.25 22.98 -15.40
C GLY D 168 23.48 22.77 -14.54
N GLY D 169 24.02 23.85 -14.00
CA GLY D 169 25.21 23.75 -13.16
C GLY D 169 26.42 23.25 -13.90
N VAL D 170 26.68 23.81 -15.08
CA VAL D 170 27.80 23.38 -15.92
C VAL D 170 28.69 24.58 -16.20
N PRO D 171 30.01 24.42 -16.36
CA PRO D 171 30.87 25.58 -16.62
C PRO D 171 30.63 26.19 -17.98
N ILE D 172 31.42 27.21 -18.33
CA ILE D 172 31.12 28.07 -19.48
C ILE D 172 31.70 27.53 -20.79
N GLY D 173 32.72 26.69 -20.73
CA GLY D 173 33.42 26.32 -21.95
C GLY D 173 32.55 25.56 -22.92
N SER D 174 32.87 25.69 -24.21
CA SER D 174 32.15 24.96 -25.24
C SER D 174 32.33 23.46 -25.04
N TYR D 175 31.28 22.70 -25.32
CA TYR D 175 31.22 21.28 -24.95
C TYR D 175 30.81 20.43 -26.12
N LYS D 176 31.23 19.17 -26.07
CA LYS D 176 30.72 18.10 -26.92
C LYS D 176 29.92 17.14 -26.04
N VAL D 177 28.81 16.63 -26.57
CA VAL D 177 27.86 15.86 -25.79
C VAL D 177 27.73 14.46 -26.37
N ARG D 178 27.86 13.46 -25.51
CA ARG D 178 27.57 12.07 -25.85
C ARG D 178 26.49 11.56 -24.91
N ILE D 179 25.61 10.71 -25.44
CA ILE D 179 24.48 10.18 -24.69
C ILE D 179 24.52 8.66 -24.78
N SER D 180 24.34 8.00 -23.63
CA SER D 180 24.29 6.56 -23.56
C SER D 180 23.10 6.13 -22.72
N GLY D 181 22.51 5.00 -23.08
CA GLY D 181 21.40 4.43 -22.33
C GLY D 181 21.84 3.15 -21.64
N GLN D 182 21.33 2.94 -20.43
CA GLN D 182 21.65 1.75 -19.64
C GLN D 182 20.35 1.11 -19.20
N ILE D 183 20.19 -0.17 -19.50
CA ILE D 183 18.97 -0.91 -19.16
C ILE D 183 19.36 -2.09 -18.28
N SER D 184 18.64 -2.27 -17.18
CA SER D 184 18.99 -3.27 -16.19
C SER D 184 18.49 -4.64 -16.62
N LEU D 185 19.39 -5.62 -16.63
CA LEU D 185 19.02 -7.00 -16.87
C LEU D 185 18.24 -7.53 -15.68
N PRO D 186 17.39 -8.55 -15.88
CA PRO D 186 16.69 -9.14 -14.72
C PRO D 186 17.56 -9.32 -13.50
N ASP D 187 18.80 -9.77 -13.68
CA ASP D 187 19.74 -9.76 -12.57
C ASP D 187 20.08 -8.34 -12.18
N GLY D 188 20.04 -8.04 -10.88
CA GLY D 188 20.27 -6.67 -10.44
C GLY D 188 21.66 -6.17 -10.79
N VAL D 189 22.66 -7.04 -10.69
CA VAL D 189 24.04 -6.60 -10.88
C VAL D 189 24.28 -6.18 -12.32
N THR D 190 23.88 -7.01 -13.27
CA THR D 190 24.22 -6.80 -14.67
C THR D 190 23.35 -5.70 -15.28
N ILE D 191 23.98 -4.77 -15.98
CA ILE D 191 23.30 -3.67 -16.66
C ILE D 191 23.84 -3.58 -18.08
N ASP D 192 22.94 -3.51 -19.06
CA ASP D 192 23.33 -3.41 -20.46
C ASP D 192 23.35 -1.94 -20.86
N SER D 193 24.53 -1.46 -21.26
CA SER D 193 24.71 -0.09 -21.70
C SER D 193 24.62 -0.02 -23.22
N SER D 194 24.83 1.19 -23.75
CA SER D 194 24.74 1.46 -25.17
C SER D 194 26.02 2.09 -25.67
N GLY D 195 26.29 1.91 -26.96
CA GLY D 195 27.35 2.67 -27.61
C GLY D 195 27.06 4.15 -27.54
N TYR D 196 28.03 4.94 -27.11
CA TYR D 196 27.81 6.36 -26.90
C TYR D 196 27.50 7.04 -28.23
N TYR D 197 26.33 7.66 -28.31
CA TYR D 197 25.96 8.48 -29.46
C TYR D 197 26.29 9.93 -29.15
N GLU D 198 26.96 10.59 -30.08
CA GLU D 198 27.45 11.95 -29.87
C GLU D 198 26.86 12.88 -30.92
N TYR D 199 26.39 14.04 -30.47
CA TYR D 199 25.86 15.03 -31.38
C TYR D 199 27.00 15.61 -32.21
N PRO D 200 26.92 15.57 -33.55
CA PRO D 200 28.02 16.12 -34.35
C PRO D 200 28.27 17.59 -34.09
N ASN D 201 27.23 18.37 -33.81
CA ASN D 201 27.39 19.78 -33.52
C ASN D 201 28.06 19.98 -32.17
N VAL D 202 28.79 21.09 -32.05
CA VAL D 202 29.43 21.51 -30.81
C VAL D 202 28.99 22.93 -30.52
N PHE D 203 28.58 23.19 -29.28
CA PHE D 203 27.95 24.45 -28.93
C PHE D 203 28.51 24.97 -27.61
N GLU D 204 28.46 26.29 -27.47
CA GLU D 204 28.76 26.93 -26.19
C GLU D 204 27.52 26.90 -25.31
N VAL D 205 27.74 26.71 -24.00
CA VAL D 205 26.64 26.76 -23.06
C VAL D 205 26.07 28.17 -23.04
N ARG D 206 24.74 28.27 -23.11
CA ARG D 206 24.11 29.58 -23.17
C ARG D 206 24.39 30.32 -21.87
N TYR D 207 25.26 31.32 -21.94
CA TYR D 207 25.53 32.21 -20.83
C TYR D 207 24.87 33.55 -21.10
N ASN D 208 24.08 34.03 -20.14
CA ASN D 208 23.25 35.22 -20.31
C ASN D 208 23.84 36.34 -19.47
N PHE D 209 24.54 37.27 -20.12
CA PHE D 209 25.09 38.44 -19.45
C PHE D 209 25.69 39.36 -20.49
N VAL D 210 25.72 40.65 -20.17
CA VAL D 210 26.38 41.65 -21.01
C VAL D 210 27.20 42.55 -20.10
N PRO D 211 28.50 42.70 -20.33
CA PRO D 211 29.32 43.49 -19.41
C PRO D 211 28.80 44.91 -19.34
N PRO D 212 28.93 45.57 -18.18
CA PRO D 212 28.42 46.93 -18.05
C PRO D 212 29.15 47.89 -18.99
N ALA D 213 28.44 48.93 -19.40
CA ALA D 213 29.00 49.91 -20.32
C ALA D 213 30.26 50.52 -19.72
N ALA D 214 31.31 50.62 -20.53
CA ALA D 214 32.55 51.20 -20.07
C ALA D 214 32.39 52.70 -19.84
N PRO D 215 33.16 53.28 -18.92
CA PRO D 215 33.14 54.73 -18.78
C PRO D 215 33.58 55.42 -20.06
N ILE D 216 32.97 56.57 -20.35
CA ILE D 216 33.26 57.31 -21.57
C ILE D 216 33.36 58.79 -21.23
N ASN D 217 33.83 59.57 -22.20
CA ASN D 217 33.87 61.02 -22.10
C ASN D 217 34.68 61.47 -20.91
N ILE D 218 35.82 60.81 -20.67
CA ILE D 218 36.68 61.20 -19.57
C ILE D 218 37.29 62.57 -19.86
N VAL D 219 37.58 63.32 -18.81
CA VAL D 219 38.13 64.66 -18.94
C VAL D 219 38.96 64.95 -17.69
N PHE D 220 39.83 65.94 -17.79
CA PHE D 220 40.72 66.32 -16.69
C PHE D 220 40.66 67.83 -16.47
N LYS D 221 40.95 68.23 -15.24
CA LYS D 221 41.03 69.64 -14.88
C LYS D 221 41.69 69.76 -13.53
N ALA D 222 42.68 70.66 -13.43
CA ALA D 222 43.47 70.82 -12.22
C ALA D 222 43.39 72.27 -11.76
N ALA D 223 44.08 72.56 -10.66
CA ALA D 223 44.07 73.89 -10.09
C ALA D 223 45.35 74.09 -9.28
N ARG D 224 45.66 75.35 -9.01
CA ARG D 224 46.81 75.72 -8.18
C ARG D 224 48.08 74.99 -8.64
N TYR D 232 49.73 69.34 -8.11
CA TYR D 232 48.62 70.03 -7.48
C TYR D 232 47.34 69.21 -7.62
N ASP D 233 46.22 69.80 -7.19
CA ASP D 233 44.95 69.09 -7.23
C ASP D 233 44.53 68.84 -8.67
N LEU D 234 43.95 67.67 -8.91
CA LEU D 234 43.42 67.29 -10.22
C LEU D 234 42.04 66.70 -10.03
N ARG D 235 41.10 67.11 -10.89
CA ARG D 235 39.73 66.63 -10.86
C ARG D 235 39.45 65.89 -12.17
N VAL D 236 38.90 64.69 -12.06
CA VAL D 236 38.62 63.83 -13.20
C VAL D 236 37.12 63.59 -13.26
N GLN D 237 36.56 63.71 -14.46
CA GLN D 237 35.15 63.48 -14.70
C GLN D 237 34.96 62.62 -15.94
N TRP D 238 33.87 61.86 -15.96
CA TRP D 238 33.56 60.99 -17.09
C TRP D 238 32.05 60.84 -17.17
N ASP D 239 31.61 60.08 -18.17
CA ASP D 239 30.19 59.84 -18.38
C ASP D 239 29.96 58.35 -18.63
N TRP D 240 28.77 57.89 -18.27
CA TRP D 240 28.42 56.48 -18.38
C TRP D 240 26.93 56.35 -18.66
N ASN D 241 26.57 55.27 -19.34
CA ASN D 241 25.19 54.99 -19.70
C ASN D 241 24.85 53.54 -19.36
N ARG D 242 23.57 53.31 -19.07
CA ARG D 242 23.13 51.95 -18.77
C ARG D 242 23.38 51.02 -19.95
N GLY D 243 23.05 51.47 -21.16
CA GLY D 243 23.30 50.66 -22.33
C GLY D 243 22.59 49.32 -22.25
N ALA D 244 23.26 48.30 -22.79
CA ALA D 244 22.74 46.94 -22.76
C ALA D 244 23.37 46.08 -21.68
N GLY D 245 24.43 46.56 -21.03
CA GLY D 245 25.09 45.81 -19.99
C GLY D 245 24.40 45.93 -18.66
N ALA D 246 24.96 45.24 -17.67
CA ALA D 246 24.39 45.25 -16.34
C ALA D 246 24.58 46.61 -15.67
N ASN D 247 23.72 46.88 -14.69
CA ASN D 247 23.82 48.14 -13.96
C ASN D 247 25.11 48.18 -13.15
N VAL D 248 25.84 49.29 -13.28
CA VAL D 248 27.11 49.42 -12.58
C VAL D 248 26.88 49.52 -11.07
N ARG D 249 27.86 49.05 -10.30
CA ARG D 249 27.83 49.16 -8.85
C ARG D 249 28.89 50.09 -8.28
N GLU D 250 29.99 50.32 -9.01
CA GLU D 250 31.00 51.26 -8.58
C GLU D 250 31.95 51.51 -9.75
N PHE D 251 32.83 52.49 -9.56
CA PHE D 251 33.86 52.81 -10.53
C PHE D 251 35.22 52.83 -9.85
N VAL D 252 36.26 52.46 -10.61
CA VAL D 252 37.63 52.45 -10.12
C VAL D 252 38.48 53.25 -11.10
N LEU D 253 39.26 54.18 -10.57
CA LEU D 253 40.17 54.99 -11.36
C LEU D 253 41.59 54.48 -11.13
N SER D 254 42.10 53.70 -12.08
CA SER D 254 43.44 53.14 -12.01
C SER D 254 44.37 54.05 -12.80
N TYR D 255 45.25 54.76 -12.09
CA TYR D 255 46.20 55.68 -12.69
C TYR D 255 47.60 55.28 -12.29
N ILE D 256 48.52 55.29 -13.26
CA ILE D 256 49.89 54.85 -13.04
C ILE D 256 50.85 55.82 -13.72
N ASP D 257 52.10 55.76 -13.28
CA ASP D 257 53.15 56.53 -13.92
C ASP D 257 53.48 55.94 -15.29
N SER D 258 53.71 56.80 -16.26
CA SER D 258 54.00 56.34 -17.62
C SER D 258 55.28 55.51 -17.66
N ALA D 259 56.31 55.95 -16.94
CA ALA D 259 57.54 55.18 -16.89
C ALA D 259 57.30 53.79 -16.29
N GLU D 260 56.50 53.73 -15.22
CA GLU D 260 56.16 52.43 -14.65
C GLU D 260 55.41 51.58 -15.64
N PHE D 261 54.47 52.18 -16.37
CA PHE D 261 53.75 51.44 -17.41
C PHE D 261 54.74 50.87 -18.44
N VAL D 262 55.75 51.66 -18.80
CA VAL D 262 56.75 51.18 -19.74
C VAL D 262 57.50 49.99 -19.15
N ARG D 263 57.90 50.09 -17.88
CA ARG D 263 58.60 48.99 -17.23
C ARG D 263 57.72 47.76 -17.14
N THR D 264 56.46 47.94 -16.73
CA THR D 264 55.53 46.83 -16.54
C THR D 264 54.13 47.28 -16.93
N GLY D 265 53.30 46.33 -17.33
CA GLY D 265 51.95 46.64 -17.77
C GLY D 265 50.94 46.66 -16.64
N TRP D 266 50.54 47.87 -16.23
CA TRP D 266 49.51 48.04 -15.20
C TRP D 266 49.85 47.24 -13.95
N THR D 267 51.12 47.30 -13.56
CA THR D 267 51.61 46.66 -12.35
C THR D 267 51.85 47.72 -11.29
N LYS D 268 51.47 47.39 -10.04
CA LYS D 268 51.55 48.35 -8.94
C LYS D 268 50.78 49.63 -9.28
N ALA D 269 49.59 49.45 -9.83
CA ALA D 269 48.76 50.58 -10.24
C ALA D 269 48.05 51.18 -9.03
N GLN D 270 48.08 52.51 -8.94
CA GLN D 270 47.36 53.22 -7.89
C GLN D 270 45.89 53.32 -8.29
N LYS D 271 44.99 52.94 -7.38
CA LYS D 271 43.57 52.87 -7.67
C LYS D 271 42.79 53.73 -6.69
N ILE D 272 41.81 54.46 -7.22
CA ILE D 272 40.83 55.21 -6.43
C ILE D 272 39.45 54.72 -6.82
N ASN D 273 38.68 54.28 -5.84
CA ASN D 273 37.36 53.69 -6.07
C ASN D 273 36.28 54.58 -5.48
N VAL D 274 35.24 54.84 -6.27
CA VAL D 274 34.11 55.65 -5.84
C VAL D 274 32.84 54.89 -6.16
N GLY D 275 31.84 55.03 -5.30
CA GLY D 275 30.58 54.32 -5.47
C GLY D 275 29.71 54.93 -6.56
N ALA D 276 30.13 54.78 -7.81
CA ALA D 276 29.40 55.34 -8.94
C ALA D 276 29.21 56.85 -8.80
N ALA D 277 30.25 57.53 -8.30
CA ALA D 277 30.19 58.97 -8.12
C ALA D 277 30.37 59.73 -9.42
N GLN D 278 30.80 59.07 -10.50
CA GLN D 278 30.96 59.66 -11.83
C GLN D 278 32.20 60.55 -11.93
N SER D 279 32.92 60.77 -10.83
CA SER D 279 34.07 61.68 -10.85
C SER D 279 35.05 61.25 -9.78
N ALA D 280 36.29 61.72 -9.94
CA ALA D 280 37.35 61.44 -8.98
C ALA D 280 38.30 62.64 -8.94
N THR D 281 39.05 62.72 -7.84
CA THR D 281 39.97 63.83 -7.63
C THR D 281 41.28 63.32 -7.07
N ILE D 282 42.38 63.94 -7.50
CA ILE D 282 43.72 63.64 -6.98
C ILE D 282 44.19 64.85 -6.19
N ILE D 283 44.54 64.62 -4.92
CA ILE D 283 44.82 65.72 -4.01
C ILE D 283 46.04 66.50 -4.47
N SER D 284 47.13 65.80 -4.77
CA SER D 284 48.38 66.44 -5.19
C SER D 284 48.98 65.62 -6.34
N PHE D 285 48.62 66.00 -7.56
CA PHE D 285 49.15 65.32 -8.73
C PHE D 285 50.58 65.79 -9.00
N PRO D 286 51.46 64.92 -9.47
CA PRO D 286 52.82 65.35 -9.81
C PRO D 286 52.81 66.37 -10.94
N TRP D 287 53.83 67.23 -10.95
CA TRP D 287 53.97 68.28 -11.94
C TRP D 287 54.99 67.87 -12.99
N LYS D 288 54.57 67.88 -14.26
CA LYS D 288 55.45 67.50 -15.37
C LYS D 288 55.99 66.08 -15.19
N VAL D 289 55.13 65.16 -14.77
CA VAL D 289 55.45 63.74 -14.75
C VAL D 289 54.28 63.00 -15.39
N GLU D 290 54.56 62.25 -16.46
CA GLU D 290 53.50 61.62 -17.22
C GLU D 290 52.89 60.48 -16.44
N HIS D 291 51.55 60.45 -16.40
CA HIS D 291 50.80 59.38 -15.77
C HIS D 291 49.70 58.92 -16.71
N LYS D 292 49.47 57.61 -16.75
CA LYS D 292 48.45 57.01 -17.60
C LYS D 292 47.22 56.68 -16.76
N PHE D 293 46.05 56.98 -17.30
CA PHE D 293 44.80 56.90 -16.56
C PHE D 293 43.83 55.95 -17.24
N LYS D 294 42.98 55.33 -16.42
CA LYS D 294 41.88 54.51 -16.91
C LYS D 294 40.81 54.46 -15.84
N VAL D 295 39.56 54.30 -16.27
CA VAL D 295 38.42 54.17 -15.39
C VAL D 295 37.73 52.84 -15.67
N SER D 296 37.39 52.12 -14.61
CA SER D 296 36.81 50.79 -14.72
C SER D 296 35.40 50.78 -14.14
N SER D 297 34.50 50.09 -14.83
CA SER D 297 33.12 49.91 -14.39
C SER D 297 32.93 48.46 -13.95
N ILE D 298 32.24 48.28 -12.83
CA ILE D 298 32.05 46.96 -12.23
C ILE D 298 30.57 46.75 -11.95
N ALA D 299 30.10 45.55 -12.19
CA ALA D 299 28.71 45.16 -11.98
C ALA D 299 28.66 43.91 -11.08
N TRP D 300 27.44 43.48 -10.77
CA TRP D 300 27.23 42.23 -10.03
C TRP D 300 27.32 41.03 -10.97
N GLY D 301 28.45 40.93 -11.65
CA GLY D 301 28.68 39.84 -12.57
C GLY D 301 29.80 38.93 -12.08
N PRO D 302 29.91 37.75 -12.69
CA PRO D 302 30.90 36.78 -12.24
C PRO D 302 32.22 36.89 -12.99
N ASP D 303 33.21 36.15 -12.49
CA ASP D 303 34.53 36.07 -13.12
C ASP D 303 35.08 37.50 -13.17
N ALA D 304 35.92 37.83 -14.14
CA ALA D 304 36.40 39.19 -14.34
C ALA D 304 35.72 39.88 -15.51
N GLN D 305 34.91 39.15 -16.29
CA GLN D 305 34.24 39.77 -17.42
C GLN D 305 33.40 40.97 -17.00
N ASP D 306 32.80 40.90 -15.82
CA ASP D 306 31.93 41.99 -15.36
C ASP D 306 32.69 43.30 -15.19
N VAL D 307 34.02 43.24 -15.07
CA VAL D 307 34.83 44.45 -14.92
C VAL D 307 35.13 44.97 -16.32
N THR D 308 34.43 46.04 -16.71
CA THR D 308 34.61 46.67 -18.01
C THR D 308 35.32 48.01 -17.80
N ASP D 309 36.36 48.25 -18.60
CA ASP D 309 37.21 49.42 -18.44
C ASP D 309 37.12 50.31 -19.68
N SER D 310 37.49 51.57 -19.49
CA SER D 310 37.47 52.54 -20.56
C SER D 310 38.79 52.50 -21.34
N ALA D 311 38.86 53.31 -22.39
CA ALA D 311 40.06 53.35 -23.21
C ALA D 311 41.22 53.94 -22.43
N VAL D 312 42.41 53.39 -22.66
CA VAL D 312 43.61 53.87 -21.97
C VAL D 312 43.91 55.28 -22.43
N GLN D 313 43.98 56.21 -21.48
CA GLN D 313 44.27 57.61 -21.77
C GLN D 313 45.29 58.13 -20.76
N THR D 314 46.11 59.08 -21.22
CA THR D 314 47.17 59.65 -20.42
C THR D 314 46.99 61.15 -20.31
N PHE D 315 47.31 61.69 -19.13
CA PHE D 315 47.20 63.11 -18.85
C PHE D 315 48.49 63.59 -18.20
N ILE D 316 48.78 64.87 -18.37
CA ILE D 316 50.01 65.47 -17.86
C ILE D 316 49.68 66.84 -17.28
N LEU D 317 50.38 67.20 -16.20
CA LEU D 317 50.23 68.53 -15.61
C LEU D 317 51.16 69.52 -16.31
N ASN D 318 51.07 69.59 -17.64
CA ASN D 318 51.89 70.50 -18.40
C ASN D 318 51.50 71.95 -18.08
N GLU D 319 52.49 72.83 -18.06
CA GLU D 319 52.24 74.23 -17.74
C GLU D 319 51.25 74.86 -18.70
N SER D 320 51.09 74.31 -19.90
CA SER D 320 50.14 74.84 -20.87
C SER D 320 48.71 74.41 -20.59
N THR D 321 48.50 73.44 -19.72
CA THR D 321 47.15 72.98 -19.43
C THR D 321 46.37 74.07 -18.69
N PRO D 322 45.14 74.39 -19.11
CA PRO D 322 44.35 75.35 -18.33
C PRO D 322 44.02 74.82 -16.94
N LEU D 323 43.88 75.76 -16.01
CA LEU D 323 43.56 75.45 -14.62
C LEU D 323 42.26 76.14 -14.23
N ASP D 324 41.42 75.44 -13.48
CA ASP D 324 40.13 75.94 -13.05
C ASP D 324 40.03 75.82 -11.54
N ASN D 325 39.61 76.90 -10.88
CA ASN D 325 39.38 76.90 -9.44
C ASN D 325 37.92 76.72 -9.06
N SER D 326 37.03 76.60 -10.05
CA SER D 326 35.61 76.46 -9.75
C SER D 326 35.30 75.12 -9.09
N PHE D 327 35.85 74.03 -9.64
CA PHE D 327 35.55 72.72 -9.07
C PHE D 327 36.09 72.60 -7.64
N VAL D 328 37.19 73.29 -7.34
CA VAL D 328 37.77 73.21 -6.01
C VAL D 328 36.81 73.77 -4.97
N ASN D 329 36.21 74.93 -5.26
CA ASN D 329 35.40 75.64 -4.28
C ASN D 329 33.92 75.30 -4.34
N GLU D 330 33.44 74.71 -5.44
CA GLU D 330 32.01 74.43 -5.56
C GLU D 330 31.58 73.22 -4.74
N THR D 331 32.53 72.42 -4.24
CA THR D 331 32.24 71.32 -3.33
C THR D 331 32.72 71.70 -1.94
N GLY D 332 31.85 71.52 -0.95
CA GLY D 332 32.18 71.89 0.41
C GLY D 332 32.01 70.77 1.41
N ILE D 333 33.13 70.33 1.98
CA ILE D 333 33.14 69.38 3.09
C ILE D 333 33.65 70.12 4.32
N GLU D 334 32.85 70.12 5.39
CA GLU D 334 33.18 70.83 6.60
C GLU D 334 33.12 69.88 7.79
N VAL D 335 34.10 70.00 8.69
CA VAL D 335 34.16 69.24 9.92
C VAL D 335 33.91 70.20 11.07
N ASN D 336 32.91 69.90 11.88
CA ASN D 336 32.48 70.78 12.95
C ASN D 336 32.53 70.05 14.28
N TYR D 337 32.72 70.82 15.35
CA TYR D 337 32.73 70.24 16.69
C TYR D 337 31.44 69.52 17.00
N ALA D 338 30.33 69.93 16.39
CA ALA D 338 29.03 69.32 16.65
C ALA D 338 28.66 68.22 15.67
N TYR D 339 29.31 68.16 14.50
CA TYR D 339 29.01 67.15 13.50
C TYR D 339 30.01 67.31 12.36
N ILE D 340 29.91 66.40 11.38
CA ILE D 340 30.66 66.49 10.14
C ILE D 340 29.69 66.34 8.99
N LYS D 341 29.77 67.25 8.02
CA LYS D 341 28.79 67.30 6.95
C LYS D 341 29.47 67.77 5.68
N GLY D 342 28.90 67.37 4.54
CA GLY D 342 29.36 67.79 3.25
C GLY D 342 28.25 68.50 2.49
N LYS D 343 28.64 69.38 1.57
CA LYS D 343 27.66 70.16 0.82
C LYS D 343 28.25 70.50 -0.55
N ILE D 344 27.35 70.80 -1.48
CA ILE D 344 27.71 71.18 -2.84
C ILE D 344 27.05 72.51 -3.14
N LYS D 345 27.81 73.43 -3.73
CA LYS D 345 27.31 74.77 -4.03
C LYS D 345 26.53 74.72 -5.34
N ASP D 346 25.22 74.93 -5.27
CA ASP D 346 24.37 75.05 -6.44
C ASP D 346 23.91 76.51 -6.51
N GLY D 347 24.43 77.24 -7.49
CA GLY D 347 24.16 78.66 -7.57
C GLY D 347 24.63 79.39 -6.34
N SER D 348 23.72 80.13 -5.70
CA SER D 348 24.04 80.88 -4.50
C SER D 348 23.75 80.12 -3.21
N THR D 349 23.36 78.85 -3.32
CA THR D 349 22.99 78.04 -2.16
C THR D 349 23.89 76.80 -2.09
N TRP D 350 23.78 76.11 -0.96
CA TRP D 350 24.50 74.86 -0.72
C TRP D 350 23.49 73.77 -0.41
N LYS D 351 23.76 72.57 -0.91
CA LYS D 351 22.86 71.43 -0.73
C LYS D 351 23.60 70.33 0.01
N GLN D 352 23.00 69.85 1.10
CA GLN D 352 23.61 68.80 1.90
C GLN D 352 23.67 67.50 1.12
N THR D 353 24.78 66.79 1.26
CA THR D 353 24.98 65.50 0.62
C THR D 353 25.19 64.36 1.60
N PHE D 354 25.82 64.61 2.75
CA PHE D 354 25.95 63.60 3.79
C PHE D 354 26.21 64.30 5.11
N LEU D 355 25.58 63.80 6.17
CA LEU D 355 25.70 64.37 7.49
C LEU D 355 25.83 63.25 8.52
N ILE D 356 26.70 63.46 9.49
CA ILE D 356 26.90 62.52 10.59
C ILE D 356 26.83 63.31 11.89
N ASP D 357 25.89 62.95 12.76
CA ASP D 357 25.65 63.69 13.99
C ASP D 357 26.56 63.18 15.10
N ALA D 358 27.35 64.08 15.68
CA ALA D 358 28.25 63.70 16.77
C ALA D 358 27.48 63.41 18.05
N ALA D 359 26.49 64.24 18.38
CA ALA D 359 25.78 64.09 19.65
C ALA D 359 25.22 62.68 19.81
N THR D 360 24.30 62.30 18.94
CA THR D 360 23.77 60.95 18.89
C THR D 360 24.02 60.37 17.51
N GLY D 361 24.29 59.06 17.47
CA GLY D 361 24.58 58.41 16.21
C GLY D 361 23.49 58.63 15.20
N ALA D 362 23.85 59.10 14.01
CA ALA D 362 22.90 59.36 12.96
C ALA D 362 23.63 59.57 11.64
N ILE D 363 23.16 58.92 10.57
CA ILE D 363 23.81 58.97 9.27
C ILE D 363 22.77 59.33 8.22
N ASN D 364 23.04 60.37 7.44
CA ASN D 364 22.23 60.76 6.31
C ASN D 364 23.10 60.76 5.07
N ILE D 365 22.59 60.18 3.99
CA ILE D 365 23.34 60.01 2.76
C ILE D 365 22.48 60.44 1.58
N GLY D 366 23.10 61.09 0.61
CA GLY D 366 22.43 61.49 -0.61
C GLY D 366 21.85 62.89 -0.53
N LEU D 367 21.58 63.46 -1.70
CA LEU D 367 21.00 64.79 -1.75
C LEU D 367 19.57 64.76 -1.24
N LEU D 368 19.21 65.78 -0.45
CA LEU D 368 17.88 65.86 0.12
C LEU D 368 16.83 65.97 -0.98
N ASP D 369 15.69 65.35 -0.74
CA ASP D 369 14.57 65.37 -1.69
C ASP D 369 13.87 66.73 -1.60
N ALA D 370 12.76 66.88 -2.32
CA ALA D 370 11.98 68.10 -2.21
C ALA D 370 11.49 68.30 -0.78
N GLU D 371 11.01 67.24 -0.15
CA GLU D 371 10.67 67.26 1.26
C GLU D 371 11.84 66.89 2.16
N GLY D 372 12.99 66.54 1.59
CA GLY D 372 14.19 66.26 2.34
C GLY D 372 14.51 64.80 2.53
N LYS D 373 13.73 63.88 1.96
CA LYS D 373 14.00 62.46 2.14
C LYS D 373 15.37 62.10 1.58
N ALA D 374 16.11 61.32 2.36
CA ALA D 374 17.43 60.83 1.96
C ALA D 374 17.36 59.37 1.55
N PRO D 375 18.08 58.97 0.50
CA PRO D 375 18.01 57.56 0.08
C PRO D 375 18.39 56.58 1.17
N ILE D 376 19.40 56.89 1.98
CA ILE D 376 19.97 55.94 2.95
C ILE D 376 20.08 56.63 4.29
N SER D 377 19.66 55.94 5.35
CA SER D 377 19.76 56.48 6.70
C SER D 377 19.94 55.34 7.68
N PHE D 378 20.78 55.56 8.69
CA PHE D 378 20.98 54.64 9.80
C PHE D 378 20.58 55.34 11.09
N ASP D 379 19.77 54.66 11.91
CA ASP D 379 19.24 55.23 13.15
C ASP D 379 19.60 54.32 14.32
N PRO D 380 20.77 54.52 14.93
CA PRO D 380 21.12 53.71 16.11
C PRO D 380 20.23 53.97 17.31
N VAL D 381 19.60 55.15 17.41
CA VAL D 381 18.77 55.46 18.57
C VAL D 381 17.62 54.48 18.67
N LYS D 382 16.92 54.25 17.55
CA LYS D 382 15.86 53.25 17.48
C LYS D 382 16.36 51.93 16.90
N LYS D 383 17.63 51.85 16.51
CA LYS D 383 18.18 50.65 15.91
C LYS D 383 17.44 50.30 14.62
N ILE D 384 17.30 51.30 13.75
CA ILE D 384 16.59 51.16 12.49
C ILE D 384 17.49 51.64 11.37
N VAL D 385 17.45 50.93 10.24
CA VAL D 385 18.19 51.30 9.05
C VAL D 385 17.18 51.47 7.91
N ASN D 386 17.29 52.58 7.18
CA ASN D 386 16.35 52.92 6.12
C ASN D 386 17.08 52.94 4.78
N VAL D 387 16.56 52.18 3.83
CA VAL D 387 17.04 52.20 2.44
C VAL D 387 15.85 52.51 1.56
N ASP D 388 15.86 53.68 0.93
CA ASP D 388 14.71 54.10 0.13
C ASP D 388 14.54 53.21 -1.09
N GLY D 389 15.63 52.73 -1.67
CA GLY D 389 15.56 51.90 -2.86
C GLY D 389 15.72 50.43 -2.58
N SER D 390 16.90 49.88 -2.84
CA SER D 390 17.14 48.45 -2.72
C SER D 390 18.47 48.20 -2.02
N VAL D 391 18.62 46.97 -1.53
CA VAL D 391 19.85 46.49 -0.92
C VAL D 391 20.17 45.12 -1.49
N ILE D 392 21.43 44.89 -1.81
CA ILE D 392 21.88 43.67 -2.46
C ILE D 392 22.96 43.03 -1.60
N THR D 393 22.81 41.74 -1.30
CA THR D 393 23.77 41.01 -0.50
C THR D 393 23.79 39.55 -0.93
N LYS D 394 24.97 38.94 -0.87
CA LYS D 394 25.07 37.53 -1.23
C LYS D 394 24.24 36.68 -0.29
N THR D 395 24.29 36.96 1.01
CA THR D 395 23.50 36.25 2.00
C THR D 395 22.96 37.25 3.02
N ILE D 396 21.83 36.91 3.61
CA ILE D 396 21.21 37.73 4.66
C ILE D 396 20.71 36.81 5.76
N ASN D 397 21.14 37.07 6.98
CA ASN D 397 20.68 36.34 8.16
C ASN D 397 19.73 37.24 8.94
N ALA D 398 18.56 36.73 9.25
CA ALA D 398 17.59 37.50 10.03
C ALA D 398 16.56 36.55 10.61
N ALA D 399 16.20 36.79 11.88
CA ALA D 399 15.21 35.96 12.54
C ALA D 399 13.84 36.12 11.89
N ASN D 400 13.46 37.35 11.58
CA ASN D 400 12.14 37.66 11.06
C ASN D 400 12.26 38.38 9.72
N PHE D 401 11.50 37.90 8.73
CA PHE D 401 11.38 38.55 7.43
C PHE D 401 9.96 39.09 7.32
N VAL D 402 9.82 40.40 7.39
CA VAL D 402 8.51 41.06 7.42
C VAL D 402 8.13 41.48 6.02
N MET D 403 7.04 40.94 5.51
CA MET D 403 6.52 41.31 4.20
C MET D 403 5.49 42.41 4.40
N THR D 404 5.88 43.66 4.12
CA THR D 404 5.04 44.81 4.36
C THR D 404 5.03 45.72 3.15
N ASN D 405 3.93 46.46 2.99
CA ASN D 405 3.75 47.41 1.90
C ASN D 405 4.05 48.80 2.45
N LEU D 406 5.21 49.35 2.08
CA LEU D 406 5.62 50.63 2.61
C LEU D 406 4.70 51.75 2.12
N THR D 407 4.48 51.81 0.80
CA THR D 407 3.59 52.84 0.25
C THR D 407 2.12 52.50 0.46
N GLY D 408 1.81 51.21 0.59
CA GLY D 408 0.45 50.75 0.66
C GLY D 408 -0.11 50.23 -0.65
N GLN D 409 0.51 50.60 -1.77
CA GLN D 409 0.13 50.08 -3.07
C GLN D 409 0.99 48.90 -3.51
N ASP D 410 1.91 48.46 -2.67
CA ASP D 410 2.79 47.37 -3.02
C ASP D 410 2.10 46.02 -2.80
N ASN D 411 2.72 44.98 -3.32
CA ASN D 411 2.26 43.60 -3.12
C ASN D 411 3.40 42.82 -2.49
N PRO D 412 3.52 42.83 -1.15
CA PRO D 412 4.65 42.13 -0.51
C PRO D 412 4.71 40.68 -0.97
N ALA D 413 5.87 40.29 -1.48
CA ALA D 413 6.04 38.96 -2.05
C ALA D 413 7.50 38.57 -2.01
N ILE D 414 7.74 37.26 -2.01
CA ILE D 414 9.07 36.69 -2.17
C ILE D 414 9.02 35.81 -3.40
N TYR D 415 9.96 36.01 -4.32
CA TYR D 415 9.89 35.34 -5.61
C TYR D 415 11.24 35.41 -6.29
N THR D 416 11.51 34.42 -7.13
CA THR D 416 12.66 34.48 -8.00
C THR D 416 12.52 35.64 -8.97
N GLN D 417 13.65 36.26 -9.30
CA GLN D 417 13.62 37.41 -10.21
C GLN D 417 12.98 37.02 -11.54
N GLY D 418 12.07 37.86 -12.01
CA GLY D 418 11.37 37.66 -13.26
C GLY D 418 10.07 36.90 -13.14
N LYS D 419 9.98 35.97 -12.19
CA LYS D 419 8.76 35.18 -12.04
C LYS D 419 7.63 36.04 -11.49
N THR D 420 6.42 35.79 -12.00
CA THR D 420 5.21 36.42 -11.50
C THR D 420 4.14 35.34 -11.36
N TRP D 421 3.17 35.61 -10.49
CA TRP D 421 2.12 34.63 -10.21
C TRP D 421 1.51 34.12 -11.52
N GLY D 422 1.64 32.82 -11.74
CA GLY D 422 1.08 32.21 -12.94
C GLY D 422 1.77 32.65 -14.22
N ASP D 423 3.09 32.79 -14.20
CA ASP D 423 3.86 33.16 -15.38
C ASP D 423 4.52 31.94 -15.99
N THR D 424 4.75 32.00 -17.30
CA THR D 424 5.26 30.84 -18.02
C THR D 424 6.65 30.46 -17.55
N LYS D 425 7.54 31.44 -17.38
CA LYS D 425 8.93 31.13 -17.02
C LYS D 425 8.99 30.42 -15.68
N SER D 426 9.92 29.47 -15.57
CA SER D 426 10.07 28.70 -14.35
C SER D 426 10.55 29.59 -13.22
N GLY D 427 10.03 29.35 -12.03
CA GLY D 427 10.35 30.16 -10.88
C GLY D 427 9.36 29.87 -9.77
N ILE D 428 9.39 30.75 -8.76
CA ILE D 428 8.44 30.67 -7.65
C ILE D 428 7.91 32.07 -7.36
N TRP D 429 6.75 32.12 -6.71
CA TRP D 429 6.15 33.39 -6.32
C TRP D 429 5.21 33.14 -5.16
N MET D 430 5.30 34.00 -4.14
CA MET D 430 4.42 33.92 -2.98
C MET D 430 4.30 35.32 -2.40
N GLY D 431 3.07 35.79 -2.22
CA GLY D 431 2.88 37.13 -1.72
C GLY D 431 1.42 37.48 -1.65
N MET D 432 1.17 38.76 -1.36
CA MET D 432 -0.19 39.24 -1.15
C MET D 432 -0.83 39.75 -2.43
N ASP D 433 -2.16 39.71 -2.46
CA ASP D 433 -2.97 40.33 -3.50
C ASP D 433 -3.80 41.41 -2.82
N ASN D 434 -3.24 42.62 -2.74
CA ASN D 434 -3.84 43.67 -1.92
C ASN D 434 -5.30 43.90 -2.28
N VAL D 435 -5.61 43.95 -3.58
CA VAL D 435 -6.98 44.25 -4.00
C VAL D 435 -7.94 43.19 -3.48
N THR D 436 -7.58 41.91 -3.65
CA THR D 436 -8.43 40.82 -3.19
C THR D 436 -8.18 40.45 -1.73
N ALA D 437 -7.10 40.94 -1.12
CA ALA D 437 -6.77 40.64 0.27
C ALA D 437 -6.67 39.14 0.51
N LYS D 438 -6.16 38.41 -0.48
CA LYS D 438 -6.04 36.96 -0.39
C LYS D 438 -4.59 36.56 -0.66
N PRO D 439 -3.98 35.71 0.16
CA PRO D 439 -2.63 35.23 -0.15
C PRO D 439 -2.62 34.41 -1.44
N LYS D 440 -1.51 34.50 -2.16
CA LYS D 440 -1.31 33.76 -3.39
C LYS D 440 0.04 33.06 -3.35
N LEU D 441 0.12 31.91 -4.01
CA LEU D 441 1.36 31.15 -4.13
C LEU D 441 1.42 30.53 -5.51
N ASP D 442 2.61 30.54 -6.10
CA ASP D 442 2.84 29.92 -7.40
C ASP D 442 4.25 29.34 -7.42
N ILE D 443 4.35 28.05 -7.65
CA ILE D 443 5.61 27.34 -7.70
C ILE D 443 5.57 26.34 -8.84
N GLY D 444 6.64 26.30 -9.63
CA GLY D 444 6.79 25.32 -10.70
C GLY D 444 6.93 25.98 -12.05
N ASN D 445 6.99 25.13 -13.07
CA ASN D 445 7.17 25.56 -14.45
C ASN D 445 5.83 26.02 -15.02
N ALA D 446 5.79 26.25 -16.33
CA ALA D 446 4.53 26.57 -16.98
C ALA D 446 3.63 25.34 -17.08
N THR D 447 4.19 24.19 -17.47
CA THR D 447 3.41 22.97 -17.61
C THR D 447 3.07 22.36 -16.25
N GLN D 448 4.00 22.36 -15.31
CA GLN D 448 3.81 21.76 -14.00
C GLN D 448 3.97 22.84 -12.94
N TYR D 449 3.10 22.82 -11.94
CA TYR D 449 3.07 23.91 -10.97
C TYR D 449 2.11 23.56 -9.85
N ILE D 450 2.35 24.17 -8.69
CA ILE D 450 1.40 24.18 -7.58
C ILE D 450 1.00 25.64 -7.36
N ARG D 451 -0.18 26.01 -7.84
CA ARG D 451 -0.67 27.37 -7.75
C ARG D 451 -1.85 27.43 -6.80
N TYR D 452 -1.79 28.34 -5.83
CA TYR D 452 -2.86 28.51 -4.86
C TYR D 452 -3.28 29.98 -4.86
N ASP D 453 -4.45 30.26 -5.41
CA ASP D 453 -5.07 31.57 -5.25
C ASP D 453 -5.77 31.59 -3.89
N GLY D 454 -6.59 32.61 -3.66
CA GLY D 454 -7.33 32.69 -2.43
C GLY D 454 -8.54 31.79 -2.35
N ASN D 455 -8.88 31.10 -3.44
CA ASN D 455 -10.10 30.29 -3.49
C ASN D 455 -9.89 28.89 -4.03
N ILE D 456 -8.73 28.56 -4.57
CA ILE D 456 -8.51 27.26 -5.20
C ILE D 456 -7.03 26.93 -5.16
N LEU D 457 -6.74 25.64 -5.01
CA LEU D 457 -5.38 25.12 -5.05
C LEU D 457 -5.26 24.17 -6.24
N ARG D 458 -4.35 24.48 -7.15
CA ARG D 458 -4.14 23.68 -8.35
C ARG D 458 -2.75 23.06 -8.31
N ILE D 459 -2.67 21.77 -8.60
CA ILE D 459 -1.40 21.05 -8.68
C ILE D 459 -1.40 20.32 -10.02
N SER D 460 -0.62 20.82 -10.97
CA SER D 460 -0.53 20.17 -12.27
C SER D 460 0.21 18.84 -12.18
N SER D 461 1.36 18.83 -11.52
CA SER D 461 2.17 17.62 -11.44
C SER D 461 1.52 16.60 -10.51
N GLU D 462 1.59 15.34 -10.91
CA GLU D 462 0.99 14.28 -10.10
C GLU D 462 1.63 14.25 -8.71
N VAL D 463 0.80 14.00 -7.71
CA VAL D 463 1.20 14.08 -6.31
C VAL D 463 1.04 12.71 -5.66
N VAL D 464 2.01 12.34 -4.83
CA VAL D 464 1.99 11.09 -4.08
C VAL D 464 1.90 11.45 -2.61
N ILE D 465 0.92 10.88 -1.92
CA ILE D 465 0.66 11.17 -0.52
C ILE D 465 0.77 9.87 0.27
N GLY D 466 1.54 9.91 1.35
CA GLY D 466 1.92 8.71 2.07
C GLY D 466 3.18 8.09 1.51
N THR D 467 3.66 7.06 2.19
CA THR D 467 4.86 6.37 1.79
C THR D 467 4.63 4.86 1.81
N PRO D 468 5.33 4.11 0.96
CA PRO D 468 5.16 2.65 0.97
C PRO D 468 5.49 2.06 2.33
N ASN D 469 4.70 1.07 2.74
CA ASN D 469 4.92 0.37 4.00
C ASN D 469 4.93 1.33 5.18
N GLY D 470 4.16 2.41 5.08
CA GLY D 470 4.14 3.39 6.15
C GLY D 470 3.50 2.87 7.42
N ASP D 471 2.40 2.15 7.29
CA ASP D 471 1.57 1.73 8.43
C ASP D 471 1.68 0.23 8.67
N ILE D 472 2.87 -0.34 8.52
CA ILE D 472 3.07 -1.76 8.74
C ILE D 472 3.41 -2.00 10.21
N ASP D 473 3.19 -3.23 10.66
CA ASP D 473 3.62 -3.62 11.99
C ASP D 473 5.12 -3.90 11.98
N ILE D 474 5.85 -3.22 12.87
CA ILE D 474 7.29 -3.46 12.95
C ILE D 474 7.60 -4.69 13.80
N GLN D 475 6.72 -5.05 14.74
CA GLN D 475 6.91 -6.27 15.50
C GLN D 475 6.88 -7.49 14.60
N THR D 476 5.93 -7.53 13.67
CA THR D 476 5.77 -8.64 12.74
C THR D 476 5.55 -8.10 11.33
N GLY D 477 6.16 -8.75 10.36
CA GLY D 477 6.01 -8.36 8.97
C GLY D 477 4.64 -8.72 8.43
N ILE D 478 4.58 -8.89 7.12
CA ILE D 478 3.36 -9.28 6.43
C ILE D 478 3.74 -10.05 5.17
N GLN D 479 2.94 -11.04 4.82
CA GLN D 479 3.20 -11.84 3.63
C GLN D 479 1.92 -12.55 3.22
N GLY D 480 1.91 -13.01 1.97
CA GLY D 480 0.76 -13.72 1.43
C GLY D 480 1.19 -14.95 0.66
N LYS D 481 0.33 -15.97 0.70
CA LYS D 481 0.62 -17.24 0.05
C LYS D 481 -0.68 -17.91 -0.33
N GLN D 482 -0.60 -18.83 -1.29
CA GLN D 482 -1.74 -19.56 -1.81
C GLN D 482 -1.44 -21.05 -1.76
N THR D 483 -2.42 -21.85 -1.37
CA THR D 483 -2.28 -23.30 -1.28
C THR D 483 -3.44 -23.97 -1.98
N VAL D 484 -3.18 -25.15 -2.53
CA VAL D 484 -4.20 -26.00 -3.16
C VAL D 484 -3.85 -27.44 -2.84
N PHE D 485 -4.69 -28.10 -2.05
CA PHE D 485 -4.42 -29.48 -1.63
C PHE D 485 -5.54 -30.40 -2.07
N ILE D 486 -5.16 -31.63 -2.40
CA ILE D 486 -6.07 -32.68 -2.82
C ILE D 486 -6.15 -33.70 -1.70
N TYR D 487 -7.36 -33.90 -1.16
CA TYR D 487 -7.45 -34.33 0.23
C TYR D 487 -8.55 -35.33 0.57
N ILE D 488 -8.94 -36.23 -0.33
CA ILE D 488 -9.96 -37.24 0.02
C ILE D 488 -9.75 -38.50 -0.79
N ILE D 489 -9.91 -39.64 -0.12
CA ILE D 489 -10.21 -40.92 -0.77
C ILE D 489 -11.69 -41.16 -0.56
N GLY D 490 -12.52 -40.68 -1.49
CA GLY D 490 -13.94 -40.50 -1.26
C GLY D 490 -14.78 -41.27 -2.27
N THR D 491 -15.82 -41.93 -1.76
CA THR D 491 -16.79 -42.60 -2.62
C THR D 491 -17.78 -41.61 -3.24
N SER D 492 -18.16 -40.57 -2.51
CA SER D 492 -19.13 -39.58 -2.97
C SER D 492 -18.59 -38.19 -2.68
N LEU D 493 -19.15 -37.22 -3.39
CA LEU D 493 -18.70 -35.84 -3.24
C LEU D 493 -18.91 -35.38 -1.80
N PRO D 494 -17.88 -34.90 -1.11
CA PRO D 494 -18.08 -34.47 0.28
C PRO D 494 -18.52 -33.02 0.40
N ALA D 495 -18.85 -32.59 1.61
CA ALA D 495 -19.15 -31.19 1.86
C ALA D 495 -17.88 -30.44 2.19
N LYS D 496 -17.76 -29.23 1.66
CA LYS D 496 -16.54 -28.47 1.76
C LYS D 496 -16.20 -28.18 3.22
N PRO D 497 -14.92 -28.10 3.56
CA PRO D 497 -14.54 -27.90 4.97
C PRO D 497 -15.09 -26.59 5.51
N THR D 498 -15.32 -26.58 6.83
CA THR D 498 -15.75 -25.39 7.53
C THR D 498 -14.69 -24.81 8.46
N SER D 499 -13.75 -25.62 8.92
CA SER D 499 -12.71 -25.13 9.82
C SER D 499 -11.62 -24.43 9.01
N PRO D 500 -11.31 -23.16 9.30
CA PRO D 500 -10.21 -22.51 8.57
C PRO D 500 -8.84 -22.87 9.13
N ALA D 501 -8.38 -24.08 8.80
CA ALA D 501 -7.06 -24.56 9.17
C ALA D 501 -6.44 -25.25 7.96
N TYR D 502 -5.19 -24.93 7.67
CA TYR D 502 -4.57 -25.45 6.45
C TYR D 502 -4.67 -26.96 6.38
N PRO D 503 -4.39 -27.73 7.43
CA PRO D 503 -4.94 -29.08 7.51
C PRO D 503 -6.35 -29.03 8.06
N PRO D 504 -7.38 -29.24 7.23
CA PRO D 504 -8.75 -29.05 7.72
C PRO D 504 -9.16 -30.16 8.67
N SER D 505 -10.42 -30.16 9.10
CA SER D 505 -10.87 -31.03 10.20
C SER D 505 -10.72 -32.48 9.77
N GLY D 506 -9.66 -33.11 10.24
CA GLY D 506 -9.38 -34.49 9.87
C GLY D 506 -9.26 -34.66 8.38
N TRP D 507 -8.62 -33.71 7.70
CA TRP D 507 -8.65 -33.67 6.25
C TRP D 507 -7.20 -33.65 5.79
N SER D 508 -6.84 -34.54 4.86
CA SER D 508 -5.43 -34.69 4.52
C SER D 508 -4.91 -33.46 3.76
N LYS D 509 -3.58 -33.34 3.71
CA LYS D 509 -2.92 -32.24 3.02
C LYS D 509 -2.35 -32.64 1.66
N THR D 510 -2.31 -33.93 1.34
CA THR D 510 -1.73 -34.41 0.09
C THR D 510 -2.62 -35.49 -0.50
N PRO D 511 -2.54 -35.71 -1.81
CA PRO D 511 -3.38 -36.74 -2.44
C PRO D 511 -3.02 -38.12 -1.92
N PRO D 512 -3.93 -38.79 -1.18
CA PRO D 512 -3.61 -40.13 -0.67
C PRO D 512 -3.84 -41.22 -1.71
N ASN D 513 -3.60 -42.46 -1.32
CA ASN D 513 -3.90 -43.60 -2.19
C ASN D 513 -5.35 -44.01 -2.05
N ARG D 514 -5.93 -44.54 -3.13
CA ARG D 514 -7.35 -44.84 -3.17
C ARG D 514 -7.59 -46.26 -3.61
N THR D 515 -8.76 -46.78 -3.24
CA THR D 515 -9.27 -48.03 -3.76
C THR D 515 -10.10 -47.76 -5.02
N SER D 516 -10.27 -48.81 -5.83
CA SER D 516 -10.84 -48.63 -7.16
C SER D 516 -12.18 -47.91 -7.10
N ASN D 517 -13.02 -48.25 -6.13
CA ASN D 517 -14.35 -47.64 -6.04
C ASN D 517 -14.24 -46.14 -5.76
N THR D 518 -13.36 -45.76 -4.84
CA THR D 518 -13.28 -44.36 -4.41
C THR D 518 -12.75 -43.48 -5.54
N GLN D 519 -12.77 -42.18 -5.29
CA GLN D 519 -12.21 -41.19 -6.21
C GLN D 519 -11.53 -40.11 -5.38
N ASN D 520 -10.98 -39.11 -6.08
CA ASN D 520 -10.23 -38.02 -5.45
C ASN D 520 -10.96 -36.71 -5.70
N ILE D 521 -11.05 -35.87 -4.67
CA ILE D 521 -11.69 -34.57 -4.75
C ILE D 521 -10.74 -33.54 -4.12
N TYR D 522 -10.59 -32.40 -4.78
CA TYR D 522 -9.72 -31.33 -4.32
C TYR D 522 -10.56 -30.10 -3.98
N CYS D 523 -9.89 -29.09 -3.43
CA CYS D 523 -10.51 -27.79 -3.22
C CYS D 523 -9.48 -26.71 -3.48
N SER D 524 -9.86 -25.70 -4.27
CA SER D 524 -8.99 -24.57 -4.52
C SER D 524 -8.99 -23.69 -3.26
N THR D 525 -8.16 -24.08 -2.30
CA THR D 525 -8.11 -23.38 -1.04
C THR D 525 -7.79 -21.91 -1.25
N GLY D 526 -8.47 -21.05 -0.50
CA GLY D 526 -8.20 -19.64 -0.54
C GLY D 526 -6.76 -19.34 -0.14
N THR D 527 -6.46 -18.05 -0.10
CA THR D 527 -5.12 -17.63 0.27
C THR D 527 -4.79 -18.10 1.68
N LEU D 528 -3.57 -18.59 1.87
CA LEU D 528 -3.09 -19.06 3.15
C LEU D 528 -2.20 -17.99 3.79
N ASP D 529 -2.26 -17.90 5.11
CA ASP D 529 -1.42 -16.96 5.84
C ASP D 529 -0.29 -17.73 6.50
N PRO D 530 0.95 -17.63 6.02
CA PRO D 530 2.02 -18.42 6.64
C PRO D 530 2.23 -18.11 8.10
N VAL D 531 2.06 -16.87 8.52
CA VAL D 531 2.29 -16.52 9.93
C VAL D 531 1.31 -17.27 10.82
N THR D 532 0.03 -17.31 10.42
CA THR D 532 -0.98 -18.05 11.17
C THR D 532 -1.15 -19.48 10.67
N ASN D 533 -0.64 -19.80 9.48
CA ASN D 533 -0.76 -21.13 8.91
C ASN D 533 -2.22 -21.57 8.84
N GLN D 534 -3.09 -20.64 8.47
CA GLN D 534 -4.50 -20.94 8.30
C GLN D 534 -5.10 -19.91 7.34
N LEU D 535 -6.29 -20.21 6.84
CA LEU D 535 -6.95 -19.31 5.91
C LEU D 535 -7.14 -17.94 6.54
N VAL D 536 -6.76 -16.90 5.80
CA VAL D 536 -6.94 -15.52 6.26
C VAL D 536 -8.41 -15.31 6.52
N SER D 537 -8.74 -14.31 7.35
CA SER D 537 -10.14 -14.05 7.67
C SER D 537 -10.95 -13.87 6.39
N GLY D 538 -12.08 -14.56 6.31
CA GLY D 538 -12.83 -14.59 5.08
C GLY D 538 -12.33 -15.67 4.15
N THR D 539 -12.60 -15.47 2.86
CA THR D 539 -12.08 -16.31 1.78
C THR D 539 -12.13 -17.80 2.14
N SER D 540 -13.35 -18.29 2.31
CA SER D 540 -13.56 -19.69 2.67
C SER D 540 -13.06 -20.60 1.54
N TRP D 541 -13.16 -21.90 1.78
CA TRP D 541 -12.66 -22.89 0.82
C TRP D 541 -13.50 -22.88 -0.44
N SER D 542 -12.86 -23.17 -1.57
CA SER D 542 -13.55 -23.20 -2.84
C SER D 542 -14.46 -24.43 -2.94
N ASP D 543 -15.29 -24.47 -3.98
CA ASP D 543 -16.16 -25.62 -4.20
C ASP D 543 -15.32 -26.86 -4.48
N VAL D 544 -15.68 -27.95 -3.81
CA VAL D 544 -14.96 -29.21 -3.98
C VAL D 544 -15.31 -29.82 -5.33
N VAL D 545 -14.29 -30.21 -6.09
CA VAL D 545 -14.46 -30.79 -7.41
C VAL D 545 -13.62 -32.06 -7.49
N GLN D 546 -14.19 -33.12 -8.05
CA GLN D 546 -13.47 -34.37 -8.18
C GLN D 546 -12.19 -34.14 -8.97
N TRP D 547 -11.09 -34.68 -8.47
CA TRP D 547 -9.79 -34.47 -9.08
C TRP D 547 -9.64 -35.42 -10.26
N SER D 548 -9.73 -34.89 -11.47
CA SER D 548 -9.50 -35.65 -12.69
C SER D 548 -8.17 -35.18 -13.28
N GLY D 549 -7.24 -36.13 -13.46
CA GLY D 549 -5.94 -35.80 -14.01
C GLY D 549 -5.19 -34.77 -13.18
N THR D 550 -5.08 -33.56 -13.70
CA THR D 550 -4.33 -32.49 -13.06
C THR D 550 -5.17 -31.23 -13.02
N GLU D 551 -4.96 -30.43 -11.98
CA GLU D 551 -5.70 -29.18 -11.80
C GLU D 551 -5.11 -28.07 -12.66
N GLN D 562 -5.02 -16.44 -16.96
CA GLN D 562 -5.39 -15.17 -16.35
C GLN D 562 -5.37 -15.26 -14.83
N ARG D 563 -4.96 -14.16 -14.19
CA ARG D 563 -5.01 -14.02 -12.74
C ARG D 563 -5.57 -12.64 -12.41
N GLY D 564 -6.32 -12.59 -11.31
CA GLY D 564 -6.95 -11.36 -10.89
C GLY D 564 -5.93 -10.27 -10.64
N PRO D 565 -6.10 -9.11 -11.29
CA PRO D 565 -5.16 -8.02 -11.06
C PRO D 565 -5.13 -7.60 -9.59
N GLY D 566 -3.94 -7.26 -9.11
CA GLY D 566 -3.76 -6.90 -7.72
C GLY D 566 -2.69 -5.85 -7.56
N MET D 567 -2.53 -5.39 -6.32
CA MET D 567 -1.58 -4.36 -5.99
C MET D 567 -0.25 -5.01 -5.62
N TYR D 568 0.85 -4.35 -5.96
CA TYR D 568 2.18 -4.91 -5.72
C TYR D 568 3.19 -3.80 -5.47
N SER D 569 4.28 -4.18 -4.82
CA SER D 569 5.38 -3.26 -4.54
C SER D 569 6.70 -4.01 -4.70
N LEU D 570 7.75 -3.28 -5.06
CA LEU D 570 9.05 -3.88 -5.26
C LEU D 570 10.12 -2.94 -4.72
N ALA D 571 11.24 -3.52 -4.30
CA ALA D 571 12.38 -2.77 -3.81
C ALA D 571 13.49 -2.77 -4.84
N ILE D 572 14.12 -1.62 -5.03
CA ILE D 572 15.22 -1.45 -5.97
C ILE D 572 16.43 -0.94 -5.21
N ALA D 573 17.60 -1.47 -5.52
CA ALA D 573 18.80 -1.13 -4.77
C ALA D 573 19.11 0.35 -4.87
N ASN D 574 19.04 0.91 -6.08
CA ASN D 574 19.37 2.31 -6.32
C ASN D 574 18.43 2.83 -7.41
N LEU D 575 17.36 3.47 -6.99
CA LEU D 575 16.28 3.91 -7.88
C LEU D 575 16.35 5.41 -8.07
N THR D 576 16.31 5.84 -9.33
CA THR D 576 16.23 7.26 -9.68
C THR D 576 14.98 7.61 -10.46
N ALA D 577 14.40 6.65 -11.19
CA ALA D 577 13.19 6.87 -11.97
C ALA D 577 12.52 5.53 -12.18
N TRP D 578 11.32 5.56 -12.75
CA TRP D 578 10.60 4.32 -13.04
C TRP D 578 11.40 3.47 -14.00
N ASN D 579 11.37 2.16 -13.79
CA ASN D 579 12.12 1.20 -14.60
C ASN D 579 11.13 0.17 -15.16
N ASP D 580 10.72 0.36 -16.41
CA ASP D 580 9.83 -0.61 -17.04
C ASP D 580 10.48 -1.97 -17.13
N SER D 581 11.78 -2.01 -17.44
CA SER D 581 12.48 -3.27 -17.56
C SER D 581 12.45 -4.04 -16.24
N GLN D 582 12.69 -3.35 -15.13
CA GLN D 582 12.69 -4.02 -13.84
C GLN D 582 11.30 -4.59 -13.51
N ALA D 583 10.25 -3.83 -13.79
CA ALA D 583 8.90 -4.33 -13.53
C ALA D 583 8.56 -5.54 -14.40
N ASN D 584 8.92 -5.47 -15.68
CA ASN D 584 8.65 -6.60 -16.56
C ASN D 584 9.41 -7.84 -16.10
N SER D 585 10.68 -7.67 -15.73
CA SER D 585 11.43 -8.79 -15.20
C SER D 585 10.78 -9.33 -13.93
N PHE D 586 10.30 -8.44 -13.07
CA PHE D 586 9.63 -8.87 -11.84
C PHE D 586 8.43 -9.75 -12.13
N PHE D 587 7.53 -9.29 -13.00
CA PHE D 587 6.34 -10.08 -13.27
C PHE D 587 6.70 -11.39 -13.96
N THR D 588 7.53 -11.33 -14.99
CA THR D 588 7.88 -12.54 -15.72
C THR D 588 8.77 -13.47 -14.91
N SER D 589 9.28 -13.04 -13.76
CA SER D 589 10.03 -13.92 -12.86
C SER D 589 9.12 -14.53 -11.81
N ASN D 590 8.42 -13.70 -11.03
CA ASN D 590 7.54 -14.23 -9.99
C ASN D 590 6.39 -15.01 -10.60
N PHE D 591 5.55 -14.35 -11.40
CA PHE D 591 4.37 -15.00 -11.95
C PHE D 591 4.65 -15.70 -13.27
N GLY D 592 5.79 -15.42 -13.91
CA GLY D 592 6.15 -16.11 -15.13
C GLY D 592 5.17 -15.94 -16.26
N SER D 593 4.29 -14.93 -16.19
CA SER D 593 3.29 -14.75 -17.22
C SER D 593 3.09 -13.30 -17.63
N GLY D 594 3.79 -12.35 -17.01
CA GLY D 594 3.64 -10.95 -17.34
C GLY D 594 2.43 -10.34 -16.66
N PRO D 595 2.41 -9.02 -16.55
CA PRO D 595 1.30 -8.35 -15.87
C PRO D 595 0.01 -8.42 -16.69
N VAL D 596 -1.11 -8.33 -15.98
CA VAL D 596 -2.40 -8.26 -16.61
C VAL D 596 -2.90 -6.81 -16.52
N LYS D 597 -4.00 -6.54 -17.22
CA LYS D 597 -4.52 -5.18 -17.26
C LYS D 597 -4.91 -4.71 -15.86
N TYR D 598 -4.73 -3.41 -15.63
CA TYR D 598 -5.03 -2.75 -14.37
C TYR D 598 -4.04 -3.10 -13.26
N ASP D 599 -3.01 -3.88 -13.56
CA ASP D 599 -1.96 -4.14 -12.58
C ASP D 599 -1.20 -2.86 -12.30
N VAL D 600 -0.75 -2.71 -11.05
CA VAL D 600 0.04 -1.57 -10.64
C VAL D 600 1.19 -2.05 -9.77
N LEU D 601 2.38 -1.51 -10.02
CA LEU D 601 3.57 -1.82 -9.25
C LEU D 601 4.23 -0.53 -8.83
N THR D 602 4.58 -0.44 -7.55
CA THR D 602 5.29 0.73 -7.01
C THR D 602 6.74 0.33 -6.73
N GLU D 603 7.66 1.13 -7.24
CA GLU D 603 9.09 0.89 -7.07
C GLU D 603 9.67 1.98 -6.20
N TYR D 604 10.41 1.58 -5.16
CA TYR D 604 11.02 2.51 -4.23
C TYR D 604 12.50 2.20 -4.10
N LYS D 605 13.28 3.23 -3.81
CA LYS D 605 14.71 3.05 -3.63
C LYS D 605 14.99 2.38 -2.29
N SER D 606 15.75 1.29 -2.32
CA SER D 606 16.18 0.65 -1.10
C SER D 606 17.03 1.63 -0.28
N GLY D 607 16.71 1.74 1.00
CA GLY D 607 17.32 2.73 1.85
C GLY D 607 16.62 4.07 1.86
N ALA D 608 15.53 4.22 1.11
CA ALA D 608 14.78 5.46 1.08
C ALA D 608 13.37 5.20 0.55
N PRO D 609 12.47 4.66 1.37
CA PRO D 609 11.09 4.46 0.90
C PRO D 609 10.39 5.75 0.51
N GLY D 610 10.86 6.90 1.00
CA GLY D 610 10.21 8.16 0.65
C GLY D 610 10.18 8.39 -0.84
N THR D 611 11.32 8.18 -1.50
CA THR D 611 11.38 8.30 -2.95
C THR D 611 10.84 7.04 -3.60
N ALA D 612 9.77 7.17 -4.37
CA ALA D 612 9.12 6.02 -4.96
C ALA D 612 8.41 6.46 -6.24
N PHE D 613 8.16 5.47 -7.11
CA PHE D 613 7.44 5.69 -8.35
C PHE D 613 6.40 4.60 -8.51
N THR D 614 5.19 4.98 -8.91
CA THR D 614 4.08 4.05 -9.06
C THR D 614 3.50 4.20 -10.46
N ARG D 615 3.16 3.08 -11.09
CA ARG D 615 2.58 3.09 -12.42
C ARG D 615 1.67 1.88 -12.58
N GLN D 616 0.58 2.05 -13.33
CA GLN D 616 -0.38 1.00 -13.58
C GLN D 616 -0.26 0.55 -15.03
N TRP D 617 -0.23 -0.77 -15.23
CA TRP D 617 -0.05 -1.34 -16.57
C TRP D 617 -1.43 -1.55 -17.19
N ASN D 618 -1.71 -0.79 -18.24
CA ASN D 618 -2.94 -0.93 -19.01
C ASN D 618 -2.57 -1.04 -20.49
N GLY D 619 -3.21 -1.97 -21.18
CA GLY D 619 -2.86 -2.22 -22.56
C GLY D 619 -1.40 -2.59 -22.67
N SER D 620 -0.59 -1.68 -23.20
CA SER D 620 0.85 -1.88 -23.32
C SER D 620 1.59 -0.81 -22.54
N ALA D 621 2.75 -1.17 -22.01
CA ALA D 621 3.60 -0.24 -21.28
C ALA D 621 2.90 0.27 -20.03
N TRP D 622 3.62 1.08 -19.24
CA TRP D 622 3.14 1.58 -17.97
C TRP D 622 2.82 3.06 -18.06
N THR D 623 1.69 3.46 -17.46
CA THR D 623 1.27 4.85 -17.38
C THR D 623 1.22 5.26 -15.92
N SER D 624 2.02 6.25 -15.55
CA SER D 624 2.00 6.73 -14.18
C SER D 624 0.67 7.42 -13.91
N PRO D 625 0.05 7.19 -12.74
CA PRO D 625 -1.23 7.84 -12.46
C PRO D 625 -1.05 9.29 -12.05
N ALA D 626 -2.15 10.04 -12.14
CA ALA D 626 -2.14 11.44 -11.76
C ALA D 626 -2.06 11.65 -10.25
N MET D 627 -2.24 10.60 -9.46
CA MET D 627 -2.17 10.74 -8.01
C MET D 627 -2.07 9.34 -7.40
N VAL D 628 -1.40 9.25 -6.25
CA VAL D 628 -1.17 7.99 -5.57
C VAL D 628 -1.38 8.19 -4.08
N LEU D 629 -2.05 7.24 -3.44
CA LEU D 629 -2.22 7.21 -2.00
C LEU D 629 -1.77 5.86 -1.47
N HIS D 630 -1.05 5.88 -0.35
CA HIS D 630 -0.44 4.67 0.18
C HIS D 630 -1.16 4.10 1.40
N GLY D 631 -1.88 4.93 2.16
CA GLY D 631 -2.61 4.43 3.30
C GLY D 631 -4.04 4.08 2.97
N ASP D 632 -4.99 4.77 3.61
CA ASP D 632 -6.41 4.56 3.37
C ASP D 632 -7.08 5.91 3.12
N MET D 633 -8.13 5.88 2.32
CA MET D 633 -8.86 7.07 1.92
C MET D 633 -10.23 7.07 2.58
N ILE D 634 -10.59 8.19 3.20
CA ILE D 634 -11.86 8.35 3.89
C ILE D 634 -12.54 9.60 3.34
N VAL D 635 -13.77 9.44 2.86
CA VAL D 635 -14.54 10.52 2.26
C VAL D 635 -15.90 10.56 2.93
N ASN D 636 -16.21 11.68 3.59
CA ASN D 636 -17.52 11.83 4.23
C ASN D 636 -18.64 11.96 3.21
N GLY D 637 -18.35 12.34 1.98
CA GLY D 637 -19.37 12.52 0.97
C GLY D 637 -19.35 11.46 -0.10
N THR D 638 -19.59 11.86 -1.35
CA THR D 638 -19.71 10.93 -2.46
C THR D 638 -18.42 10.85 -3.24
N VAL D 639 -18.35 9.86 -4.13
CA VAL D 639 -17.22 9.67 -5.02
C VAL D 639 -17.74 9.31 -6.40
N THR D 640 -17.17 9.93 -7.43
CA THR D 640 -17.53 9.65 -8.81
C THR D 640 -16.27 9.37 -9.60
N ALA D 641 -16.33 8.34 -10.45
CA ALA D 641 -15.18 7.97 -11.26
C ALA D 641 -15.68 7.27 -12.51
N SER D 642 -14.82 7.27 -13.54
CA SER D 642 -15.17 6.59 -14.78
C SER D 642 -15.31 5.08 -14.54
N LYS D 643 -14.40 4.50 -13.77
CA LYS D 643 -14.49 3.09 -13.43
C LYS D 643 -13.71 2.83 -12.15
N ILE D 644 -14.11 1.78 -11.44
CA ILE D 644 -13.53 1.44 -10.14
C ILE D 644 -13.19 -0.04 -10.14
N VAL D 645 -11.98 -0.38 -9.69
CA VAL D 645 -11.51 -1.75 -9.58
C VAL D 645 -10.98 -1.97 -8.18
N ALA D 646 -11.45 -3.02 -7.53
CA ALA D 646 -10.99 -3.34 -6.18
C ALA D 646 -11.17 -4.83 -5.93
N ASN D 647 -10.24 -5.38 -5.13
CA ASN D 647 -10.27 -6.81 -4.86
C ASN D 647 -11.47 -7.22 -4.00
N ASN D 648 -12.12 -6.27 -3.34
CA ASN D 648 -13.27 -6.59 -2.51
C ASN D 648 -14.11 -5.34 -2.31
N ALA D 649 -15.37 -5.54 -1.93
CA ALA D 649 -16.27 -4.43 -1.69
C ALA D 649 -17.41 -4.88 -0.79
N PHE D 650 -17.93 -3.94 -0.01
CA PHE D 650 -19.08 -4.20 0.88
C PHE D 650 -20.03 -3.01 0.74
N LEU D 651 -21.08 -3.19 -0.04
CA LEU D 651 -22.04 -2.12 -0.33
C LEU D 651 -23.41 -2.54 0.16
N SER D 652 -24.03 -1.67 0.98
CA SER D 652 -25.37 -1.99 1.49
C SER D 652 -26.39 -2.00 0.36
N GLN D 653 -26.40 -0.96 -0.46
CA GLN D 653 -27.32 -0.85 -1.59
C GLN D 653 -26.52 -0.57 -2.86
N ILE D 654 -26.82 -1.31 -3.92
CA ILE D 654 -26.12 -1.17 -5.18
C ILE D 654 -27.16 -1.12 -6.29
N GLY D 655 -27.00 -0.17 -7.22
CA GLY D 655 -27.87 -0.07 -8.37
C GLY D 655 -27.09 -0.12 -9.65
N VAL D 656 -27.39 -1.10 -10.51
CA VAL D 656 -26.65 -1.29 -11.75
C VAL D 656 -27.61 -1.81 -12.81
N ASN D 657 -27.32 -1.45 -14.06
CA ASN D 657 -28.15 -1.87 -15.18
C ASN D 657 -27.72 -3.25 -15.69
N ILE D 658 -26.42 -3.42 -15.92
CA ILE D 658 -25.86 -4.66 -16.43
C ILE D 658 -24.73 -5.08 -15.52
N ILE D 659 -24.52 -6.39 -15.40
CA ILE D 659 -23.42 -6.94 -14.63
C ILE D 659 -22.92 -8.19 -15.33
N TYR D 660 -21.71 -8.12 -15.87
CA TYR D 660 -21.06 -9.25 -16.51
C TYR D 660 -20.30 -10.06 -15.46
N ASP D 661 -19.46 -10.99 -15.92
CA ASP D 661 -18.49 -11.63 -15.07
C ASP D 661 -17.14 -10.94 -15.23
N ARG D 662 -16.34 -10.95 -14.17
CA ARG D 662 -15.07 -10.22 -14.19
C ARG D 662 -14.23 -10.63 -15.39
N ALA D 663 -14.04 -11.93 -15.59
CA ALA D 663 -13.24 -12.38 -16.72
C ALA D 663 -13.84 -11.92 -18.04
N ALA D 664 -15.15 -12.12 -18.22
CA ALA D 664 -15.80 -11.66 -19.44
C ALA D 664 -15.73 -10.14 -19.55
N ALA D 665 -15.91 -9.45 -18.42
CA ALA D 665 -15.97 -7.99 -18.46
C ALA D 665 -14.64 -7.40 -18.94
N LEU D 666 -13.53 -7.83 -18.34
CA LEU D 666 -12.25 -7.21 -18.68
C LEU D 666 -11.50 -7.97 -19.78
N SER D 667 -11.55 -9.30 -19.77
CA SER D 667 -10.75 -10.07 -20.72
C SER D 667 -11.27 -9.93 -22.14
N SER D 668 -12.59 -10.00 -22.33
CA SER D 668 -13.20 -9.97 -23.64
C SER D 668 -14.01 -8.69 -23.78
N ASN D 669 -13.52 -7.77 -24.60
CA ASN D 669 -14.28 -6.56 -24.89
C ASN D 669 -15.64 -6.85 -25.51
N PRO D 670 -15.77 -7.74 -26.50
CA PRO D 670 -17.11 -7.98 -27.07
C PRO D 670 -18.10 -8.61 -26.09
N GLU D 671 -17.62 -9.18 -24.99
CA GLU D 671 -18.50 -9.80 -24.00
C GLU D 671 -19.32 -10.90 -24.62
N GLY D 672 -18.73 -11.64 -25.55
CA GLY D 672 -19.40 -12.80 -26.12
C GLY D 672 -19.66 -13.84 -25.06
N SER D 673 -18.59 -14.44 -24.54
CA SER D 673 -18.72 -15.35 -23.41
C SER D 673 -19.10 -14.57 -22.17
N TYR D 674 -19.93 -15.16 -21.31
CA TYR D 674 -20.36 -14.47 -20.11
C TYR D 674 -21.10 -15.44 -19.19
N LYS D 675 -21.42 -14.93 -18.01
CA LYS D 675 -22.44 -15.51 -17.13
C LYS D 675 -23.01 -14.29 -16.39
N MET D 676 -24.09 -13.72 -16.93
CA MET D 676 -24.40 -12.33 -16.68
C MET D 676 -25.84 -12.17 -16.20
N LYS D 677 -26.08 -11.07 -15.50
CA LYS D 677 -27.40 -10.60 -15.14
C LYS D 677 -27.66 -9.30 -15.89
N ILE D 678 -28.93 -9.03 -16.16
CA ILE D 678 -29.32 -7.81 -16.88
C ILE D 678 -30.50 -7.15 -16.19
N ASP D 679 -30.22 -6.14 -15.37
CA ASP D 679 -31.29 -5.41 -14.71
C ASP D 679 -32.05 -4.52 -15.68
N LEU D 680 -31.36 -3.90 -16.62
CA LEU D 680 -32.00 -3.03 -17.58
C LEU D 680 -32.77 -3.83 -18.62
N GLN D 681 -33.71 -3.16 -19.27
CA GLN D 681 -34.52 -3.78 -20.35
C GLN D 681 -35.12 -5.06 -19.78
N ASN D 682 -35.27 -6.11 -20.59
CA ASN D 682 -35.71 -7.39 -20.07
C ASN D 682 -34.71 -7.90 -19.03
N GLY D 683 -35.23 -8.40 -17.91
CA GLY D 683 -34.42 -8.96 -16.86
C GLY D 683 -34.47 -10.47 -16.89
N TYR D 684 -33.30 -11.08 -16.98
CA TYR D 684 -33.21 -12.53 -17.06
C TYR D 684 -31.86 -13.00 -16.53
N ILE D 685 -31.73 -14.31 -16.41
CA ILE D 685 -30.50 -14.96 -15.96
C ILE D 685 -30.01 -15.84 -17.10
N HIS D 686 -28.77 -15.62 -17.53
CA HIS D 686 -28.17 -16.41 -18.60
C HIS D 686 -26.98 -17.18 -18.04
N ILE D 687 -27.00 -18.50 -18.23
CA ILE D 687 -25.91 -19.38 -17.84
C ILE D 687 -25.18 -19.81 -19.10
N ARG D 688 -23.88 -19.54 -19.16
CA ARG D 688 -23.11 -19.84 -20.36
C ARG D 688 -21.62 -19.66 -20.08
N MET E 1 -48.13 -19.59 36.84
CA MET E 1 -47.79 -18.16 37.04
C MET E 1 -47.15 -17.55 35.79
N ILE E 2 -47.88 -16.67 35.14
CA ILE E 2 -47.40 -15.97 33.95
C ILE E 2 -47.63 -14.48 34.15
N SER E 3 -46.62 -13.68 33.82
CA SER E 3 -46.70 -12.24 34.03
C SER E 3 -45.64 -11.54 33.21
N ASN E 4 -46.02 -10.43 32.59
CA ASN E 4 -45.11 -9.59 31.82
C ASN E 4 -44.80 -8.34 32.63
N ASN E 5 -43.51 -8.05 32.79
CA ASN E 5 -43.07 -6.88 33.53
C ASN E 5 -42.88 -5.71 32.56
N ALA E 6 -43.49 -4.58 32.88
CA ALA E 6 -43.28 -3.38 32.09
C ALA E 6 -41.87 -2.85 32.33
N PRO E 7 -41.24 -2.24 31.32
CA PRO E 7 -39.87 -1.76 31.50
C PRO E 7 -39.77 -0.76 32.65
N ALA E 8 -38.69 -0.88 33.42
CA ALA E 8 -38.44 0.06 34.49
C ALA E 8 -38.11 1.44 33.94
N LYS E 9 -38.49 2.47 34.68
CA LYS E 9 -38.24 3.83 34.25
C LYS E 9 -36.74 4.05 34.03
N MET E 10 -36.41 4.72 32.93
CA MET E 10 -35.01 5.02 32.64
C MET E 10 -34.60 6.29 33.36
N VAL E 11 -33.35 6.69 33.17
CA VAL E 11 -32.82 7.94 33.70
C VAL E 11 -32.16 8.69 32.54
N LEU E 12 -32.56 9.95 32.36
CA LEU E 12 -32.01 10.77 31.29
C LEU E 12 -30.62 11.23 31.72
N ASN E 13 -29.60 10.49 31.29
CA ASN E 13 -28.25 10.72 31.79
C ASN E 13 -27.77 12.13 31.47
N SER E 14 -27.95 12.56 30.22
CA SER E 14 -27.56 13.89 29.80
C SER E 14 -28.54 14.38 28.74
N VAL E 15 -28.87 15.67 28.80
CA VAL E 15 -29.80 16.28 27.87
C VAL E 15 -29.17 17.57 27.37
N LEU E 16 -28.49 17.49 26.23
CA LEU E 16 -27.98 18.67 25.53
C LEU E 16 -29.04 19.12 24.55
N THR E 17 -29.26 20.43 24.45
CA THR E 17 -30.36 20.97 23.66
C THR E 17 -29.91 22.25 22.97
N GLY E 18 -29.62 22.15 21.67
CA GLY E 18 -29.53 23.32 20.85
C GLY E 18 -30.90 23.90 20.61
N TYR E 19 -30.92 25.19 20.25
CA TYR E 19 -32.19 25.88 20.06
C TYR E 19 -33.11 25.10 19.13
N THR E 20 -34.35 24.92 19.56
CA THR E 20 -35.41 24.19 18.85
C THR E 20 -34.96 22.81 18.39
N LEU E 21 -33.90 22.27 18.99
CA LEU E 21 -33.48 20.88 18.80
C LEU E 21 -33.06 20.33 20.15
N ALA E 22 -33.84 19.38 20.68
CA ALA E 22 -33.58 18.79 21.99
C ALA E 22 -33.00 17.39 21.80
N TYR E 23 -31.85 17.15 22.44
CA TYR E 23 -31.17 15.86 22.38
C TYR E 23 -31.14 15.22 23.76
N ILE E 24 -31.50 13.94 23.83
CA ILE E 24 -31.54 13.20 25.08
C ILE E 24 -30.82 11.86 24.87
N GLN E 25 -29.93 11.51 25.79
CA GLN E 25 -29.28 10.21 25.82
C GLN E 25 -29.64 9.54 27.13
N HIS E 26 -30.67 8.70 27.11
CA HIS E 26 -31.17 8.05 28.31
C HIS E 26 -30.39 6.76 28.55
N SER E 27 -30.85 5.98 29.53
CA SER E 27 -30.16 4.75 29.91
C SER E 27 -30.56 3.62 28.96
N ILE E 28 -30.22 2.38 29.34
CA ILE E 28 -30.39 1.21 28.50
C ILE E 28 -31.61 0.43 29.00
N TYR E 29 -32.52 0.11 28.09
CA TYR E 29 -33.67 -0.72 28.44
C TYR E 29 -33.21 -2.12 28.84
N SER E 30 -34.00 -2.76 29.70
CA SER E 30 -33.70 -4.10 30.15
C SER E 30 -34.87 -5.07 30.03
N ASP E 31 -36.10 -4.59 29.86
CA ASP E 31 -37.24 -5.48 29.72
C ASP E 31 -37.12 -6.32 28.46
N TYR E 32 -37.58 -7.57 28.54
CA TYR E 32 -37.43 -8.49 27.42
C TYR E 32 -38.20 -7.99 26.19
N ASP E 33 -39.42 -7.50 26.40
CA ASP E 33 -40.27 -7.04 25.30
C ASP E 33 -40.29 -5.53 25.29
N VAL E 34 -39.86 -4.94 24.18
CA VAL E 34 -39.87 -3.49 23.99
C VAL E 34 -40.15 -3.20 22.53
N ILE E 35 -40.92 -2.14 22.28
CA ILE E 35 -41.26 -1.75 20.91
C ILE E 35 -40.96 -0.29 20.62
N GLY E 36 -40.77 0.56 21.62
CA GLY E 36 -40.49 1.96 21.34
C GLY E 36 -40.37 2.75 22.62
N ARG E 37 -39.96 4.00 22.47
CA ARG E 37 -39.78 4.92 23.58
C ARG E 37 -40.65 6.15 23.36
N SER E 38 -41.16 6.69 24.46
CA SER E 38 -42.02 7.86 24.43
C SER E 38 -41.53 8.91 25.41
N PHE E 39 -41.85 10.16 25.12
CA PHE E 39 -41.45 11.29 25.95
C PHE E 39 -42.59 12.28 26.05
N TRP E 40 -42.63 12.99 27.17
CA TRP E 40 -43.67 13.99 27.45
C TRP E 40 -43.02 15.34 27.65
N LEU E 41 -43.34 16.30 26.79
CA LEU E 41 -42.81 17.64 26.88
C LEU E 41 -43.82 18.53 27.58
N LYS E 42 -43.43 19.09 28.72
CA LYS E 42 -44.31 19.92 29.55
C LYS E 42 -43.79 21.35 29.55
N GLU E 43 -44.67 22.30 29.26
CA GLU E 43 -44.31 23.72 29.26
C GLU E 43 -45.56 24.50 29.67
N GLY E 44 -45.65 24.86 30.94
CA GLY E 44 -46.79 25.61 31.41
C GLY E 44 -48.08 24.87 31.10
N SER E 45 -49.02 25.57 30.46
CA SER E 45 -50.27 24.93 30.06
C SER E 45 -50.02 23.84 29.02
N ASN E 46 -49.11 24.11 28.08
CA ASN E 46 -48.90 23.18 26.98
C ASN E 46 -48.27 21.89 27.48
N VAL E 47 -48.82 20.76 27.03
CA VAL E 47 -48.27 19.44 27.31
C VAL E 47 -48.29 18.64 26.01
N THR E 48 -47.15 18.03 25.69
CA THR E 48 -47.01 17.28 24.45
C THR E 48 -46.39 15.93 24.74
N ARG E 49 -46.85 14.91 24.02
CA ARG E 49 -46.33 13.55 24.13
C ARG E 49 -45.65 13.19 22.81
N ARG E 50 -44.37 12.83 22.89
CA ARG E 50 -43.60 12.39 21.73
C ARG E 50 -43.31 10.90 21.88
N ASP E 51 -43.69 10.12 20.88
CA ASP E 51 -43.50 8.67 20.89
C ASP E 51 -42.70 8.25 19.67
N PHE E 52 -41.65 7.46 19.91
CA PHE E 52 -40.76 6.99 18.87
C PHE E 52 -40.71 5.48 18.91
N THR E 53 -40.74 4.85 17.73
CA THR E 53 -40.63 3.41 17.61
C THR E 53 -39.20 3.06 17.19
N GLY E 54 -38.62 2.08 17.87
CA GLY E 54 -37.24 1.69 17.59
C GLY E 54 -36.43 1.70 18.86
N ILE E 55 -35.67 0.62 19.05
CA ILE E 55 -34.83 0.44 20.23
C ILE E 55 -33.35 0.37 19.88
N ASP E 56 -32.99 0.44 18.60
CA ASP E 56 -31.60 0.30 18.21
C ASP E 56 -30.73 1.40 18.80
N THR E 57 -31.22 2.63 18.79
CA THR E 57 -30.46 3.80 19.21
C THR E 57 -31.01 4.32 20.52
N PHE E 58 -30.14 4.51 21.50
CA PHE E 58 -30.51 5.03 22.81
C PHE E 58 -30.39 6.54 22.89
N SER E 59 -30.56 7.23 21.76
CA SER E 59 -30.47 8.67 21.68
C SER E 59 -31.58 9.18 20.78
N VAL E 60 -32.25 10.25 21.22
CA VAL E 60 -33.41 10.78 20.51
C VAL E 60 -33.23 12.28 20.35
N THR E 61 -33.64 12.80 19.20
CA THR E 61 -33.56 14.22 18.89
C THR E 61 -34.94 14.72 18.49
N ILE E 62 -35.39 15.79 19.14
CA ILE E 62 -36.68 16.38 18.85
C ILE E 62 -36.47 17.47 17.80
N ASN E 63 -37.01 17.26 16.60
CA ASN E 63 -36.72 18.15 15.49
C ASN E 63 -37.26 19.56 15.74
N ASN E 64 -38.49 19.67 16.25
CA ASN E 64 -39.17 20.95 16.35
C ASN E 64 -39.56 21.23 17.79
N LEU E 65 -39.30 22.45 18.24
CA LEU E 65 -39.67 22.89 19.58
C LEU E 65 -39.66 24.42 19.60
N LYS E 66 -40.26 24.98 20.63
CA LYS E 66 -40.35 26.43 20.73
C LYS E 66 -38.96 27.03 20.92
N PRO E 67 -38.70 28.23 20.38
CA PRO E 67 -37.38 28.83 20.56
C PRO E 67 -37.23 29.51 21.91
N THR E 68 -36.09 29.26 22.55
CA THR E 68 -35.75 29.91 23.82
C THR E 68 -36.86 29.70 24.86
N THR E 69 -37.43 28.50 24.87
CA THR E 69 -38.51 28.15 25.78
C THR E 69 -38.14 26.89 26.53
N THR E 70 -38.12 26.98 27.86
CA THR E 70 -37.78 25.82 28.68
C THR E 70 -38.84 24.73 28.53
N TYR E 71 -38.41 23.49 28.68
CA TYR E 71 -39.30 22.35 28.54
C TYR E 71 -38.91 21.27 29.54
N GLU E 72 -39.91 20.69 30.18
CA GLU E 72 -39.71 19.55 31.07
C GLU E 72 -40.00 18.26 30.30
N VAL E 73 -39.13 17.28 30.45
CA VAL E 73 -39.19 16.05 29.68
C VAL E 73 -39.33 14.87 30.62
N GLN E 74 -40.27 13.98 30.30
CA GLN E 74 -40.43 12.71 31.01
C GLN E 74 -40.54 11.60 29.97
N GLY E 75 -39.74 10.56 30.12
CA GLY E 75 -39.73 9.47 29.16
C GLY E 75 -39.92 8.11 29.80
N ALA E 76 -40.29 7.11 29.00
CA ALA E 76 -40.51 5.77 29.51
C ALA E 76 -40.65 4.76 28.37
N PHE E 77 -39.98 3.62 28.49
CA PHE E 77 -40.12 2.56 27.51
C PHE E 77 -41.49 1.91 27.62
N TYR E 78 -42.01 1.42 26.49
CA TYR E 78 -43.28 0.71 26.47
C TYR E 78 -43.13 -0.58 25.66
N ASP E 79 -43.66 -1.66 26.21
CA ASP E 79 -43.60 -2.97 25.56
C ASP E 79 -44.83 -3.13 24.65
N SER E 80 -45.04 -4.34 24.14
CA SER E 80 -46.17 -4.59 23.25
C SER E 80 -47.50 -4.58 23.98
N ILE E 81 -47.50 -4.61 25.31
CA ILE E 81 -48.76 -4.58 26.05
C ILE E 81 -49.46 -3.25 25.83
N ILE E 82 -48.70 -2.15 25.82
CA ILE E 82 -49.30 -0.82 25.77
C ILE E 82 -49.83 -0.56 24.36
N ASP E 83 -51.14 -0.35 24.26
CA ASP E 83 -51.77 0.04 23.02
C ASP E 83 -51.74 1.58 22.89
N SER E 84 -52.30 2.09 21.80
CA SER E 84 -52.34 3.53 21.61
C SER E 84 -53.13 4.21 22.74
N GLU E 85 -54.30 3.65 23.08
CA GLU E 85 -55.09 4.22 24.16
C GLU E 85 -54.33 4.14 25.48
N LEU E 86 -53.68 3.01 25.75
CA LEU E 86 -52.90 2.88 26.97
C LEU E 86 -51.77 3.89 27.00
N LEU E 87 -51.09 4.09 25.86
CA LEU E 87 -50.04 5.08 25.79
C LEU E 87 -50.58 6.47 26.10
N ASN E 88 -51.74 6.81 25.54
CA ASN E 88 -52.33 8.11 25.81
C ASN E 88 -52.66 8.26 27.29
N ALA E 89 -53.22 7.22 27.90
CA ALA E 89 -53.61 7.29 29.30
C ALA E 89 -52.40 7.29 30.24
N GLN E 90 -51.24 6.83 29.78
CA GLN E 90 -50.02 6.77 30.56
C GLN E 90 -50.10 5.76 31.70
N ILE E 91 -51.20 5.02 31.80
CA ILE E 91 -51.42 4.19 32.98
C ILE E 91 -50.48 3.00 33.01
N GLY E 92 -50.28 2.34 31.87
CA GLY E 92 -49.54 1.09 31.84
C GLY E 92 -48.05 1.23 31.69
N ILE E 93 -47.52 2.44 31.89
CA ILE E 93 -46.10 2.72 31.67
C ILE E 93 -45.52 3.35 32.92
N ASN E 94 -44.20 3.19 33.09
CA ASN E 94 -43.49 3.73 34.25
C ASN E 94 -42.78 5.01 33.82
N LEU E 95 -43.37 6.15 34.18
CA LEU E 95 -42.78 7.43 33.85
C LEU E 95 -41.47 7.63 34.60
N SER E 96 -40.52 8.29 33.96
CA SER E 96 -39.22 8.55 34.56
C SER E 96 -39.24 9.90 35.28
N ASP E 97 -38.09 10.33 35.77
CA ASP E 97 -37.99 11.60 36.48
C ASP E 97 -38.14 12.76 35.50
N LYS E 98 -38.54 13.91 36.05
CA LYS E 98 -38.72 15.12 35.26
C LYS E 98 -37.40 15.87 35.15
N GLN E 99 -37.00 16.16 33.92
CA GLN E 99 -35.79 16.93 33.64
C GLN E 99 -36.19 18.21 32.93
N THR E 100 -35.64 19.34 33.39
CA THR E 100 -35.98 20.64 32.87
C THR E 100 -34.73 21.29 32.27
N PHE E 101 -34.90 21.92 31.11
CA PHE E 101 -33.82 22.60 30.43
C PHE E 101 -34.37 23.81 29.69
N LYS E 102 -33.53 24.83 29.56
CA LYS E 102 -33.88 26.04 28.83
C LYS E 102 -33.24 26.00 27.45
N MET E 103 -34.07 26.15 26.42
CA MET E 103 -33.58 26.10 25.05
C MET E 103 -32.70 27.31 24.77
N LYS E 104 -31.65 27.11 23.99
CA LYS E 104 -30.66 28.14 23.77
C LYS E 104 -31.20 29.22 22.82
N SER E 105 -30.42 30.29 22.69
CA SER E 105 -30.79 31.44 21.86
C SER E 105 -29.78 31.60 20.72
N ALA E 106 -30.30 31.95 19.55
CA ALA E 106 -29.44 32.08 18.37
C ALA E 106 -28.55 33.32 18.50
N PRO E 107 -27.39 33.33 17.85
CA PRO E 107 -26.53 34.51 17.91
C PRO E 107 -27.09 35.66 17.10
N ARG E 108 -27.05 36.86 17.69
CA ARG E 108 -27.48 38.09 17.03
C ARG E 108 -26.35 39.10 17.08
N ILE E 109 -26.05 39.70 15.93
CA ILE E 109 -24.99 40.69 15.84
C ILE E 109 -25.52 42.02 16.36
N THR E 110 -24.65 42.79 16.99
CA THR E 110 -25.02 44.08 17.59
C THR E 110 -24.27 45.26 17.01
N GLY E 111 -23.00 45.08 16.61
CA GLY E 111 -22.23 46.19 16.09
C GLY E 111 -21.13 45.71 15.18
N ALA E 112 -20.74 46.59 14.25
CA ALA E 112 -19.67 46.31 13.31
C ALA E 112 -18.74 47.52 13.26
N ARG E 113 -17.46 47.26 13.00
CA ARG E 113 -16.47 48.31 12.96
C ARG E 113 -15.29 47.85 12.12
N CYS E 114 -14.48 48.82 11.69
CA CYS E 114 -13.27 48.55 10.93
C CYS E 114 -12.11 49.32 11.53
N GLU E 115 -10.97 48.65 11.70
CA GLU E 115 -9.79 49.26 12.28
C GLU E 115 -8.57 48.86 11.47
N SER E 116 -7.55 49.71 11.53
CA SER E 116 -6.28 49.41 10.88
C SER E 116 -5.45 48.47 11.75
N GLU E 117 -4.67 47.63 11.10
CA GLU E 117 -3.87 46.66 11.82
C GLU E 117 -2.77 47.35 12.62
N PRO E 118 -2.66 47.10 13.93
CA PRO E 118 -1.55 47.70 14.69
C PRO E 118 -0.20 47.22 14.18
N VAL E 119 0.57 48.12 13.57
CA VAL E 119 1.85 47.78 12.97
C VAL E 119 2.85 48.89 13.29
N ASP E 120 4.14 48.55 13.14
CA ASP E 120 5.19 49.52 13.37
C ASP E 120 5.49 50.33 12.11
N VAL E 121 5.45 49.68 10.95
CA VAL E 121 5.80 50.29 9.68
C VAL E 121 4.74 49.92 8.66
N GLY E 122 4.72 50.66 7.55
CA GLY E 122 3.78 50.37 6.50
C GLY E 122 2.36 50.77 6.88
N VAL E 123 1.41 50.19 6.16
CA VAL E 123 -0.02 50.45 6.37
C VAL E 123 -0.67 49.15 6.81
N GLY E 124 -1.37 49.19 7.94
CA GLY E 124 -2.05 48.01 8.43
C GLY E 124 -3.20 47.61 7.55
N ALA E 125 -3.41 46.30 7.44
CA ALA E 125 -4.53 45.81 6.66
C ALA E 125 -5.85 46.14 7.35
N PRO E 126 -6.95 46.23 6.59
CA PRO E 126 -8.24 46.58 7.19
C PRO E 126 -8.81 45.41 7.97
N ILE E 127 -9.03 45.62 9.27
CA ILE E 127 -9.57 44.60 10.15
C ILE E 127 -10.98 45.02 10.54
N VAL E 128 -11.92 44.09 10.42
CA VAL E 128 -13.33 44.35 10.68
C VAL E 128 -13.72 43.62 11.97
N TYR E 129 -14.33 44.36 12.89
CA TYR E 129 -14.81 43.82 14.15
C TYR E 129 -16.32 43.64 14.08
N ILE E 130 -16.80 42.54 14.66
CA ILE E 130 -18.23 42.30 14.83
C ILE E 130 -18.47 41.86 16.26
N ASP E 131 -19.51 42.40 16.88
CA ASP E 131 -19.85 42.10 18.26
C ASP E 131 -21.24 41.46 18.29
N THR E 132 -21.36 40.36 19.02
CA THR E 132 -22.55 39.52 18.95
C THR E 132 -22.89 39.01 20.34
N THR E 133 -24.11 38.48 20.47
CA THR E 133 -24.55 37.81 21.69
C THR E 133 -25.38 36.59 21.28
N GLY E 134 -25.18 35.49 21.99
CA GLY E 134 -25.89 34.26 21.66
C GLY E 134 -25.32 33.08 22.42
N GLU E 135 -25.55 31.89 21.85
CA GLU E 135 -25.13 30.65 22.48
C GLU E 135 -24.43 29.68 21.53
N ALA E 136 -24.43 29.94 20.23
CA ALA E 136 -23.84 29.01 19.28
C ALA E 136 -22.37 28.76 19.61
N ASP E 137 -21.98 27.49 19.63
CA ASP E 137 -20.60 27.15 19.94
C ASP E 137 -19.66 27.73 18.89
N TYR E 138 -19.99 27.57 17.61
CA TYR E 138 -19.23 28.15 16.52
C TYR E 138 -20.20 28.72 15.50
N CYS E 139 -19.91 29.95 15.04
CA CYS E 139 -20.76 30.66 14.11
C CYS E 139 -19.98 30.94 12.84
N THR E 140 -20.69 30.95 11.71
CA THR E 140 -20.08 31.12 10.39
C THR E 140 -20.58 32.44 9.80
N ILE E 141 -19.82 33.52 10.04
CA ILE E 141 -20.17 34.80 9.44
C ILE E 141 -19.96 34.75 7.94
N GLU E 142 -20.66 35.62 7.23
CA GLU E 142 -20.53 35.72 5.79
C GLU E 142 -20.82 37.16 5.38
N LEU E 143 -20.32 37.53 4.20
CA LEU E 143 -20.38 38.91 3.74
C LEU E 143 -20.63 38.94 2.23
N LYS E 144 -21.13 40.08 1.77
CA LYS E 144 -21.32 40.32 0.34
C LYS E 144 -21.21 41.81 0.06
N ASP E 145 -20.96 42.14 -1.20
CA ASP E 145 -20.86 43.53 -1.62
C ASP E 145 -22.26 44.09 -1.79
N ASN E 146 -22.66 44.98 -0.88
CA ASN E 146 -23.99 45.58 -0.95
C ASN E 146 -24.14 46.51 -2.15
N SER E 147 -23.05 46.86 -2.83
CA SER E 147 -23.15 47.75 -3.97
C SER E 147 -24.11 47.20 -5.01
N ASN E 148 -24.03 45.90 -5.28
CA ASN E 148 -24.94 45.23 -6.21
C ASN E 148 -25.61 44.06 -5.48
N ALA E 149 -26.94 43.95 -5.62
CA ALA E 149 -27.68 42.91 -4.94
C ALA E 149 -27.39 41.52 -5.49
N ASN E 150 -26.67 41.42 -6.60
CA ASN E 150 -26.34 40.13 -7.19
C ASN E 150 -25.04 39.55 -6.65
N ASN E 151 -24.44 40.18 -5.65
CA ASN E 151 -23.21 39.66 -5.06
C ASN E 151 -23.55 38.62 -4.00
N PRO E 152 -23.17 37.36 -4.18
CA PRO E 152 -23.53 36.34 -3.19
C PRO E 152 -22.74 36.49 -1.90
N TRP E 153 -23.32 35.96 -0.82
CA TRP E 153 -22.65 35.98 0.47
C TRP E 153 -21.49 34.99 0.48
N VAL E 154 -20.42 35.36 1.17
CA VAL E 154 -19.21 34.54 1.25
C VAL E 154 -18.78 34.47 2.70
N LYS E 155 -18.51 33.25 3.18
CA LYS E 155 -18.05 33.06 4.54
C LYS E 155 -16.64 33.60 4.70
N TYR E 156 -16.35 34.16 5.88
CA TYR E 156 -15.03 34.71 6.16
C TYR E 156 -14.48 34.20 7.48
N TYR E 157 -15.36 33.88 8.43
CA TYR E 157 -14.96 33.40 9.74
C TYR E 157 -15.91 32.30 10.17
N VAL E 158 -15.35 31.20 10.69
CA VAL E 158 -16.16 30.05 11.11
C VAL E 158 -15.75 29.62 12.51
N GLY E 159 -15.00 30.45 13.21
CA GLY E 159 -14.49 30.10 14.51
C GLY E 159 -15.54 30.22 15.60
N ALA E 160 -15.10 29.97 16.83
CA ALA E 160 -15.99 29.97 17.97
C ALA E 160 -16.56 31.36 18.23
N LEU E 161 -17.76 31.39 18.82
CA LEU E 161 -18.40 32.65 19.14
C LEU E 161 -17.56 33.44 20.13
N MET E 162 -17.45 34.74 19.89
CA MET E 162 -16.70 35.64 20.76
C MET E 162 -17.45 36.96 20.86
N PRO E 163 -17.41 37.61 22.02
CA PRO E 163 -18.02 38.95 22.12
C PRO E 163 -17.45 39.93 21.11
N THR E 164 -16.17 39.78 20.75
CA THR E 164 -15.53 40.63 19.75
C THR E 164 -14.80 39.72 18.77
N ILE E 165 -15.43 39.46 17.61
CA ILE E 165 -14.83 38.65 16.56
C ILE E 165 -14.18 39.58 15.55
N MET E 166 -12.97 39.22 15.12
CA MET E 166 -12.16 40.08 14.28
C MET E 166 -11.41 39.24 13.25
N PHE E 167 -11.26 39.80 12.05
CA PHE E 167 -10.53 39.13 10.98
C PHE E 167 -10.14 40.17 9.94
N GLY E 168 -9.28 39.76 9.01
CA GLY E 168 -8.76 40.67 8.01
C GLY E 168 -8.82 40.13 6.59
N GLY E 169 -9.66 39.14 6.35
CA GLY E 169 -9.78 38.56 5.02
C GLY E 169 -10.64 39.35 4.05
N VAL E 170 -11.30 40.40 4.51
CA VAL E 170 -12.23 41.15 3.67
C VAL E 170 -11.46 42.14 2.80
N PRO E 171 -11.87 42.38 1.55
CA PRO E 171 -11.26 43.44 0.76
C PRO E 171 -11.85 44.80 1.14
N ILE E 172 -11.46 45.82 0.36
CA ILE E 172 -11.95 47.17 0.60
C ILE E 172 -13.25 47.38 -0.17
N GLY E 173 -14.25 47.91 0.52
CA GLY E 173 -15.53 48.16 -0.10
C GLY E 173 -16.60 48.35 0.96
N SER E 174 -17.84 48.29 0.50
CA SER E 174 -19.01 48.35 1.37
C SER E 174 -19.68 46.98 1.40
N TYR E 175 -19.97 46.48 2.59
CA TYR E 175 -20.44 45.11 2.76
C TYR E 175 -21.65 45.08 3.69
N LYS E 176 -22.48 44.06 3.51
CA LYS E 176 -23.57 43.75 4.41
C LYS E 176 -23.26 42.43 5.11
N VAL E 177 -23.52 42.38 6.41
CA VAL E 177 -23.06 41.29 7.26
C VAL E 177 -24.26 40.58 7.88
N ARG E 178 -24.21 39.25 7.89
CA ARG E 178 -25.20 38.43 8.56
C ARG E 178 -24.50 37.29 9.29
N ILE E 179 -25.01 36.96 10.47
CA ILE E 179 -24.43 35.94 11.34
C ILE E 179 -25.42 34.79 11.45
N SER E 180 -24.91 33.56 11.36
CA SER E 180 -25.70 32.36 11.55
C SER E 180 -25.01 31.48 12.58
N GLY E 181 -25.77 31.05 13.59
CA GLY E 181 -25.23 30.23 14.64
C GLY E 181 -25.30 28.75 14.30
N GLN E 182 -24.31 28.00 14.78
CA GLN E 182 -24.24 26.56 14.58
C GLN E 182 -24.03 25.88 15.92
N ILE E 183 -24.61 24.69 16.05
CA ILE E 183 -24.42 23.86 17.24
C ILE E 183 -24.66 22.42 16.83
N SER E 184 -23.87 21.51 17.39
CA SER E 184 -23.88 20.11 16.99
C SER E 184 -24.28 19.25 18.18
N LEU E 185 -25.29 18.42 17.98
CA LEU E 185 -25.65 17.44 19.00
C LEU E 185 -24.80 16.18 18.82
N PRO E 186 -24.42 15.51 19.92
CA PRO E 186 -23.43 14.43 19.79
C PRO E 186 -23.84 13.33 18.81
N ASP E 187 -25.10 12.93 18.80
CA ASP E 187 -25.49 11.73 18.05
C ASP E 187 -25.26 11.92 16.56
N GLY E 188 -24.67 10.91 15.93
CA GLY E 188 -24.58 10.88 14.49
C GLY E 188 -24.03 12.18 13.93
N VAL E 189 -24.76 12.76 12.99
CA VAL E 189 -24.38 14.01 12.35
C VAL E 189 -25.60 14.91 12.37
N THR E 190 -25.67 15.78 13.38
CA THR E 190 -26.78 16.73 13.54
C THR E 190 -26.20 18.08 13.90
N ILE E 191 -26.48 19.07 13.08
CA ILE E 191 -25.98 20.44 13.28
C ILE E 191 -27.20 21.36 13.25
N ASP E 192 -27.70 21.71 14.43
CA ASP E 192 -28.80 22.65 14.51
C ASP E 192 -28.32 24.05 14.15
N SER E 193 -28.96 24.65 13.15
CA SER E 193 -28.55 25.96 12.64
C SER E 193 -29.74 26.91 12.71
N SER E 194 -29.44 28.20 12.70
CA SER E 194 -30.44 29.25 12.74
C SER E 194 -30.33 30.10 11.47
N GLY E 195 -31.46 30.66 11.06
CA GLY E 195 -31.48 31.51 9.89
C GLY E 195 -30.58 32.72 10.05
N TYR E 196 -30.25 33.31 8.91
CA TYR E 196 -29.36 34.47 8.91
C TYR E 196 -30.01 35.62 9.68
N TYR E 197 -29.16 36.45 10.30
CA TYR E 197 -29.59 37.67 10.97
C TYR E 197 -28.70 38.79 10.44
N GLU E 198 -29.10 39.38 9.32
CA GLU E 198 -28.33 40.47 8.74
C GLU E 198 -28.35 41.68 9.67
N TYR E 199 -27.22 42.40 9.70
CA TYR E 199 -27.15 43.63 10.45
C TYR E 199 -27.87 44.74 9.69
N PRO E 200 -28.92 45.34 10.26
CA PRO E 200 -29.66 46.36 9.49
C PRO E 200 -28.79 47.49 9.00
N ASN E 201 -27.86 47.96 9.83
CA ASN E 201 -26.94 49.01 9.42
C ASN E 201 -25.81 48.44 8.61
N VAL E 202 -25.35 49.20 7.62
CA VAL E 202 -24.33 48.77 6.68
C VAL E 202 -23.08 49.61 6.91
N PHE E 203 -21.95 48.95 7.14
CA PHE E 203 -20.68 49.61 7.31
C PHE E 203 -19.85 49.47 6.03
N GLU E 204 -18.65 50.04 6.06
CA GLU E 204 -17.77 50.03 4.90
C GLU E 204 -16.34 49.72 5.34
N VAL E 205 -15.57 49.16 4.42
CA VAL E 205 -14.16 48.83 4.64
C VAL E 205 -13.31 49.84 3.89
N ARG E 206 -12.16 50.17 4.44
CA ARG E 206 -11.33 51.24 3.90
C ARG E 206 -9.89 51.04 4.35
N TYR E 207 -8.98 51.72 3.66
CA TYR E 207 -7.57 51.77 4.02
C TYR E 207 -7.29 53.11 4.68
N ASN E 208 -6.75 53.07 5.90
CA ASN E 208 -6.39 54.28 6.63
C ASN E 208 -4.97 54.14 7.15
N PHE E 209 -4.27 55.27 7.20
CA PHE E 209 -2.90 55.33 7.69
C PHE E 209 -2.79 56.51 8.65
N VAL E 210 -2.20 56.27 9.81
CA VAL E 210 -2.07 57.30 10.84
C VAL E 210 -0.76 58.06 10.60
N PRO E 211 -0.81 59.33 10.23
CA PRO E 211 0.43 60.06 9.97
C PRO E 211 1.23 60.24 11.25
N PRO E 212 2.55 60.35 11.16
CA PRO E 212 3.34 60.63 12.36
C PRO E 212 2.99 61.98 12.96
N ALA E 213 2.95 62.03 14.29
CA ALA E 213 2.67 63.27 14.98
C ALA E 213 3.84 64.24 14.83
N ALA E 214 3.52 65.49 14.54
CA ALA E 214 4.56 66.49 14.34
C ALA E 214 5.29 66.76 15.66
N PRO E 215 6.51 67.29 15.58
CA PRO E 215 7.26 67.57 16.82
C PRO E 215 6.44 68.43 17.78
N ILE E 216 6.44 68.02 19.05
CA ILE E 216 5.59 68.66 20.04
C ILE E 216 6.09 70.07 20.35
N ASN E 217 7.39 70.22 20.56
CA ASN E 217 7.95 71.50 20.97
C ASN E 217 9.31 71.69 20.31
N ILE E 218 9.71 72.95 20.15
CA ILE E 218 11.01 73.30 19.60
C ILE E 218 11.58 74.47 20.41
N VAL E 219 12.88 74.41 20.68
CA VAL E 219 13.57 75.44 21.45
C VAL E 219 14.79 75.90 20.68
N PHE E 220 15.25 77.10 21.02
CA PHE E 220 16.36 77.73 20.34
C PHE E 220 17.41 78.15 21.36
N LYS E 221 18.69 77.97 21.04
CA LYS E 221 19.78 78.37 21.89
C LYS E 221 20.95 78.84 21.04
N ALA E 222 21.72 79.78 21.58
CA ALA E 222 22.83 80.37 20.84
C ALA E 222 24.00 80.59 21.80
N ALA E 223 25.19 80.71 21.22
CA ALA E 223 26.40 80.93 21.99
C ALA E 223 27.44 81.62 21.11
N ARG E 224 28.42 82.22 21.77
CA ARG E 224 29.50 82.92 21.07
C ARG E 224 28.95 83.93 20.08
N TYR E 232 29.10 83.21 15.28
CA TYR E 232 28.07 82.79 16.20
C TYR E 232 27.59 81.37 15.86
N ASP E 233 26.64 80.87 16.64
CA ASP E 233 26.15 79.50 16.45
C ASP E 233 24.71 79.42 16.94
N LEU E 234 24.01 78.40 16.45
CA LEU E 234 22.60 78.21 16.77
C LEU E 234 22.30 76.72 16.82
N ARG E 235 21.51 76.32 17.81
CA ARG E 235 21.10 74.92 17.97
C ARG E 235 19.62 74.87 18.32
N VAL E 236 18.92 73.92 17.71
CA VAL E 236 17.48 73.74 17.93
C VAL E 236 17.23 72.28 18.27
N GLN E 237 16.32 72.06 19.22
CA GLN E 237 15.97 70.72 19.68
C GLN E 237 14.46 70.59 19.70
N TRP E 238 13.99 69.35 19.71
CA TRP E 238 12.56 69.08 19.71
C TRP E 238 12.27 67.79 20.46
N ASP E 239 11.02 67.67 20.90
CA ASP E 239 10.52 66.48 21.58
C ASP E 239 9.35 65.93 20.78
N TRP E 240 9.36 64.63 20.52
CA TRP E 240 8.34 63.99 19.72
C TRP E 240 7.80 62.76 20.44
N ASN E 241 6.50 62.50 20.24
CA ASN E 241 5.84 61.33 20.81
C ASN E 241 5.17 60.55 19.69
N ARG E 242 5.30 59.23 19.74
CA ARG E 242 4.63 58.38 18.74
C ARG E 242 3.13 58.36 18.96
N GLY E 243 2.69 58.19 20.21
CA GLY E 243 1.27 58.10 20.48
C GLY E 243 0.66 57.01 19.62
N ALA E 244 -0.43 57.36 18.93
CA ALA E 244 -1.04 56.46 17.96
C ALA E 244 -0.46 56.63 16.55
N GLY E 245 0.41 57.61 16.35
CA GLY E 245 0.94 57.85 15.02
C GLY E 245 1.94 56.79 14.58
N ALA E 246 2.11 56.70 13.27
CA ALA E 246 3.09 55.78 12.70
C ALA E 246 4.49 56.19 13.12
N ASN E 247 5.31 55.20 13.45
CA ASN E 247 6.64 55.47 13.97
C ASN E 247 7.46 56.28 12.97
N VAL E 248 8.11 57.33 13.46
CA VAL E 248 8.89 58.20 12.60
C VAL E 248 10.23 57.55 12.29
N ARG E 249 10.80 57.91 11.14
CA ARG E 249 12.09 57.38 10.72
C ARG E 249 13.18 58.45 10.66
N GLU E 250 12.84 59.68 10.31
CA GLU E 250 13.85 60.73 10.23
C GLU E 250 13.16 62.08 10.38
N PHE E 251 13.96 63.09 10.71
CA PHE E 251 13.49 64.45 10.89
C PHE E 251 14.24 65.37 9.94
N VAL E 252 13.52 66.29 9.32
CA VAL E 252 14.10 67.28 8.42
C VAL E 252 13.73 68.66 8.94
N LEU E 253 14.74 69.50 9.15
CA LEU E 253 14.55 70.86 9.63
C LEU E 253 14.69 71.82 8.47
N SER E 254 13.67 72.65 8.26
CA SER E 254 13.67 73.65 7.20
C SER E 254 13.66 75.04 7.83
N TYR E 255 14.62 75.87 7.43
CA TYR E 255 14.70 77.24 7.93
C TYR E 255 15.01 78.19 6.78
N ILE E 256 14.51 79.42 6.92
CA ILE E 256 14.69 80.45 5.90
C ILE E 256 14.39 81.79 6.52
N ASP E 257 14.92 82.85 5.92
CA ASP E 257 14.66 84.20 6.41
C ASP E 257 13.19 84.55 6.26
N SER E 258 12.69 85.39 7.17
CA SER E 258 11.28 85.72 7.18
C SER E 258 10.87 86.42 5.89
N ALA E 259 11.69 87.36 5.41
CA ALA E 259 11.34 88.09 4.20
C ALA E 259 11.23 87.13 3.01
N GLU E 260 12.14 86.16 2.92
CA GLU E 260 12.05 85.18 1.84
C GLU E 260 10.76 84.39 1.92
N PHE E 261 10.36 83.99 3.12
CA PHE E 261 9.11 83.26 3.27
C PHE E 261 7.93 84.12 2.85
N VAL E 262 7.91 85.39 3.26
CA VAL E 262 6.79 86.25 2.94
C VAL E 262 6.70 86.48 1.44
N ARG E 263 7.83 86.74 0.79
CA ARG E 263 7.81 87.10 -0.63
C ARG E 263 7.61 85.88 -1.52
N THR E 264 8.14 84.73 -1.13
CA THR E 264 8.17 83.55 -1.99
C THR E 264 7.66 82.29 -1.31
N GLY E 265 7.10 82.40 -0.11
CA GLY E 265 6.59 81.23 0.58
C GLY E 265 7.71 80.35 1.12
N TRP E 266 7.32 79.13 1.50
CA TRP E 266 8.24 78.20 2.12
C TRP E 266 9.29 77.67 1.16
N THR E 267 9.15 77.93 -0.14
CA THR E 267 10.10 77.43 -1.12
C THR E 267 11.47 78.05 -0.89
N LYS E 268 12.49 77.39 -1.43
CA LYS E 268 13.89 77.80 -1.33
C LYS E 268 14.42 77.74 0.10
N ALA E 269 13.61 77.28 1.06
CA ALA E 269 14.08 77.20 2.44
C ALA E 269 15.15 76.14 2.56
N GLN E 270 16.26 76.49 3.19
CA GLN E 270 17.34 75.53 3.40
C GLN E 270 16.90 74.46 4.37
N LYS E 271 17.07 73.20 4.00
CA LYS E 271 16.63 72.07 4.79
C LYS E 271 17.84 71.23 5.21
N ILE E 272 17.75 70.63 6.40
CA ILE E 272 18.78 69.77 6.93
C ILE E 272 18.12 68.44 7.33
N ASN E 273 18.66 67.34 6.80
CA ASN E 273 18.17 66.00 7.14
C ASN E 273 19.00 65.50 8.32
N VAL E 274 18.41 65.55 9.51
CA VAL E 274 19.12 65.21 10.74
C VAL E 274 18.82 63.80 11.21
N GLY E 275 18.26 62.95 10.34
CA GLY E 275 17.99 61.58 10.74
C GLY E 275 16.97 61.53 11.87
N ALA E 276 17.20 60.61 12.80
CA ALA E 276 16.29 60.39 13.91
C ALA E 276 16.67 61.17 15.17
N ALA E 277 17.73 61.97 15.10
CA ALA E 277 18.14 62.74 16.27
C ALA E 277 17.08 63.79 16.61
N GLN E 278 16.98 64.10 17.90
CA GLN E 278 15.99 65.05 18.39
C GLN E 278 16.49 66.49 18.38
N SER E 279 17.72 66.74 17.91
CA SER E 279 18.29 68.07 17.94
C SER E 279 19.05 68.33 16.65
N ALA E 280 19.29 69.62 16.40
CA ALA E 280 20.01 70.05 15.21
C ALA E 280 20.87 71.26 15.55
N THR E 281 21.85 71.53 14.69
CA THR E 281 22.79 72.63 14.88
C THR E 281 22.92 73.42 13.60
N ILE E 282 22.85 74.74 13.72
CA ILE E 282 23.08 75.65 12.61
C ILE E 282 24.32 76.46 12.92
N ILE E 283 25.33 76.34 12.07
CA ILE E 283 26.63 76.97 12.30
C ILE E 283 26.64 78.34 11.65
N SER E 284 27.10 79.34 12.41
CA SER E 284 27.25 80.70 11.91
C SER E 284 25.91 81.24 11.40
N PHE E 285 24.89 81.13 12.24
CA PHE E 285 23.59 81.68 11.89
C PHE E 285 23.69 83.20 11.77
N PRO E 286 23.09 83.82 10.76
CA PRO E 286 23.20 85.27 10.63
C PRO E 286 22.65 85.98 11.85
N TRP E 287 23.29 87.09 12.20
CA TRP E 287 22.90 87.89 13.35
C TRP E 287 22.07 89.10 12.90
N LYS E 288 21.10 89.47 13.71
CA LYS E 288 20.21 90.61 13.44
C LYS E 288 19.34 90.35 12.21
N VAL E 289 19.08 89.10 11.87
CA VAL E 289 18.26 88.74 10.72
C VAL E 289 17.20 87.76 11.19
N GLU E 290 15.94 88.03 10.84
CA GLU E 290 14.86 87.13 11.20
C GLU E 290 14.92 85.86 10.38
N HIS E 291 14.36 84.79 10.95
CA HIS E 291 14.28 83.51 10.26
C HIS E 291 13.05 82.77 10.74
N LYS E 292 12.58 81.84 9.90
CA LYS E 292 11.43 81.01 10.21
C LYS E 292 11.82 79.55 10.09
N PHE E 293 11.33 78.74 11.01
CA PHE E 293 11.74 77.35 11.14
C PHE E 293 10.53 76.43 11.19
N LYS E 294 10.62 75.32 10.45
CA LYS E 294 9.65 74.24 10.54
C LYS E 294 10.39 72.93 10.61
N VAL E 295 9.88 72.01 11.42
CA VAL E 295 10.49 70.71 11.65
C VAL E 295 9.59 69.64 11.05
N SER E 296 10.12 68.90 10.08
CA SER E 296 9.36 67.87 9.41
C SER E 296 9.37 66.58 10.22
N SER E 297 8.49 65.67 9.85
CA SER E 297 8.37 64.34 10.48
C SER E 297 8.07 63.35 9.37
N ILE E 298 9.12 62.72 8.84
CA ILE E 298 8.98 61.79 7.72
C ILE E 298 8.85 60.38 8.27
N ALA E 299 7.83 59.65 7.79
CA ALA E 299 7.60 58.28 8.21
C ALA E 299 7.26 57.44 6.98
N TRP E 300 7.57 56.14 7.07
CA TRP E 300 7.16 55.22 6.02
C TRP E 300 5.64 55.17 5.94
N GLY E 301 5.11 55.21 4.72
CA GLY E 301 3.69 55.15 4.52
C GLY E 301 3.25 55.75 3.21
N PRO E 302 1.95 55.99 3.05
CA PRO E 302 1.44 56.59 1.82
C PRO E 302 2.05 57.96 1.57
N ASP E 303 2.27 58.27 0.30
CA ASP E 303 2.89 59.54 -0.05
C ASP E 303 2.05 60.73 0.40
N ALA E 304 0.73 60.55 0.46
CA ALA E 304 -0.14 61.65 0.86
C ALA E 304 0.17 62.12 2.28
N GLN E 305 0.38 61.17 3.20
CA GLN E 305 0.68 61.47 4.59
C GLN E 305 2.09 61.04 4.96
N ASP E 306 2.99 61.02 3.99
CA ASP E 306 4.35 60.55 4.25
C ASP E 306 5.09 61.48 5.22
N VAL E 307 4.75 62.76 5.25
CA VAL E 307 5.45 63.74 6.07
C VAL E 307 4.44 64.49 6.93
N THR E 308 4.91 64.96 8.07
CA THR E 308 4.13 65.82 8.96
C THR E 308 5.04 66.95 9.43
N ASP E 309 4.50 68.16 9.49
CA ASP E 309 5.28 69.35 9.74
C ASP E 309 4.94 69.94 11.11
N SER E 310 5.95 70.50 11.77
CA SER E 310 5.74 71.18 13.04
C SER E 310 5.14 72.56 12.79
N ALA E 311 4.65 73.16 13.87
CA ALA E 311 4.10 74.51 13.79
C ALA E 311 5.20 75.51 13.41
N VAL E 312 4.84 76.47 12.56
CA VAL E 312 5.80 77.47 12.13
C VAL E 312 6.16 78.37 13.31
N GLN E 313 7.46 78.53 13.56
CA GLN E 313 7.95 79.38 14.63
C GLN E 313 9.14 80.16 14.11
N THR E 314 9.06 81.48 14.21
CA THR E 314 10.14 82.34 13.73
C THR E 314 11.11 82.67 14.86
N PHE E 315 12.28 83.16 14.48
CA PHE E 315 13.32 83.46 15.45
C PHE E 315 14.15 84.63 14.95
N ILE E 316 14.82 85.29 15.90
CA ILE E 316 15.69 86.42 15.62
C ILE E 316 16.89 86.34 16.54
N LEU E 317 18.06 86.73 16.04
CA LEU E 317 19.27 86.78 16.83
C LEU E 317 19.57 88.24 17.17
N ASN E 318 19.64 88.55 18.45
CA ASN E 318 19.77 89.92 18.91
C ASN E 318 20.29 89.90 20.34
N GLU E 319 20.75 91.08 20.80
CA GLU E 319 21.18 91.19 22.19
C GLU E 319 20.08 90.80 23.15
N SER E 320 18.82 91.02 22.77
CA SER E 320 17.70 90.60 23.61
C SER E 320 17.62 89.08 23.73
N THR E 321 18.33 88.34 22.89
CA THR E 321 18.32 86.89 22.92
C THR E 321 19.42 86.39 23.84
N PRO E 322 19.10 85.75 24.97
CA PRO E 322 20.16 85.24 25.84
C PRO E 322 21.00 84.18 25.14
N LEU E 323 22.28 84.15 25.49
CA LEU E 323 23.23 83.20 24.94
C LEU E 323 23.40 82.03 25.91
N ASP E 324 23.30 80.81 25.38
CA ASP E 324 23.49 79.60 26.17
C ASP E 324 24.64 78.81 25.57
N ASN E 325 25.77 78.78 26.26
CA ASN E 325 26.96 78.08 25.80
C ASN E 325 27.02 76.64 26.29
N SER E 326 25.97 76.16 26.93
CA SER E 326 25.99 74.81 27.49
C SER E 326 26.17 73.76 26.40
N PHE E 327 25.45 73.91 25.27
CA PHE E 327 25.44 72.86 24.26
C PHE E 327 26.79 72.62 23.63
N VAL E 328 27.75 73.54 23.77
CA VAL E 328 29.05 73.36 23.16
C VAL E 328 29.80 72.19 23.81
N ASN E 329 29.65 72.04 25.12
CA ASN E 329 30.47 71.08 25.85
C ASN E 329 30.13 69.64 25.48
N GLU E 330 28.83 69.33 25.32
CA GLU E 330 28.42 67.94 25.23
C GLU E 330 29.01 67.26 24.00
N THR E 331 28.84 67.85 22.83
CA THR E 331 29.28 67.20 21.61
C THR E 331 30.80 67.21 21.51
N GLY E 332 31.32 66.31 20.67
CA GLY E 332 32.75 66.24 20.44
C GLY E 332 33.10 65.38 19.25
N ILE E 333 33.94 65.91 18.37
CA ILE E 333 34.43 65.19 17.19
C ILE E 333 35.94 65.08 17.28
N GLU E 334 36.45 63.86 17.17
CA GLU E 334 37.87 63.58 17.21
C GLU E 334 38.33 63.10 15.85
N VAL E 335 39.27 63.82 15.25
CA VAL E 335 39.82 63.48 13.94
C VAL E 335 41.32 63.27 14.10
N ASN E 336 41.81 62.14 13.60
CA ASN E 336 43.22 61.80 13.73
C ASN E 336 43.61 60.88 12.59
N TYR E 337 44.91 60.80 12.35
CA TYR E 337 45.43 59.86 11.36
C TYR E 337 44.99 58.44 11.67
N ALA E 338 44.86 58.11 12.96
CA ALA E 338 44.52 56.75 13.35
C ALA E 338 43.05 56.44 13.04
N TYR E 339 42.16 57.40 13.26
CA TYR E 339 40.73 57.14 13.10
C TYR E 339 39.98 58.45 13.32
N ILE E 340 38.67 58.40 13.04
CA ILE E 340 37.76 59.51 13.27
C ILE E 340 36.67 59.01 14.20
N LYS E 341 36.49 59.69 15.34
CA LYS E 341 35.58 59.25 16.38
C LYS E 341 34.73 60.42 16.85
N GLY E 342 33.43 60.15 17.01
CA GLY E 342 32.51 61.11 17.60
C GLY E 342 32.18 60.69 19.03
N LYS E 343 32.18 61.67 19.93
CA LYS E 343 32.08 61.43 21.36
C LYS E 343 31.11 62.42 22.00
N ILE E 344 30.43 61.96 23.04
CA ILE E 344 29.44 62.73 23.76
C ILE E 344 29.78 62.69 25.25
N LYS E 345 29.68 63.84 25.91
CA LYS E 345 29.96 63.95 27.34
C LYS E 345 28.76 63.44 28.12
N ASP E 346 28.97 62.39 28.91
CA ASP E 346 28.00 61.92 29.89
C ASP E 346 28.70 61.78 31.24
N GLY E 347 28.14 62.43 32.26
CA GLY E 347 28.75 62.39 33.57
C GLY E 347 30.18 62.92 33.57
N SER E 348 30.42 64.01 32.86
CA SER E 348 31.75 64.62 32.76
C SER E 348 32.78 63.66 32.18
N THR E 349 32.36 62.79 31.25
CA THR E 349 33.27 61.87 30.60
C THR E 349 32.83 61.68 29.15
N TRP E 350 33.80 61.70 28.23
CA TRP E 350 33.50 61.40 26.84
C TRP E 350 32.98 59.98 26.71
N LYS E 351 31.89 59.80 25.97
CA LYS E 351 31.37 58.50 25.62
C LYS E 351 31.37 58.36 24.10
N GLN E 352 31.98 57.28 23.61
CA GLN E 352 32.11 57.08 22.18
C GLN E 352 30.77 56.61 21.60
N THR E 353 30.33 57.26 20.53
CA THR E 353 29.09 56.92 19.86
C THR E 353 29.30 56.31 18.47
N PHE E 354 30.34 56.72 17.76
CA PHE E 354 30.65 56.11 16.48
C PHE E 354 32.12 56.36 16.17
N LEU E 355 32.77 55.36 15.60
CA LEU E 355 34.20 55.43 15.30
C LEU E 355 34.42 54.98 13.87
N ILE E 356 35.30 55.68 13.16
CA ILE E 356 35.65 55.37 11.78
C ILE E 356 37.15 55.13 11.75
N ASP E 357 37.56 53.86 11.78
CA ASP E 357 38.97 53.54 11.80
C ASP E 357 39.62 53.89 10.47
N ALA E 358 40.72 54.65 10.53
CA ALA E 358 41.44 55.01 9.31
C ALA E 358 42.07 53.78 8.66
N ALA E 359 42.52 52.82 9.47
CA ALA E 359 43.10 51.58 8.96
C ALA E 359 42.00 50.54 8.81
N THR E 360 41.81 50.06 7.58
CA THR E 360 40.84 49.02 7.23
C THR E 360 39.40 49.54 7.20
N GLY E 361 39.16 50.79 7.58
CA GLY E 361 37.83 51.36 7.47
C GLY E 361 36.78 50.65 8.29
N ALA E 362 37.14 50.18 9.48
CA ALA E 362 36.16 49.59 10.38
C ALA E 362 35.28 50.70 10.95
N ILE E 363 33.96 50.52 10.84
CA ILE E 363 33.00 51.55 11.21
C ILE E 363 31.96 50.94 12.13
N ASN E 364 31.72 51.61 13.26
CA ASN E 364 30.64 51.25 14.17
C ASN E 364 29.89 52.52 14.56
N ILE E 365 28.59 52.38 14.76
CA ILE E 365 27.71 53.52 14.99
C ILE E 365 26.83 53.23 16.19
N GLY E 366 26.45 54.29 16.91
CA GLY E 366 25.50 54.17 18.01
C GLY E 366 26.17 54.13 19.37
N LEU E 367 25.43 54.57 20.39
CA LEU E 367 25.96 54.58 21.74
C LEU E 367 26.20 53.16 22.25
N LEU E 368 27.14 53.02 23.16
CA LEU E 368 27.47 51.73 23.77
C LEU E 368 26.62 51.53 25.01
N ASP E 369 25.93 50.39 25.09
CA ASP E 369 25.06 50.07 26.19
C ASP E 369 25.61 48.86 26.96
N ALA E 370 25.62 48.96 28.28
CA ALA E 370 26.17 47.91 29.16
C ALA E 370 27.57 47.60 28.65
N GLU E 371 27.93 46.33 28.44
CA GLU E 371 29.17 46.02 27.77
C GLU E 371 29.16 46.64 26.38
N GLY E 372 30.30 47.21 25.98
CA GLY E 372 30.37 47.97 24.75
C GLY E 372 29.77 47.24 23.57
N LYS E 373 28.68 47.77 23.04
CA LYS E 373 28.00 47.18 21.89
C LYS E 373 27.52 48.30 20.98
N ALA E 374 27.86 48.20 19.69
CA ALA E 374 27.41 49.16 18.70
C ALA E 374 26.26 48.55 17.90
N PRO E 375 25.07 49.15 17.90
CA PRO E 375 23.96 48.51 17.17
C PRO E 375 24.26 48.25 15.72
N ILE E 376 25.01 49.12 15.05
CA ILE E 376 25.31 48.99 13.64
C ILE E 376 26.82 49.05 13.45
N SER E 377 27.36 48.14 12.65
CA SER E 377 28.79 48.12 12.36
C SER E 377 29.00 47.44 11.02
N PHE E 378 30.17 47.68 10.43
CA PHE E 378 30.53 47.13 9.14
C PHE E 378 31.95 46.57 9.21
N ASP E 379 32.13 45.34 8.73
CA ASP E 379 33.41 44.65 8.81
C ASP E 379 33.88 44.30 7.40
N PRO E 380 34.70 45.14 6.77
CA PRO E 380 35.19 44.79 5.43
C PRO E 380 36.06 43.54 5.42
N VAL E 381 36.80 43.27 6.50
CA VAL E 381 37.67 42.10 6.51
C VAL E 381 36.85 40.82 6.41
N LYS E 382 35.78 40.72 7.18
CA LYS E 382 34.90 39.56 7.14
C LYS E 382 33.71 39.76 6.22
N LYS E 383 33.60 40.91 5.56
CA LYS E 383 32.54 41.18 4.58
C LYS E 383 31.16 40.96 5.21
N ILE E 384 31.01 41.43 6.44
CA ILE E 384 29.76 41.26 7.20
C ILE E 384 29.34 42.61 7.74
N VAL E 385 28.07 42.94 7.57
CA VAL E 385 27.46 44.13 8.14
C VAL E 385 26.47 43.67 9.21
N ASN E 386 26.72 44.09 10.45
CA ASN E 386 25.94 43.64 11.59
C ASN E 386 24.99 44.75 12.03
N VAL E 387 23.72 44.41 12.18
CA VAL E 387 22.69 45.34 12.62
C VAL E 387 21.95 44.70 13.79
N ASP E 388 21.80 45.45 14.88
CA ASP E 388 21.09 44.98 16.06
C ASP E 388 19.63 45.42 16.07
N GLY E 389 19.03 45.57 14.91
CA GLY E 389 17.66 46.03 14.82
C GLY E 389 17.04 45.61 13.51
N SER E 390 16.30 46.52 12.91
CA SER E 390 15.58 46.24 11.67
C SER E 390 16.16 47.04 10.51
N VAL E 391 16.18 46.43 9.33
CA VAL E 391 16.59 47.09 8.09
C VAL E 391 15.36 47.14 7.18
N ILE E 392 15.10 48.32 6.63
CA ILE E 392 13.92 48.55 5.80
C ILE E 392 14.38 48.90 4.40
N THR E 393 13.87 48.19 3.41
CA THR E 393 14.19 48.43 2.01
C THR E 393 13.00 48.10 1.15
N LYS E 394 12.76 48.92 0.12
CA LYS E 394 11.66 48.64 -0.80
C LYS E 394 11.83 47.27 -1.45
N THR E 395 13.04 46.96 -1.89
CA THR E 395 13.35 45.66 -2.48
C THR E 395 14.70 45.20 -1.97
N ILE E 396 14.87 43.89 -1.93
CA ILE E 396 16.15 43.29 -1.54
C ILE E 396 16.44 42.16 -2.51
N ASN E 397 17.65 42.17 -3.08
CA ASN E 397 18.09 41.17 -4.03
C ASN E 397 19.21 40.37 -3.38
N ALA E 398 18.87 39.25 -2.76
CA ALA E 398 19.84 38.41 -2.08
C ALA E 398 19.74 36.99 -2.60
N ALA E 399 20.90 36.35 -2.78
CA ALA E 399 20.93 34.99 -3.28
C ALA E 399 20.82 33.94 -2.18
N ASN E 400 20.75 34.36 -0.92
CA ASN E 400 20.59 33.41 0.18
C ASN E 400 19.83 34.13 1.30
N PHE E 401 18.52 33.89 1.37
CA PHE E 401 17.69 34.41 2.45
C PHE E 401 17.70 33.45 3.63
N VAL E 402 18.91 33.12 4.08
CA VAL E 402 19.07 32.14 5.15
C VAL E 402 18.33 32.64 6.38
N MET E 403 17.53 31.77 6.98
CA MET E 403 16.63 32.10 8.08
C MET E 403 17.25 31.56 9.37
N THR E 404 18.12 32.35 9.97
CA THR E 404 18.89 31.93 11.12
C THR E 404 18.11 32.10 12.41
N ASN E 405 18.68 31.61 13.51
CA ASN E 405 18.20 31.84 14.86
C ASN E 405 19.33 32.50 15.64
N LEU E 406 19.25 33.82 15.81
CA LEU E 406 20.35 34.55 16.43
C LEU E 406 20.28 34.48 17.95
N THR E 407 19.20 35.00 18.53
CA THR E 407 19.08 34.98 19.99
C THR E 407 18.98 33.57 20.53
N GLY E 408 18.41 32.65 19.75
CA GLY E 408 18.26 31.27 20.16
C GLY E 408 16.95 30.94 20.83
N GLN E 409 16.21 31.94 21.30
CA GLN E 409 14.91 31.72 21.91
C GLN E 409 13.75 32.15 21.03
N ASP E 410 14.00 32.81 19.91
CA ASP E 410 12.96 33.25 18.98
C ASP E 410 12.98 32.32 17.77
N ASN E 411 11.87 31.67 17.51
CA ASN E 411 11.77 30.79 16.35
C ASN E 411 11.71 31.62 15.08
N PRO E 412 12.65 31.47 14.15
CA PRO E 412 12.69 32.36 12.99
C PRO E 412 11.66 31.96 11.94
N ALA E 413 11.14 32.96 11.26
CA ALA E 413 10.07 32.75 10.30
C ALA E 413 10.02 33.91 9.31
N ILE E 414 9.26 33.70 8.23
CA ILE E 414 8.98 34.73 7.24
C ILE E 414 7.47 34.88 7.16
N TYR E 415 6.99 36.12 7.20
CA TYR E 415 5.56 36.33 7.26
C TYR E 415 5.21 37.76 6.85
N THR E 416 3.97 37.93 6.41
CA THR E 416 3.42 39.26 6.24
C THR E 416 3.14 39.89 7.59
N GLN E 417 3.34 41.21 7.65
CA GLN E 417 3.29 41.91 8.92
C GLN E 417 1.94 41.72 9.60
N GLY E 418 1.97 41.55 10.92
CA GLY E 418 0.74 41.33 11.67
C GLY E 418 0.05 40.02 11.33
N LYS E 419 0.80 38.93 11.26
CA LYS E 419 0.25 37.61 10.94
C LYS E 419 0.86 36.58 11.88
N THR E 420 0.03 35.61 12.27
CA THR E 420 0.47 34.50 13.11
C THR E 420 -0.17 33.21 12.63
N TRP E 421 0.44 32.08 12.99
CA TRP E 421 0.00 30.79 12.47
C TRP E 421 -1.46 30.51 12.79
N GLY E 422 -1.96 31.02 13.92
CA GLY E 422 -3.34 30.83 14.31
C GLY E 422 -4.20 32.08 14.23
N ASP E 423 -3.70 33.16 13.65
CA ASP E 423 -4.48 34.39 13.56
C ASP E 423 -5.62 34.23 12.55
N THR E 424 -6.67 35.02 12.75
CA THR E 424 -7.75 35.10 11.80
C THR E 424 -7.44 36.01 10.61
N LYS E 425 -6.35 36.77 10.68
CA LYS E 425 -5.96 37.61 9.56
C LYS E 425 -5.52 36.76 8.38
N SER E 426 -5.93 37.16 7.19
CA SER E 426 -5.44 36.53 5.97
C SER E 426 -4.00 36.96 5.73
N GLY E 427 -3.11 35.99 5.62
CA GLY E 427 -1.71 36.28 5.47
C GLY E 427 -0.90 35.02 5.29
N ILE E 428 0.41 35.19 5.26
CA ILE E 428 1.36 34.11 5.05
C ILE E 428 2.29 34.05 6.26
N TRP E 429 2.47 32.85 6.80
CA TRP E 429 3.38 32.65 7.93
C TRP E 429 4.07 31.31 7.70
N MET E 430 5.40 31.32 7.68
CA MET E 430 6.18 30.11 7.43
C MET E 430 7.48 30.19 8.21
N GLY E 431 7.71 29.21 9.08
CA GLY E 431 8.94 29.22 9.85
C GLY E 431 8.97 28.07 10.83
N MET E 432 10.05 28.05 11.60
CA MET E 432 10.32 26.98 12.56
C MET E 432 9.51 27.21 13.84
N ASP E 433 9.60 26.24 14.75
CA ASP E 433 9.00 26.38 16.07
C ASP E 433 9.87 25.60 17.04
N ASN E 434 10.69 26.32 17.82
CA ASN E 434 11.59 25.66 18.76
C ASN E 434 10.84 24.86 19.81
N VAL E 435 9.56 25.15 20.04
CA VAL E 435 8.78 24.39 21.01
C VAL E 435 8.71 22.92 20.58
N THR E 436 8.47 22.69 19.28
CA THR E 436 8.39 21.34 18.74
C THR E 436 9.47 21.05 17.71
N ALA E 437 10.25 22.04 17.29
CA ALA E 437 11.26 21.88 16.26
C ALA E 437 10.67 21.43 14.93
N LYS E 438 9.35 21.60 14.76
CA LYS E 438 8.67 21.20 13.55
C LYS E 438 8.33 22.42 12.73
N PRO E 439 8.64 22.44 11.43
CA PRO E 439 8.23 23.58 10.60
C PRO E 439 6.73 23.74 10.57
N LYS E 440 6.29 24.99 10.49
CA LYS E 440 4.88 25.33 10.44
C LYS E 440 4.63 26.30 9.29
N LEU E 441 3.58 26.04 8.52
CA LEU E 441 3.23 26.86 7.37
C LEU E 441 1.73 27.14 7.40
N ASP E 442 1.36 28.41 7.19
CA ASP E 442 -0.03 28.80 7.12
C ASP E 442 -0.20 29.86 6.04
N ILE E 443 -1.15 29.64 5.13
CA ILE E 443 -1.39 30.56 4.03
C ILE E 443 -2.88 30.57 3.71
N GLY E 444 -3.52 31.72 3.86
CA GLY E 444 -4.92 31.87 3.58
C GLY E 444 -5.64 32.64 4.67
N ASN E 445 -6.94 32.87 4.43
CA ASN E 445 -7.77 33.63 5.37
C ASN E 445 -8.22 32.71 6.50
N ALA E 446 -9.19 33.17 7.28
CA ALA E 446 -9.68 32.41 8.42
C ALA E 446 -10.64 31.29 8.02
N THR E 447 -11.01 31.20 6.73
CA THR E 447 -11.92 30.16 6.28
C THR E 447 -11.45 29.44 5.01
N GLN E 448 -10.37 29.89 4.38
CA GLN E 448 -9.79 29.21 3.22
C GLN E 448 -8.28 29.31 3.34
N TYR E 449 -7.64 28.18 3.66
CA TYR E 449 -6.27 28.20 4.13
C TYR E 449 -5.60 26.87 3.86
N ILE E 450 -4.28 26.87 3.96
CA ILE E 450 -3.47 25.65 3.95
C ILE E 450 -2.67 25.68 5.24
N ARG E 451 -3.22 25.09 6.29
CA ARG E 451 -2.54 25.02 7.58
C ARG E 451 -1.75 23.72 7.62
N TYR E 452 -0.43 23.82 7.53
CA TYR E 452 0.45 22.65 7.64
C TYR E 452 1.03 22.62 9.03
N ASP E 453 0.35 21.96 9.95
CA ASP E 453 0.97 21.59 11.20
C ASP E 453 2.21 20.75 10.91
N GLY E 454 3.10 20.69 11.90
CA GLY E 454 4.29 19.88 11.74
C GLY E 454 3.99 18.42 11.48
N ASN E 455 2.81 17.95 11.88
CA ASN E 455 2.46 16.54 11.80
C ASN E 455 1.34 16.24 10.81
N ILE E 456 0.44 17.18 10.55
CA ILE E 456 -0.70 16.95 9.67
C ILE E 456 -0.88 18.16 8.77
N LEU E 457 -1.18 17.91 7.49
CA LEU E 457 -1.40 18.96 6.51
C LEU E 457 -2.89 19.16 6.31
N ARG E 458 -3.36 20.38 6.58
CA ARG E 458 -4.78 20.72 6.50
C ARG E 458 -5.01 21.71 5.38
N ILE E 459 -5.97 21.40 4.51
CA ILE E 459 -6.38 22.28 3.43
C ILE E 459 -7.88 22.52 3.54
N SER E 460 -8.29 23.78 3.43
CA SER E 460 -9.71 24.12 3.52
C SER E 460 -10.32 24.27 2.12
N SER E 461 -9.74 25.12 1.30
CA SER E 461 -10.26 25.34 -0.04
C SER E 461 -10.10 24.09 -0.90
N GLU E 462 -11.05 23.90 -1.81
CA GLU E 462 -11.02 22.73 -2.68
C GLU E 462 -9.77 22.73 -3.54
N VAL E 463 -9.32 21.53 -3.91
CA VAL E 463 -8.04 21.32 -4.55
C VAL E 463 -8.26 20.62 -5.89
N VAL E 464 -7.49 21.01 -6.89
CA VAL E 464 -7.54 20.41 -8.22
C VAL E 464 -6.19 19.77 -8.49
N ILE E 465 -6.21 18.50 -8.91
CA ILE E 465 -5.00 17.74 -9.16
C ILE E 465 -4.98 17.35 -10.64
N GLY E 466 -3.88 17.67 -11.32
CA GLY E 466 -3.75 17.36 -12.72
C GLY E 466 -4.50 18.34 -13.61
N THR E 467 -4.34 18.14 -14.91
CA THR E 467 -5.03 18.95 -15.89
C THR E 467 -5.77 18.05 -16.89
N PRO E 468 -6.94 18.48 -17.38
CA PRO E 468 -7.68 17.62 -18.32
C PRO E 468 -6.99 17.59 -19.68
N ASN E 469 -6.48 16.41 -20.04
CA ASN E 469 -5.84 16.23 -21.34
C ASN E 469 -4.61 17.09 -21.47
N GLN E 562 -33.92 6.18 -19.16
CA GLN E 562 -33.39 7.48 -19.55
C GLN E 562 -31.87 7.50 -19.43
N ARG E 563 -31.28 8.68 -19.60
CA ARG E 563 -29.84 8.82 -19.52
C ARG E 563 -29.37 8.66 -18.07
N GLY E 564 -28.06 8.45 -17.92
CA GLY E 564 -27.45 8.29 -16.62
C GLY E 564 -26.25 9.20 -16.44
N PRO E 565 -25.80 9.36 -15.19
CA PRO E 565 -24.66 10.25 -14.94
C PRO E 565 -23.41 9.79 -15.67
N GLY E 566 -22.60 10.76 -16.06
CA GLY E 566 -21.37 10.46 -16.78
C GLY E 566 -20.41 11.63 -16.71
N MET E 567 -19.24 11.42 -17.29
CA MET E 567 -18.18 12.44 -17.31
C MET E 567 -18.29 13.25 -18.59
N TYR E 568 -18.31 14.57 -18.46
CA TYR E 568 -18.42 15.46 -19.61
C TYR E 568 -17.40 16.58 -19.46
N SER E 569 -16.89 17.03 -20.61
CA SER E 569 -15.91 18.11 -20.68
C SER E 569 -16.35 19.11 -21.73
N LEU E 570 -16.15 20.39 -21.44
CA LEU E 570 -16.53 21.47 -22.34
C LEU E 570 -15.38 22.45 -22.49
N ALA E 571 -15.37 23.16 -23.62
CA ALA E 571 -14.37 24.16 -23.91
C ALA E 571 -15.02 25.54 -23.96
N ILE E 572 -14.30 26.54 -23.46
CA ILE E 572 -14.78 27.92 -23.45
C ILE E 572 -13.68 28.81 -24.01
N ALA E 573 -14.07 29.79 -24.82
CA ALA E 573 -13.10 30.71 -25.40
C ALA E 573 -12.37 31.50 -24.32
N ASN E 574 -13.12 32.00 -23.34
CA ASN E 574 -12.55 32.77 -22.23
C ASN E 574 -13.37 32.45 -20.98
N LEU E 575 -12.84 31.56 -20.14
CA LEU E 575 -13.53 31.10 -18.94
C LEU E 575 -12.96 31.86 -17.74
N THR E 576 -13.67 32.90 -17.32
CA THR E 576 -13.25 33.64 -16.13
C THR E 576 -13.51 32.83 -14.87
N ALA E 577 -14.68 32.20 -14.79
CA ALA E 577 -15.05 31.39 -13.64
C ALA E 577 -16.20 30.48 -14.06
N TRP E 578 -16.59 29.58 -13.15
CA TRP E 578 -17.65 28.64 -13.45
C TRP E 578 -18.95 29.37 -13.77
N ASN E 579 -19.61 28.96 -14.84
CA ASN E 579 -20.87 29.57 -15.28
C ASN E 579 -21.90 28.47 -15.48
N ASP E 580 -23.05 28.64 -14.83
CA ASP E 580 -24.11 27.64 -14.94
C ASP E 580 -24.85 27.71 -16.27
N SER E 581 -24.94 28.90 -16.87
CA SER E 581 -25.67 29.05 -18.12
C SER E 581 -25.05 28.18 -19.21
N GLN E 582 -23.73 28.18 -19.32
CA GLN E 582 -23.07 27.37 -20.34
C GLN E 582 -23.33 25.88 -20.11
N ALA E 583 -23.29 25.44 -18.85
CA ALA E 583 -23.55 24.04 -18.55
C ALA E 583 -24.97 23.65 -18.94
N ASN E 584 -25.95 24.48 -18.58
CA ASN E 584 -27.33 24.18 -18.93
C ASN E 584 -27.52 24.15 -20.44
N SER E 585 -26.93 25.12 -21.14
CA SER E 585 -27.04 25.14 -22.60
C SER E 585 -26.39 23.91 -23.22
N PHE E 586 -25.23 23.50 -22.73
CA PHE E 586 -24.58 22.31 -23.25
C PHE E 586 -25.45 21.08 -23.03
N PHE E 587 -26.04 20.96 -21.84
CA PHE E 587 -26.92 19.82 -21.59
C PHE E 587 -28.12 19.84 -22.52
N THR E 588 -28.70 21.02 -22.74
CA THR E 588 -29.84 21.12 -23.64
C THR E 588 -29.46 20.74 -25.06
N SER E 589 -28.26 21.11 -25.50
CA SER E 589 -27.86 20.91 -26.89
C SER E 589 -27.39 19.47 -27.13
N ASN E 590 -26.30 19.07 -26.45
CA ASN E 590 -25.75 17.75 -26.68
C ASN E 590 -26.64 16.63 -26.14
N PHE E 591 -27.61 16.97 -25.30
CA PHE E 591 -28.57 16.01 -24.80
C PHE E 591 -29.98 16.57 -24.97
N GLY E 592 -30.95 15.67 -25.16
CA GLY E 592 -32.31 16.12 -25.38
C GLY E 592 -32.84 16.99 -24.26
N SER E 593 -32.58 16.59 -23.01
CA SER E 593 -33.10 17.28 -21.84
C SER E 593 -31.94 17.80 -20.99
N GLY E 594 -32.27 18.31 -19.81
CA GLY E 594 -31.30 18.90 -18.93
C GLY E 594 -30.47 17.86 -18.20
N PRO E 595 -29.68 18.31 -17.22
CA PRO E 595 -28.78 17.39 -16.52
C PRO E 595 -29.53 16.42 -15.62
N VAL E 596 -28.86 15.31 -15.35
CA VAL E 596 -29.37 14.27 -14.45
C VAL E 596 -28.62 14.38 -13.13
N LYS E 597 -29.21 13.79 -12.09
CA LYS E 597 -28.55 13.76 -10.80
C LYS E 597 -27.18 13.11 -10.91
N TYR E 598 -26.19 13.72 -10.27
CA TYR E 598 -24.81 13.26 -10.24
C TYR E 598 -24.06 13.50 -11.55
N ASP E 599 -24.70 14.12 -12.53
CA ASP E 599 -23.99 14.50 -13.74
C ASP E 599 -22.87 15.48 -13.39
N VAL E 600 -21.68 15.25 -13.93
CA VAL E 600 -20.52 16.07 -13.66
C VAL E 600 -19.95 16.57 -14.97
N LEU E 601 -19.70 17.88 -15.05
CA LEU E 601 -19.17 18.51 -16.24
C LEU E 601 -18.05 19.45 -15.85
N THR E 602 -16.99 19.47 -16.65
CA THR E 602 -15.85 20.36 -16.44
C THR E 602 -15.72 21.33 -17.60
N GLU E 603 -15.47 22.59 -17.27
CA GLU E 603 -15.28 23.64 -18.26
C GLU E 603 -13.90 24.25 -18.09
N TYR E 604 -13.18 24.41 -19.20
CA TYR E 604 -11.85 24.98 -19.17
C TYR E 604 -11.68 25.91 -20.37
N LYS E 605 -10.90 26.97 -20.17
CA LYS E 605 -10.61 27.88 -21.26
C LYS E 605 -9.88 27.16 -22.37
N SER E 606 -10.27 27.44 -23.61
CA SER E 606 -9.60 26.82 -24.75
C SER E 606 -8.18 27.34 -24.87
N GLY E 607 -7.23 26.42 -25.01
CA GLY E 607 -5.83 26.77 -25.09
C GLY E 607 -5.15 26.95 -23.75
N ALA E 608 -5.90 27.03 -22.65
CA ALA E 608 -5.34 27.17 -21.31
C ALA E 608 -6.07 26.20 -20.39
N PRO E 609 -5.80 24.90 -20.51
CA PRO E 609 -6.51 23.92 -19.67
C PRO E 609 -6.27 24.11 -18.19
N GLY E 610 -5.21 24.81 -17.79
CA GLY E 610 -4.90 24.93 -16.38
C GLY E 610 -6.04 25.52 -15.57
N THR E 611 -6.73 26.51 -16.12
CA THR E 611 -7.85 27.15 -15.43
C THR E 611 -9.15 26.40 -15.67
N ALA E 612 -9.15 25.10 -15.42
CA ALA E 612 -10.34 24.28 -15.59
C ALA E 612 -11.23 24.42 -14.36
N PHE E 613 -12.54 24.29 -14.61
CA PHE E 613 -13.54 24.36 -13.54
C PHE E 613 -14.45 23.14 -13.66
N THR E 614 -14.57 22.39 -12.57
CA THR E 614 -15.37 21.17 -12.54
C THR E 614 -16.43 21.29 -11.46
N ARG E 615 -17.65 20.91 -11.79
CA ARG E 615 -18.75 20.87 -10.85
C ARG E 615 -19.63 19.68 -11.18
N GLN E 616 -20.36 19.20 -10.18
CA GLN E 616 -21.32 18.12 -10.35
C GLN E 616 -22.71 18.63 -10.00
N TRP E 617 -23.67 18.35 -10.87
CA TRP E 617 -25.05 18.81 -10.69
C TRP E 617 -25.72 17.89 -9.68
N ASN E 618 -25.58 18.24 -8.40
CA ASN E 618 -26.20 17.48 -7.33
C ASN E 618 -27.68 17.84 -7.27
N GLY E 619 -28.53 16.91 -7.67
CA GLY E 619 -29.96 17.19 -7.65
C GLY E 619 -30.29 18.40 -8.50
N SER E 620 -31.02 19.34 -7.91
CA SER E 620 -31.52 20.48 -8.66
C SER E 620 -30.44 21.48 -9.02
N ALA E 621 -29.52 21.75 -8.11
CA ALA E 621 -28.55 22.82 -8.25
C ALA E 621 -27.17 22.25 -8.58
N TRP E 622 -26.21 23.16 -8.78
CA TRP E 622 -24.82 22.82 -8.98
C TRP E 622 -24.04 23.02 -7.68
N THR E 623 -22.92 22.31 -7.56
CA THR E 623 -22.09 22.40 -6.38
C THR E 623 -20.64 22.14 -6.76
N SER E 624 -19.74 22.59 -5.88
CA SER E 624 -18.31 22.40 -6.05
C SER E 624 -17.85 21.25 -5.16
N PRO E 625 -17.08 20.29 -5.67
CA PRO E 625 -16.66 19.15 -4.86
C PRO E 625 -15.45 19.49 -4.00
N ALA E 626 -15.03 18.52 -3.19
CA ALA E 626 -13.90 18.73 -2.31
C ALA E 626 -12.61 18.88 -3.11
N MET E 627 -12.36 17.95 -4.03
CA MET E 627 -11.16 18.02 -4.85
C MET E 627 -11.36 17.09 -6.05
N VAL E 628 -10.73 17.47 -7.17
CA VAL E 628 -11.00 16.85 -8.46
C VAL E 628 -9.69 16.31 -9.03
N LEU E 629 -9.76 15.09 -9.57
CA LEU E 629 -8.63 14.47 -10.25
C LEU E 629 -8.96 14.31 -11.73
N HIS E 630 -8.11 14.83 -12.58
CA HIS E 630 -8.29 14.72 -14.02
C HIS E 630 -7.59 13.50 -14.60
N GLY E 631 -7.00 12.66 -13.76
CA GLY E 631 -6.44 11.40 -14.18
C GLY E 631 -6.82 10.29 -13.24
N ASP E 632 -6.25 9.11 -13.43
CA ASP E 632 -6.58 7.97 -12.58
C ASP E 632 -5.91 8.10 -11.21
N MET E 633 -6.36 7.28 -10.27
CA MET E 633 -5.88 7.30 -8.90
C MET E 633 -5.59 5.88 -8.43
N ILE E 634 -4.59 5.75 -7.57
CA ILE E 634 -4.19 4.46 -7.01
C ILE E 634 -4.15 4.60 -5.49
N VAL E 635 -4.78 3.67 -4.80
CA VAL E 635 -4.85 3.66 -3.34
C VAL E 635 -4.41 2.29 -2.85
N ASN E 636 -3.26 2.23 -2.18
CA ASN E 636 -2.70 0.95 -1.75
C ASN E 636 -3.51 0.28 -0.64
N GLY E 637 -4.46 0.98 -0.03
CA GLY E 637 -5.25 0.41 1.04
C GLY E 637 -6.72 0.31 0.70
N THR E 638 -7.58 0.64 1.68
CA THR E 638 -9.01 0.63 1.49
C THR E 638 -9.53 2.05 1.43
N VAL E 639 -10.60 2.24 0.66
CA VAL E 639 -11.23 3.55 0.46
C VAL E 639 -12.68 3.44 0.90
N THR E 640 -13.10 4.36 1.77
CA THR E 640 -14.45 4.39 2.31
C THR E 640 -15.14 5.68 1.87
N ALA E 641 -16.41 5.57 1.49
CA ALA E 641 -17.17 6.72 1.06
C ALA E 641 -18.64 6.49 1.36
N SER E 642 -19.38 7.59 1.51
CA SER E 642 -20.81 7.48 1.79
C SER E 642 -21.55 6.78 0.65
N LYS E 643 -21.23 7.13 -0.59
CA LYS E 643 -21.87 6.52 -1.75
C LYS E 643 -20.97 6.68 -2.95
N ILE E 644 -21.09 5.75 -3.89
CA ILE E 644 -20.21 5.65 -5.04
C ILE E 644 -21.03 5.73 -6.31
N VAL E 645 -20.51 6.42 -7.31
CA VAL E 645 -21.09 6.47 -8.65
C VAL E 645 -19.98 6.21 -9.66
N ALA E 646 -20.22 5.27 -10.56
CA ALA E 646 -19.22 4.95 -11.58
C ALA E 646 -19.90 4.21 -12.72
N ASN E 647 -19.22 4.18 -13.86
CA ASN E 647 -19.74 3.47 -15.03
C ASN E 647 -19.42 1.98 -14.96
N ASN E 648 -18.14 1.64 -14.86
CA ASN E 648 -17.68 0.26 -14.91
C ASN E 648 -16.99 -0.09 -13.59
N ALA E 649 -17.39 -1.21 -13.00
CA ALA E 649 -16.82 -1.69 -11.75
C ALA E 649 -16.29 -3.10 -11.97
N PHE E 650 -14.98 -3.26 -11.95
CA PHE E 650 -14.32 -4.54 -12.19
C PHE E 650 -13.75 -5.03 -10.85
N LEU E 651 -14.57 -5.74 -10.09
CA LEU E 651 -14.24 -6.24 -8.77
C LEU E 651 -14.03 -7.75 -8.82
N SER E 652 -13.79 -8.34 -7.65
CA SER E 652 -13.65 -9.78 -7.53
C SER E 652 -14.53 -10.39 -6.44
N GLN E 653 -15.06 -9.59 -5.51
CA GLN E 653 -15.95 -10.11 -4.48
C GLN E 653 -16.68 -8.94 -3.86
N ILE E 654 -18.01 -9.00 -3.84
CA ILE E 654 -18.85 -7.90 -3.35
C ILE E 654 -19.86 -8.47 -2.37
N GLY E 655 -20.03 -7.77 -1.25
CA GLY E 655 -21.05 -8.12 -0.28
C GLY E 655 -22.18 -7.12 -0.30
N VAL E 656 -23.36 -7.53 -0.77
CA VAL E 656 -24.48 -6.62 -0.97
C VAL E 656 -25.74 -7.22 -0.38
N ASN E 657 -26.54 -6.38 0.28
CA ASN E 657 -27.82 -6.80 0.81
C ASN E 657 -28.91 -6.77 -0.25
N ILE E 658 -29.18 -5.59 -0.80
CA ILE E 658 -30.25 -5.39 -1.77
C ILE E 658 -29.69 -4.67 -2.98
N ILE E 659 -30.10 -5.13 -4.17
CA ILE E 659 -29.66 -4.56 -5.44
C ILE E 659 -30.89 -4.26 -6.28
N TYR E 660 -30.92 -3.05 -6.85
CA TYR E 660 -31.99 -2.61 -7.73
C TYR E 660 -31.42 -2.27 -9.10
N ASP E 661 -32.29 -1.86 -10.00
CA ASP E 661 -31.85 -1.29 -11.26
C ASP E 661 -31.24 0.09 -11.03
N ARG E 662 -30.31 0.46 -11.90
CA ARG E 662 -29.68 1.76 -11.79
C ARG E 662 -30.72 2.87 -11.72
N ALA E 663 -31.64 2.89 -12.69
CA ALA E 663 -32.71 3.88 -12.67
C ALA E 663 -33.59 3.70 -11.45
N ALA E 664 -33.95 2.46 -11.12
CA ALA E 664 -34.80 2.22 -9.97
C ALA E 664 -34.12 2.66 -8.69
N ALA E 665 -32.83 2.36 -8.54
CA ALA E 665 -32.10 2.81 -7.36
C ALA E 665 -32.08 4.33 -7.30
N LEU E 666 -31.84 4.99 -8.43
CA LEU E 666 -31.88 6.45 -8.47
C LEU E 666 -33.28 6.99 -8.17
N SER E 667 -34.31 6.17 -8.28
CA SER E 667 -35.67 6.62 -8.07
C SER E 667 -35.93 6.92 -6.60
N SER E 668 -36.97 7.71 -6.35
CA SER E 668 -37.39 7.98 -4.98
C SER E 668 -37.85 6.70 -4.29
N ASN E 669 -38.65 5.90 -4.97
CA ASN E 669 -39.14 4.64 -4.44
C ASN E 669 -38.55 3.48 -5.22
N PRO E 670 -37.56 2.76 -4.66
CA PRO E 670 -37.02 1.59 -5.38
C PRO E 670 -37.98 0.41 -5.44
N GLU E 671 -39.13 0.48 -4.76
CA GLU E 671 -40.06 -0.63 -4.82
C GLU E 671 -40.48 -0.94 -6.25
N GLY E 672 -40.41 0.03 -7.15
CA GLY E 672 -40.80 -0.16 -8.52
C GLY E 672 -39.68 -0.71 -9.39
N SER E 673 -38.62 -1.22 -8.75
CA SER E 673 -37.48 -1.73 -9.49
C SER E 673 -37.84 -2.97 -10.28
N TYR E 674 -37.07 -3.23 -11.33
CA TYR E 674 -37.31 -4.38 -12.18
C TYR E 674 -36.89 -5.68 -11.51
N LYS E 675 -35.74 -5.68 -10.84
CA LYS E 675 -35.22 -6.88 -10.18
C LYS E 675 -34.72 -6.53 -8.79
N MET E 676 -34.70 -7.53 -7.91
CA MET E 676 -34.21 -7.36 -6.55
C MET E 676 -33.59 -8.68 -6.09
N LYS E 677 -32.27 -8.69 -5.89
CA LYS E 677 -31.60 -9.83 -5.26
C LYS E 677 -31.45 -9.48 -3.78
N ILE E 678 -32.57 -9.34 -3.10
CA ILE E 678 -32.57 -9.01 -1.68
C ILE E 678 -31.94 -10.16 -0.92
N ASP E 679 -31.00 -9.83 -0.02
CA ASP E 679 -30.20 -10.84 0.66
C ASP E 679 -30.12 -10.67 2.16
N LEU E 680 -30.29 -9.45 2.69
CA LEU E 680 -30.13 -9.25 4.13
C LEU E 680 -31.14 -10.08 4.91
N GLN E 681 -32.41 -10.01 4.54
CA GLN E 681 -33.46 -10.76 5.21
C GLN E 681 -34.18 -11.74 4.29
N ASN E 682 -34.71 -11.26 3.17
CA ASN E 682 -35.53 -12.12 2.32
C ASN E 682 -34.70 -13.22 1.67
N GLY E 683 -33.57 -12.85 1.08
CA GLY E 683 -32.75 -13.84 0.39
C GLY E 683 -33.47 -14.55 -0.74
N TYR E 684 -34.19 -13.79 -1.57
CA TYR E 684 -34.91 -14.35 -2.71
C TYR E 684 -34.84 -13.38 -3.87
N ILE E 685 -34.89 -13.94 -5.09
CA ILE E 685 -34.89 -13.16 -6.32
C ILE E 685 -36.34 -12.93 -6.73
N HIS E 686 -36.68 -11.68 -7.00
CA HIS E 686 -38.02 -11.31 -7.46
C HIS E 686 -37.89 -10.37 -8.64
N ILE E 687 -38.40 -10.79 -9.79
CA ILE E 687 -38.35 -10.01 -11.02
C ILE E 687 -39.72 -9.40 -11.26
N ARG E 688 -39.77 -8.08 -11.41
CA ARG E 688 -41.02 -7.38 -11.65
C ARG E 688 -41.25 -7.20 -13.14
N VAL F 736 3.41 -106.59 -29.29
CA VAL F 736 2.73 -105.86 -30.35
C VAL F 736 3.71 -104.90 -31.02
N LEU F 737 3.77 -104.95 -32.34
CA LEU F 737 4.59 -103.99 -33.07
C LEU F 737 3.99 -102.59 -32.91
N PRO F 738 4.81 -101.57 -32.65
CA PRO F 738 4.25 -100.25 -32.38
C PRO F 738 3.47 -99.74 -33.58
N PRO F 739 2.41 -98.97 -33.34
CA PRO F 739 1.70 -98.35 -34.47
C PRO F 739 2.57 -97.33 -35.19
N ARG F 740 2.31 -97.17 -36.49
CA ARG F 740 3.09 -96.29 -37.34
C ARG F 740 2.33 -95.01 -37.63
N ASP F 741 3.02 -94.07 -38.27
CA ASP F 741 2.42 -92.83 -38.75
C ASP F 741 1.64 -92.12 -37.66
N PHE F 742 2.22 -92.07 -36.47
CA PHE F 742 1.60 -91.39 -35.32
C PHE F 742 1.89 -89.91 -35.45
N LYS F 743 1.05 -89.20 -36.20
CA LYS F 743 1.26 -87.80 -36.52
C LYS F 743 0.00 -87.00 -36.20
N TYR F 744 0.19 -85.70 -35.95
CA TYR F 744 -0.88 -84.80 -35.53
C TYR F 744 -0.97 -83.66 -36.53
N THR F 745 -2.16 -83.47 -37.09
CA THR F 745 -2.39 -82.42 -38.09
C THR F 745 -3.37 -81.40 -37.53
N PRO F 746 -2.96 -80.14 -37.33
CA PRO F 746 -3.87 -79.15 -36.75
C PRO F 746 -5.07 -78.87 -37.65
N THR F 747 -6.17 -78.49 -37.01
CA THR F 747 -7.37 -78.06 -37.71
C THR F 747 -7.54 -76.57 -37.53
N PRO F 748 -7.35 -75.74 -38.56
CA PRO F 748 -7.46 -74.29 -38.34
C PRO F 748 -8.82 -73.87 -37.81
N GLY F 749 -9.89 -74.18 -38.54
CA GLY F 749 -11.24 -73.91 -38.07
C GLY F 749 -11.92 -75.18 -37.62
N GLY F 750 -12.21 -75.26 -36.32
CA GLY F 750 -12.78 -76.48 -35.77
C GLY F 750 -13.97 -76.23 -34.86
N VAL F 751 -15.03 -77.00 -35.06
CA VAL F 751 -16.23 -76.93 -34.21
C VAL F 751 -16.91 -78.29 -34.25
N VAL F 752 -17.23 -78.83 -33.08
CA VAL F 752 -18.01 -80.05 -32.95
C VAL F 752 -19.10 -79.78 -31.92
N GLY F 753 -20.33 -79.61 -32.39
CA GLY F 753 -21.41 -79.23 -31.49
C GLY F 753 -21.21 -77.85 -30.88
N ALA F 754 -20.63 -76.93 -31.64
CA ALA F 754 -20.48 -75.54 -31.22
C ALA F 754 -19.48 -75.37 -30.07
N ILE F 755 -18.43 -76.20 -30.06
CA ILE F 755 -17.35 -76.05 -29.12
C ILE F 755 -16.03 -76.15 -29.87
N GLY F 756 -15.00 -75.49 -29.32
CA GLY F 756 -13.70 -75.44 -29.96
C GLY F 756 -13.11 -76.81 -30.23
N LYS F 757 -12.62 -77.01 -31.46
CA LYS F 757 -11.98 -78.26 -31.85
C LYS F 757 -10.53 -77.98 -32.23
N ASN F 758 -9.61 -78.67 -31.57
CA ASN F 758 -8.19 -78.60 -31.91
C ASN F 758 -7.94 -79.54 -33.10
N GLY F 759 -6.68 -79.77 -33.42
CA GLY F 759 -6.34 -80.65 -34.51
C GLY F 759 -6.75 -82.09 -34.23
N GLU F 760 -6.20 -82.98 -35.05
CA GLU F 760 -6.46 -84.41 -34.93
C GLU F 760 -5.15 -85.17 -34.99
N LEU F 761 -5.10 -86.31 -34.32
CA LEU F 761 -3.92 -87.17 -34.28
C LEU F 761 -4.29 -88.55 -34.81
N SER F 762 -3.45 -89.09 -35.69
CA SER F 762 -3.73 -90.31 -36.42
C SER F 762 -2.53 -91.24 -36.35
N TRP F 763 -2.78 -92.53 -36.58
CA TRP F 763 -1.74 -93.54 -36.53
C TRP F 763 -2.19 -94.75 -37.34
N LEU F 764 -1.22 -95.60 -37.69
CA LEU F 764 -1.47 -96.81 -38.45
C LEU F 764 -1.53 -98.02 -37.53
N PRO F 765 -2.46 -98.96 -37.75
CA PRO F 765 -2.59 -100.09 -36.83
C PRO F 765 -1.31 -100.90 -36.72
N SER F 766 -1.09 -101.44 -35.53
CA SER F 766 0.04 -102.33 -35.31
C SER F 766 -0.06 -103.54 -36.22
N LEU F 767 1.10 -104.00 -36.71
CA LEU F 767 1.11 -105.13 -37.63
C LEU F 767 0.81 -106.43 -36.91
N THR F 768 1.11 -106.51 -35.61
CA THR F 768 0.78 -107.70 -34.83
C THR F 768 -0.72 -107.90 -34.84
N ASN F 769 -1.14 -109.15 -35.04
CA ASN F 769 -2.56 -109.48 -35.08
C ASN F 769 -3.16 -109.44 -33.68
N ASN F 770 -4.48 -109.56 -33.62
CA ASN F 770 -5.23 -109.73 -32.39
C ASN F 770 -5.25 -108.47 -31.53
N VAL F 771 -4.73 -107.35 -32.03
CA VAL F 771 -4.87 -106.09 -31.31
C VAL F 771 -6.33 -105.70 -31.26
N VAL F 772 -6.82 -105.37 -30.07
CA VAL F 772 -8.23 -105.08 -29.87
C VAL F 772 -8.51 -103.59 -29.81
N TYR F 773 -7.60 -102.81 -29.22
CA TYR F 773 -7.77 -101.37 -29.17
C TYR F 773 -6.41 -100.70 -29.04
N TYR F 774 -6.37 -99.42 -29.40
CA TYR F 774 -5.17 -98.61 -29.29
C TYR F 774 -5.39 -97.54 -28.23
N SER F 775 -4.62 -97.62 -27.15
CA SER F 775 -4.72 -96.69 -26.04
C SER F 775 -3.69 -95.60 -26.21
N ILE F 776 -4.09 -94.35 -26.03
CA ILE F 776 -3.21 -93.20 -26.14
C ILE F 776 -3.24 -92.42 -24.83
N ALA F 777 -2.06 -92.12 -24.30
CA ALA F 777 -1.94 -91.37 -23.06
C ALA F 777 -1.70 -89.91 -23.36
N HIS F 778 -2.47 -89.03 -22.73
CA HIS F 778 -2.39 -87.59 -22.93
C HIS F 778 -1.90 -86.94 -21.65
N SER F 779 -0.86 -86.13 -21.76
CA SER F 779 -0.27 -85.48 -20.59
C SER F 779 -1.29 -84.59 -19.90
N GLY F 780 -1.26 -84.58 -18.57
CA GLY F 780 -2.17 -83.80 -17.79
C GLY F 780 -3.57 -84.36 -17.69
N HIS F 781 -3.80 -85.59 -18.17
CA HIS F 781 -5.12 -86.20 -18.18
C HIS F 781 -5.06 -87.54 -17.47
N VAL F 782 -6.02 -87.78 -16.58
CA VAL F 782 -6.06 -89.05 -15.87
C VAL F 782 -6.46 -90.18 -16.80
N ASN F 783 -7.40 -89.92 -17.71
CA ASN F 783 -8.01 -90.97 -18.51
C ASN F 783 -7.36 -91.01 -19.88
N PRO F 784 -6.61 -92.05 -20.23
CA PRO F 784 -6.09 -92.16 -21.59
C PRO F 784 -7.22 -92.33 -22.60
N TYR F 785 -6.99 -91.82 -23.81
CA TYR F 785 -7.99 -91.93 -24.86
C TYR F 785 -7.83 -93.27 -25.56
N ILE F 786 -8.89 -94.07 -25.54
CA ILE F 786 -8.90 -95.42 -26.08
C ILE F 786 -9.89 -95.48 -27.23
N VAL F 787 -9.43 -95.96 -28.38
CA VAL F 787 -10.28 -96.19 -29.54
C VAL F 787 -10.07 -97.62 -29.99
N GLN F 788 -11.15 -98.39 -30.03
CA GLN F 788 -11.06 -99.78 -30.48
C GLN F 788 -10.84 -99.84 -31.99
N GLN F 789 -10.09 -100.85 -32.42
CA GLN F 789 -9.85 -101.04 -33.83
C GLN F 789 -11.08 -101.67 -34.48
N LEU F 790 -10.93 -102.09 -35.73
CA LEU F 790 -12.02 -102.68 -36.50
C LEU F 790 -11.45 -103.70 -37.47
N GLU F 791 -12.32 -104.59 -37.95
CA GLU F 791 -11.90 -105.62 -38.89
C GLU F 791 -11.35 -105.01 -40.17
N ASN F 792 -11.73 -103.78 -40.51
CA ASN F 792 -11.24 -103.10 -41.69
C ASN F 792 -9.96 -102.30 -41.43
N ASN F 793 -9.56 -102.16 -40.17
CA ASN F 793 -8.34 -101.41 -39.86
C ASN F 793 -7.10 -101.98 -40.55
N PRO F 794 -6.90 -103.30 -40.68
CA PRO F 794 -5.67 -103.81 -41.30
C PRO F 794 -5.26 -103.08 -42.57
N ASN F 795 -6.23 -102.46 -43.25
CA ASN F 795 -5.96 -101.70 -44.47
C ASN F 795 -5.84 -100.20 -44.21
N GLU F 796 -6.86 -99.59 -43.61
CA GLU F 796 -6.96 -98.15 -43.48
C GLU F 796 -6.63 -97.73 -42.05
N ARG F 797 -5.75 -96.74 -41.92
CA ARG F 797 -5.34 -96.26 -40.60
C ARG F 797 -6.50 -95.56 -39.91
N MET F 798 -6.56 -95.71 -38.59
CA MET F 798 -7.58 -95.06 -37.79
C MET F 798 -7.10 -93.68 -37.34
N ILE F 799 -8.06 -92.84 -36.97
CA ILE F 799 -7.78 -91.48 -36.52
C ILE F 799 -8.67 -91.18 -35.32
N GLN F 800 -8.13 -90.43 -34.37
CA GLN F 800 -8.87 -89.94 -33.22
C GLN F 800 -8.70 -88.43 -33.15
N GLU F 801 -9.77 -87.74 -32.77
CA GLU F 801 -9.78 -86.28 -32.73
C GLU F 801 -9.70 -85.78 -31.30
N ILE F 802 -8.95 -84.70 -31.10
CA ILE F 802 -8.80 -84.05 -29.80
C ILE F 802 -9.39 -82.66 -29.90
N ILE F 803 -10.30 -82.34 -28.98
CA ILE F 803 -11.07 -81.10 -29.05
C ILE F 803 -11.13 -80.45 -27.67
N GLY F 804 -11.03 -79.13 -27.65
CA GLY F 804 -11.23 -78.35 -26.45
C GLY F 804 -9.99 -78.08 -25.62
N GLU F 805 -8.86 -78.69 -25.94
CA GLU F 805 -7.66 -78.46 -25.15
C GLU F 805 -7.08 -77.08 -25.43
N PRO F 806 -6.42 -76.47 -24.46
CA PRO F 806 -5.87 -75.13 -24.67
C PRO F 806 -4.63 -75.15 -25.55
N ALA F 807 -4.34 -73.99 -26.13
CA ALA F 807 -3.13 -73.85 -26.92
C ALA F 807 -1.91 -74.09 -26.04
N GLY F 808 -0.98 -74.89 -26.53
CA GLY F 808 0.22 -75.20 -25.78
C GLY F 808 0.70 -76.60 -26.12
N LEU F 809 1.69 -77.05 -25.34
CA LEU F 809 2.32 -78.33 -25.58
C LEU F 809 1.43 -79.47 -25.08
N ALA F 810 1.44 -80.56 -25.84
CA ALA F 810 0.79 -81.80 -25.42
C ALA F 810 1.72 -82.96 -25.71
N ILE F 811 1.79 -83.90 -24.77
CA ILE F 811 2.58 -85.12 -24.92
C ILE F 811 1.59 -86.27 -25.10
N PHE F 812 1.59 -86.85 -26.29
CA PHE F 812 0.71 -87.95 -26.62
C PHE F 812 1.53 -89.23 -26.73
N GLU F 813 1.12 -90.25 -25.98
CA GLU F 813 1.79 -91.54 -25.97
C GLU F 813 0.82 -92.59 -26.50
N LEU F 814 1.23 -93.29 -27.54
CA LEU F 814 0.39 -94.28 -28.20
C LEU F 814 0.97 -95.67 -28.01
N ARG F 815 0.15 -96.59 -27.51
CA ARG F 815 0.52 -97.99 -27.42
C ARG F 815 -0.74 -98.83 -27.56
N ALA F 816 -0.55 -100.07 -27.97
CA ALA F 816 -1.64 -101.00 -28.24
C ALA F 816 -1.70 -102.08 -27.17
N VAL F 817 -2.66 -102.98 -27.33
CA VAL F 817 -2.89 -104.08 -26.41
C VAL F 817 -3.11 -105.35 -27.22
N ASP F 818 -3.05 -106.49 -26.52
CA ASP F 818 -3.44 -107.78 -27.08
C ASP F 818 -4.52 -108.39 -26.19
N ILE F 819 -5.32 -109.28 -26.78
CA ILE F 819 -6.36 -109.93 -26.01
C ILE F 819 -5.78 -110.63 -24.79
N ASN F 820 -4.51 -111.03 -24.86
CA ASN F 820 -3.79 -111.56 -23.71
C ASN F 820 -3.22 -110.47 -22.82
N GLY F 821 -3.43 -109.20 -23.16
CA GLY F 821 -2.89 -108.09 -22.41
C GLY F 821 -1.55 -107.59 -22.90
N ARG F 822 -0.90 -108.29 -23.83
CA ARG F 822 0.40 -107.86 -24.32
C ARG F 822 0.27 -106.48 -24.95
N ARG F 823 1.26 -105.62 -24.69
CA ARG F 823 1.21 -104.22 -25.04
C ARG F 823 2.42 -103.83 -25.87
N SER F 824 2.20 -103.01 -26.89
CA SER F 824 3.29 -102.47 -27.68
C SER F 824 4.08 -101.45 -26.87
N SER F 825 5.32 -101.22 -27.29
CA SER F 825 6.10 -100.16 -26.67
C SER F 825 5.45 -98.82 -26.96
N PRO F 826 5.42 -97.89 -26.00
CA PRO F 826 4.74 -96.61 -26.23
C PRO F 826 5.38 -95.83 -27.37
N VAL F 827 4.55 -95.06 -28.06
CA VAL F 827 4.98 -94.17 -29.13
C VAL F 827 4.67 -92.74 -28.71
N THR F 828 5.69 -91.90 -28.67
CA THR F 828 5.56 -90.53 -28.20
C THR F 828 5.46 -89.56 -29.35
N LEU F 829 4.75 -88.45 -29.12
CA LEU F 829 4.66 -87.37 -30.10
C LEU F 829 4.50 -86.07 -29.32
N SER F 830 5.62 -85.37 -29.12
CA SER F 830 5.62 -84.09 -28.41
C SER F 830 5.42 -82.98 -29.43
N VAL F 831 4.32 -82.25 -29.30
CA VAL F 831 3.98 -81.19 -30.22
C VAL F 831 3.30 -80.05 -29.47
N ASP F 832 3.22 -78.90 -30.12
CA ASP F 832 2.50 -77.75 -29.61
C ASP F 832 1.16 -77.65 -30.31
N LEU F 833 0.13 -77.28 -29.56
CA LEU F 833 -1.23 -77.23 -30.07
C LEU F 833 -1.72 -75.79 -30.15
N ASN F 834 -2.46 -75.51 -31.21
CA ASN F 834 -3.12 -74.23 -31.37
C ASN F 834 -4.35 -74.14 -30.48
N SER F 835 -4.87 -72.93 -30.33
CA SER F 835 -6.07 -72.72 -29.53
C SER F 835 -7.26 -73.39 -30.17
N ALA F 836 -8.21 -73.82 -29.33
CA ALA F 836 -9.41 -74.47 -29.85
C ALA F 836 -10.20 -73.54 -30.75
N LYS F 837 -10.31 -72.27 -30.35
CA LYS F 837 -11.06 -71.27 -31.11
C LYS F 837 -10.25 -69.99 -31.11
N ASN F 838 -9.55 -69.72 -32.22
CA ASN F 838 -8.79 -68.48 -32.32
C ASN F 838 -9.72 -67.29 -32.20
N LEU F 839 -9.55 -66.52 -31.13
CA LEU F 839 -10.45 -65.42 -30.81
C LEU F 839 -9.92 -64.12 -31.38
N SER F 840 -10.85 -63.22 -31.72
CA SER F 840 -10.49 -61.93 -32.26
C SER F 840 -9.72 -61.11 -31.23
N VAL F 841 -8.73 -60.36 -31.71
CA VAL F 841 -7.96 -59.51 -30.82
C VAL F 841 -8.84 -58.40 -30.25
N VAL F 842 -8.37 -57.77 -29.18
CA VAL F 842 -9.11 -56.69 -28.56
C VAL F 842 -9.17 -55.50 -29.52
N SER F 843 -10.37 -54.94 -29.69
CA SER F 843 -10.56 -53.91 -30.69
C SER F 843 -9.67 -52.69 -30.42
N ASN F 844 -9.73 -52.16 -29.20
CA ASN F 844 -8.92 -51.02 -28.83
C ASN F 844 -8.45 -51.19 -27.40
N PHE F 845 -7.34 -50.53 -27.08
CA PHE F 845 -6.67 -50.72 -25.80
C PHE F 845 -5.89 -49.43 -25.52
N ARG F 846 -6.40 -48.62 -24.58
CA ARG F 846 -5.85 -47.31 -24.33
C ARG F 846 -5.99 -46.97 -22.86
N VAL F 847 -5.33 -45.88 -22.46
CA VAL F 847 -5.36 -45.38 -21.09
C VAL F 847 -6.24 -44.14 -21.06
N VAL F 848 -7.28 -44.17 -20.25
CA VAL F 848 -8.20 -43.04 -20.18
C VAL F 848 -7.46 -41.79 -19.70
N ASN F 849 -6.66 -41.93 -18.64
CA ASN F 849 -5.92 -40.80 -18.08
C ASN F 849 -4.62 -40.65 -18.85
N THR F 850 -4.72 -39.97 -20.00
CA THR F 850 -3.57 -39.70 -20.86
C THR F 850 -3.45 -38.20 -21.07
N ALA F 851 -2.21 -37.72 -21.06
CA ALA F 851 -1.97 -36.29 -21.21
C ALA F 851 -2.36 -35.83 -22.61
N SER F 852 -3.03 -34.67 -22.67
CA SER F 852 -3.40 -34.11 -23.96
C SER F 852 -2.18 -33.57 -24.70
N GLY F 853 -1.18 -33.09 -23.97
CA GLY F 853 0.00 -32.56 -24.62
C GLY F 853 0.71 -33.57 -25.50
N ASP F 854 0.86 -34.80 -24.99
CA ASP F 854 1.50 -35.86 -25.74
C ASP F 854 0.84 -37.19 -25.40
N VAL F 855 0.91 -38.12 -26.34
CA VAL F 855 0.33 -39.44 -26.16
C VAL F 855 1.31 -40.31 -25.38
N THR F 856 0.77 -41.30 -24.66
CA THR F 856 1.58 -42.22 -23.85
C THR F 856 2.18 -41.51 -22.64
N GLU F 857 1.36 -40.74 -21.94
CA GLU F 857 1.75 -40.15 -20.66
C GLU F 857 0.52 -40.05 -19.78
N PHE F 858 0.56 -40.75 -18.64
CA PHE F 858 -0.50 -40.69 -17.64
C PHE F 858 -0.12 -39.69 -16.56
N VAL F 859 -1.04 -38.78 -16.25
CA VAL F 859 -0.74 -37.70 -15.33
C VAL F 859 -1.14 -38.06 -13.90
N GLY F 860 -2.30 -38.69 -13.71
CA GLY F 860 -2.79 -39.00 -12.40
C GLY F 860 -1.97 -40.08 -11.71
N PRO F 861 -2.10 -40.19 -10.39
CA PRO F 861 -1.37 -41.23 -9.67
C PRO F 861 -1.77 -42.63 -10.08
N ASP F 862 -3.03 -42.85 -10.44
CA ASP F 862 -3.55 -44.16 -10.78
C ASP F 862 -3.79 -44.26 -12.28
N VAL F 863 -3.32 -45.35 -12.87
CA VAL F 863 -3.47 -45.58 -14.31
C VAL F 863 -4.81 -46.26 -14.54
N LYS F 864 -5.65 -45.66 -15.37
CA LYS F 864 -6.94 -46.21 -15.74
C LYS F 864 -6.80 -46.90 -17.09
N LEU F 865 -7.06 -48.21 -17.12
CA LEU F 865 -6.88 -49.02 -18.31
C LEU F 865 -8.25 -49.53 -18.77
N ALA F 866 -8.58 -49.25 -20.03
CA ALA F 866 -9.88 -49.63 -20.59
C ALA F 866 -9.67 -50.19 -21.98
N TRP F 867 -10.62 -51.04 -22.40
CA TRP F 867 -10.58 -51.66 -23.71
C TRP F 867 -11.98 -52.11 -24.09
N ASP F 868 -12.18 -52.30 -25.40
CA ASP F 868 -13.49 -52.67 -25.90
C ASP F 868 -13.83 -54.11 -25.57
N LYS F 869 -15.12 -54.37 -25.40
CA LYS F 869 -15.59 -55.74 -25.26
C LYS F 869 -15.27 -56.52 -26.53
N ILE F 870 -14.77 -57.73 -26.35
CA ILE F 870 -14.37 -58.54 -27.50
C ILE F 870 -15.58 -58.83 -28.37
N PRO F 871 -15.47 -58.77 -29.70
CA PRO F 871 -16.58 -59.24 -30.54
C PRO F 871 -16.82 -60.72 -30.35
N GLU F 872 -17.79 -61.28 -31.08
CA GLU F 872 -18.13 -62.69 -31.01
C GLU F 872 -18.13 -63.20 -29.58
N GLU F 873 -18.53 -62.33 -28.64
CA GLU F 873 -18.64 -62.76 -27.25
C GLU F 873 -19.84 -63.68 -27.05
N GLU F 874 -20.97 -63.35 -27.69
CA GLU F 874 -22.16 -64.18 -27.54
C GLU F 874 -21.94 -65.60 -28.05
N ILE F 875 -20.92 -65.81 -28.89
CA ILE F 875 -20.65 -67.15 -29.40
C ILE F 875 -20.15 -68.05 -28.28
N ILE F 876 -19.34 -67.52 -27.38
CA ILE F 876 -18.75 -68.27 -26.27
C ILE F 876 -19.46 -67.85 -24.99
N PRO F 877 -19.89 -68.79 -24.14
CA PRO F 877 -20.68 -68.40 -22.96
C PRO F 877 -19.89 -67.55 -21.97
N GLU F 878 -18.76 -68.06 -21.51
CA GLU F 878 -17.96 -67.42 -20.47
C GLU F 878 -16.57 -67.13 -21.01
N ILE F 879 -16.12 -65.89 -20.81
CA ILE F 879 -14.82 -65.44 -21.30
C ILE F 879 -14.15 -64.60 -20.22
N TYR F 880 -12.84 -64.44 -20.36
CA TYR F 880 -12.08 -63.58 -19.47
C TYR F 880 -10.79 -63.17 -20.15
N TYR F 881 -10.22 -62.06 -19.67
CA TYR F 881 -8.99 -61.51 -20.21
C TYR F 881 -7.87 -61.66 -19.20
N THR F 882 -6.67 -61.89 -19.69
CA THR F 882 -5.46 -61.96 -18.85
C THR F 882 -4.58 -60.78 -19.20
N LEU F 883 -4.26 -59.96 -18.19
CA LEU F 883 -3.46 -58.76 -18.37
C LEU F 883 -2.16 -58.92 -17.61
N GLU F 884 -1.05 -58.61 -18.27
CA GLU F 884 0.28 -58.69 -17.67
C GLU F 884 0.94 -57.32 -17.73
N ILE F 885 1.73 -57.03 -16.70
CA ILE F 885 2.39 -55.73 -16.55
C ILE F 885 3.89 -55.96 -16.53
N TYR F 886 4.62 -55.20 -17.34
CA TYR F 886 6.05 -55.34 -17.48
C TYR F 886 6.75 -54.03 -17.16
N ASP F 887 8.01 -54.14 -16.72
CA ASP F 887 8.80 -52.99 -16.34
C ASP F 887 9.60 -52.48 -17.54
N SER F 888 10.27 -51.34 -17.35
CA SER F 888 11.14 -50.81 -18.39
C SER F 888 12.16 -51.86 -18.83
N GLN F 889 12.78 -52.53 -17.86
CA GLN F 889 13.79 -53.54 -18.13
C GLN F 889 13.20 -54.96 -18.12
N ASP F 890 11.93 -55.10 -18.50
CA ASP F 890 11.33 -56.38 -18.84
C ASP F 890 11.40 -57.38 -17.69
N ARG F 891 10.69 -57.04 -16.62
CA ARG F 891 10.36 -58.00 -15.57
C ARG F 891 8.87 -57.88 -15.26
N MET F 892 8.16 -58.99 -15.42
CA MET F 892 6.72 -58.99 -15.20
C MET F 892 6.41 -58.62 -13.76
N LEU F 893 5.33 -57.86 -13.57
CA LEU F 893 4.98 -57.33 -12.26
C LEU F 893 3.71 -57.93 -11.69
N ARG F 894 2.73 -58.23 -12.54
CA ARG F 894 1.51 -58.89 -12.10
C ARG F 894 0.77 -59.43 -13.30
N SER F 895 0.13 -60.59 -13.11
CA SER F 895 -0.75 -61.18 -14.10
C SER F 895 -2.15 -61.22 -13.51
N VAL F 896 -3.03 -60.34 -13.98
CA VAL F 896 -4.36 -60.16 -13.41
C VAL F 896 -5.38 -60.70 -14.42
N ARG F 897 -6.30 -61.51 -13.91
CA ARG F 897 -7.36 -62.10 -14.74
C ARG F 897 -8.66 -61.36 -14.45
N ILE F 898 -9.26 -60.78 -15.49
CA ILE F 898 -10.45 -59.97 -15.38
C ILE F 898 -11.58 -60.64 -16.16
N GLU F 899 -12.75 -60.73 -15.53
CA GLU F 899 -13.92 -61.35 -16.13
C GLU F 899 -15.12 -60.43 -15.97
N ASP F 900 -15.85 -60.23 -17.06
CA ASP F 900 -17.11 -59.49 -17.09
C ASP F 900 -16.92 -57.98 -16.95
N VAL F 901 -15.68 -57.50 -16.92
CA VAL F 901 -15.39 -56.08 -16.83
C VAL F 901 -14.27 -55.76 -17.81
N TYR F 902 -14.39 -54.64 -18.52
CA TYR F 902 -13.44 -54.25 -19.55
C TYR F 902 -12.71 -52.95 -19.20
N THR F 903 -12.74 -52.55 -17.93
CA THR F 903 -12.14 -51.28 -17.49
C THR F 903 -11.35 -51.55 -16.22
N TYR F 904 -10.07 -51.86 -16.38
CA TYR F 904 -9.21 -52.10 -15.23
C TYR F 904 -8.77 -50.78 -14.60
N ASP F 905 -8.51 -50.81 -13.30
CA ASP F 905 -8.18 -49.63 -12.52
C ASP F 905 -6.87 -49.89 -11.79
N TYR F 906 -5.75 -49.61 -12.45
CA TYR F 906 -4.45 -49.72 -11.81
C TYR F 906 -4.29 -48.64 -10.74
N LEU F 907 -3.72 -49.02 -9.60
CA LEU F 907 -3.60 -48.13 -8.46
C LEU F 907 -2.14 -47.85 -8.16
N LEU F 908 -1.88 -46.66 -7.62
CA LEU F 908 -0.54 -46.32 -7.18
C LEU F 908 -0.10 -47.20 -6.02
N THR F 909 -1.01 -47.47 -5.08
CA THR F 909 -0.66 -48.29 -3.93
C THR F 909 -0.18 -49.67 -4.37
N TYR F 910 -0.86 -50.26 -5.35
CA TYR F 910 -0.37 -51.49 -5.95
C TYR F 910 1.07 -51.29 -6.41
N ASN F 911 1.25 -50.35 -7.34
CA ASN F 911 2.55 -50.17 -7.99
C ASN F 911 3.68 -50.05 -6.96
N LYS F 912 3.44 -49.35 -5.86
CA LYS F 912 4.50 -49.25 -4.86
C LYS F 912 4.59 -50.54 -4.06
N ALA F 913 3.56 -50.83 -3.26
CA ALA F 913 3.69 -51.84 -2.22
C ALA F 913 3.87 -53.23 -2.82
N ASP F 914 2.98 -53.62 -3.73
CA ASP F 914 2.99 -55.00 -4.20
C ASP F 914 4.06 -55.26 -5.25
N PHE F 915 4.61 -54.22 -5.87
CA PHE F 915 5.50 -54.39 -7.01
C PHE F 915 6.92 -53.94 -6.72
N ALA F 916 7.13 -52.71 -6.25
CA ALA F 916 8.49 -52.24 -6.05
C ALA F 916 9.22 -53.12 -5.03
N LEU F 917 8.58 -53.38 -3.90
CA LEU F 917 9.18 -54.24 -2.89
C LEU F 917 9.37 -55.66 -3.40
N LEU F 918 8.35 -56.22 -4.05
CA LEU F 918 8.44 -57.59 -4.51
C LEU F 918 9.53 -57.77 -5.56
N ASN F 919 9.82 -56.72 -6.32
CA ASN F 919 10.82 -56.81 -7.38
C ASN F 919 12.21 -56.43 -6.93
N SER F 920 12.34 -55.61 -5.88
CA SER F 920 13.63 -55.18 -5.39
C SER F 920 13.78 -55.26 -3.88
N GLY F 921 12.69 -55.45 -3.14
CA GLY F 921 12.76 -55.52 -1.69
C GLY F 921 12.83 -54.17 -0.99
N ALA F 922 12.75 -53.06 -1.74
CA ALA F 922 12.85 -51.74 -1.17
C ALA F 922 11.75 -50.85 -1.74
N LEU F 923 11.37 -49.84 -0.96
CA LEU F 923 10.35 -48.90 -1.40
C LEU F 923 10.79 -48.20 -2.68
N GLY F 924 9.88 -48.11 -3.63
CA GLY F 924 10.18 -47.46 -4.90
C GLY F 924 8.93 -47.32 -5.74
N ILE F 925 9.10 -46.64 -6.87
CA ILE F 925 8.00 -46.38 -7.80
C ILE F 925 8.49 -46.66 -9.21
N ASN F 926 7.67 -47.35 -10.00
CA ASN F 926 7.98 -47.62 -11.39
C ASN F 926 7.23 -46.61 -12.27
N ARG F 927 7.98 -45.84 -13.05
CA ARG F 927 7.37 -44.80 -13.88
C ARG F 927 7.07 -45.28 -15.28
N LYS F 928 7.99 -46.02 -15.90
CA LYS F 928 7.75 -46.61 -17.21
C LYS F 928 7.06 -47.96 -17.03
N LEU F 929 5.88 -48.09 -17.63
CA LEU F 929 5.07 -49.29 -17.51
C LEU F 929 4.83 -49.91 -18.88
N ARG F 930 4.28 -51.12 -18.87
CA ARG F 930 4.00 -51.85 -20.09
C ARG F 930 2.87 -52.83 -19.81
N PHE F 931 1.94 -52.95 -20.76
CA PHE F 931 0.75 -53.76 -20.58
C PHE F 931 0.50 -54.60 -21.82
N ARG F 932 0.10 -55.84 -21.59
CA ARG F 932 -0.32 -56.75 -22.66
C ARG F 932 -1.54 -57.53 -22.18
N ILE F 933 -2.51 -57.71 -23.07
CA ILE F 933 -3.77 -58.35 -22.72
C ILE F 933 -4.14 -59.37 -23.78
N ARG F 934 -4.64 -60.52 -23.34
CA ARG F 934 -5.19 -61.54 -24.22
C ARG F 934 -6.63 -61.83 -23.81
N ALA F 935 -7.42 -62.23 -24.79
CA ALA F 935 -8.81 -62.63 -24.56
C ALA F 935 -8.87 -64.15 -24.62
N GLU F 936 -9.22 -64.77 -23.50
CA GLU F 936 -9.23 -66.21 -23.38
C GLU F 936 -10.64 -66.68 -23.03
N GLY F 937 -11.15 -67.62 -23.83
CA GLY F 937 -12.32 -68.37 -23.43
C GLY F 937 -11.90 -69.52 -22.52
N GLU F 938 -12.87 -70.38 -22.23
CA GLU F 938 -12.63 -71.45 -21.27
C GLU F 938 -12.20 -72.75 -21.94
N ASN F 939 -13.02 -73.29 -22.85
CA ASN F 939 -12.77 -74.61 -23.43
C ASN F 939 -11.64 -74.50 -24.46
N GLY F 940 -10.45 -74.21 -23.95
CA GLY F 940 -9.28 -74.10 -24.80
C GLY F 940 -9.36 -73.02 -25.85
N GLU F 941 -9.99 -71.90 -25.53
CA GLU F 941 -10.09 -70.76 -26.44
C GLU F 941 -9.13 -69.67 -26.00
N GLN F 942 -8.24 -69.26 -26.89
CA GLN F 942 -7.22 -68.27 -26.60
C GLN F 942 -7.05 -67.35 -27.79
N SER F 943 -6.96 -66.05 -27.53
CA SER F 943 -6.74 -65.08 -28.59
C SER F 943 -5.32 -65.22 -29.13
N VAL F 944 -5.05 -64.54 -30.24
CA VAL F 944 -3.77 -64.62 -30.92
C VAL F 944 -3.22 -63.21 -31.12
N GLY F 945 -1.98 -63.00 -30.72
CA GLY F 945 -1.27 -61.76 -31.00
C GLY F 945 -1.20 -60.77 -29.86
N TRP F 946 -1.71 -61.10 -28.68
CA TRP F 946 -1.69 -60.17 -27.56
C TRP F 946 -2.37 -58.86 -27.94
N ALA F 947 -2.20 -57.83 -27.11
CA ALA F 947 -2.71 -56.51 -27.42
C ALA F 947 -2.13 -55.52 -26.42
N THR F 948 -1.70 -54.37 -26.92
CA THR F 948 -1.03 -53.38 -26.08
C THR F 948 -1.40 -51.99 -26.58
N ILE F 949 -0.67 -50.99 -26.09
CA ILE F 949 -0.91 -49.60 -26.46
C ILE F 949 0.42 -48.90 -26.68
#